data_3ZI8
# 
_entry.id   3ZI8 
# 
_audit_conform.dict_name       mmcif_pdbx.dic 
_audit_conform.dict_version    5.383 
_audit_conform.dict_location   http://mmcif.pdb.org/dictionaries/ascii/mmcif_pdbx.dic 
# 
loop_
_database_2.database_id 
_database_2.database_code 
_database_2.pdbx_database_accession 
_database_2.pdbx_DOI 
PDB   3ZI8         pdb_00003zi8 10.2210/pdb3zi8/pdb 
PDBE  EBI-55208    ?            ?                   
WWPDB D_1290055208 ?            ?                   
# 
_pdbx_database_status.status_code                     REL 
_pdbx_database_status.entry_id                        3ZI8 
_pdbx_database_status.deposit_site                    PDBE 
_pdbx_database_status.process_site                    PDBE 
_pdbx_database_status.SG_entry                        . 
_pdbx_database_status.recvd_initial_deposition_date   2013-01-07 
_pdbx_database_status.pdb_format_compatible           Y 
_pdbx_database_status.status_code_sf                  REL 
_pdbx_database_status.status_code_mr                  ? 
_pdbx_database_status.status_code_cs                  ? 
_pdbx_database_status.methods_development_category    ? 
_pdbx_database_status.status_code_nmr_data            ? 
# 
loop_
_audit_author.name 
_audit_author.pdbx_ordinal 
_audit_author.identifier_ORCID 
'Arnaud, J.'    1 ? 
'Audfray, A.'   2 ? 
'Claudinon, J.' 3 ? 
'Trondle, K.'   4 ? 
'Trosvalet, M.' 5 ? 
'Thomas, A.'    6 ? 
'Varrot, A.'    7 ? 
'Romer, W.'     8 ? 
'Imberty, A.'   9 ? 
# 
_citation.id                        primary 
_citation.title                     
'Reduction of Lectin Valency Drastically Changes Glycolipid Dynamics in Membranes, But not Surface Avidity.' 
_citation.journal_abbrev            'Acs Chem.Biol.' 
_citation.journal_volume            8 
_citation.page_first                1918 
_citation.page_last                 ? 
_citation.year                      2013 
_citation.journal_id_ASTM           ? 
_citation.country                   US 
_citation.journal_id_ISSN           1554-8929 
_citation.journal_id_CSD            ? 
_citation.book_publisher            ? 
_citation.pdbx_database_id_PubMed   23855446 
_citation.pdbx_database_id_DOI      10.1021/CB400254B 
# 
loop_
_citation_author.citation_id 
_citation_author.name 
_citation_author.ordinal 
_citation_author.identifier_ORCID 
primary 'Arnaud, J.'    1  ? 
primary 'Claudinon, J.' 2  ? 
primary 'Trondle, K.'   3  ? 
primary 'Trovaslet, M.' 4  ? 
primary 'Larson, G.'    5  ? 
primary 'Thomas, A.'    6  ? 
primary 'Varrot, A.'    7  ? 
primary 'Romer, W.'     8  ? 
primary 'Imberty, A.'   9  ? 
primary 'Audfray, A.'   10 ? 
# 
_cell.entry_id           3ZI8 
_cell.length_a           72.399 
_cell.length_b           72.399 
_cell.length_c           35.990 
_cell.angle_alpha        90.00 
_cell.angle_beta         90.00 
_cell.angle_gamma        120.00 
_cell.Z_PDB              6 
_cell.pdbx_unique_axis   ? 
# 
_symmetry.entry_id                         3ZI8 
_symmetry.space_group_name_H-M             'P 3 2 1' 
_symmetry.pdbx_full_space_group_name_H-M   ? 
_symmetry.cell_setting                     ? 
_symmetry.Int_Tables_number                150 
# 
loop_
_entity.id 
_entity.type 
_entity.src_method 
_entity.pdbx_description 
_entity.formula_weight 
_entity.pdbx_number_of_molecules 
_entity.pdbx_ec 
_entity.pdbx_mutation 
_entity.pdbx_fragment 
_entity.details 
1 polymer     man 'PUTATIVE FUCOSE-BINDING LECTIN PROTEIN' 9647.446 1   ? YES ? ? 
2 non-polymer man beta-L-fucopyranose                      164.156  1   ? ?   ? ? 
3 non-polymer syn 'MAGNESIUM ION'                          24.305   1   ? ?   ? ? 
4 non-polymer syn '(4R)-2-METHYLPENTANE-2,4-DIOL'          118.174  1   ? ?   ? ? 
5 water       nat water                                    18.015   105 ? ?   ? ? 
# 
_entity_name_com.entity_id   1 
_entity_name_com.name        LECTIN 
# 
_entity_poly.entity_id                      1 
_entity_poly.type                           'polypeptide(L)' 
_entity_poly.nstd_linkage                   no 
_entity_poly.nstd_monomer                   no 
_entity_poly.pdbx_seq_one_letter_code       
;SSVQTAATSWGTVPSIAVYTANNGKITERCWDGKGWYTGAFNEPGDNVSVTSWLVGSAIHIRVYASTGTTTTEWCWDGNG
WTKGAYTATN
;
_entity_poly.pdbx_seq_one_letter_code_can   
;SSVQTAATSWGTVPSIAVYTANNGKITERCWDGKGWYTGAFNEPGDNVSVTSWLVGSAIHIRVYASTGTTTTEWCWDGNG
WTKGAYTATN
;
_entity_poly.pdbx_strand_id                 A 
_entity_poly.pdbx_target_identifier         ? 
# 
loop_
_entity_poly_seq.entity_id 
_entity_poly_seq.num 
_entity_poly_seq.mon_id 
_entity_poly_seq.hetero 
1 1  SER n 
1 2  SER n 
1 3  VAL n 
1 4  GLN n 
1 5  THR n 
1 6  ALA n 
1 7  ALA n 
1 8  THR n 
1 9  SER n 
1 10 TRP n 
1 11 GLY n 
1 12 THR n 
1 13 VAL n 
1 14 PRO n 
1 15 SER n 
1 16 ILE n 
1 17 ALA n 
1 18 VAL n 
1 19 TYR n 
1 20 THR n 
1 21 ALA n 
1 22 ASN n 
1 23 ASN n 
1 24 GLY n 
1 25 LYS n 
1 26 ILE n 
1 27 THR n 
1 28 GLU n 
1 29 ARG n 
1 30 CYS n 
1 31 TRP n 
1 32 ASP n 
1 33 GLY n 
1 34 LYS n 
1 35 GLY n 
1 36 TRP n 
1 37 TYR n 
1 38 THR n 
1 39 GLY n 
1 40 ALA n 
1 41 PHE n 
1 42 ASN n 
1 43 GLU n 
1 44 PRO n 
1 45 GLY n 
1 46 ASP n 
1 47 ASN n 
1 48 VAL n 
1 49 SER n 
1 50 VAL n 
1 51 THR n 
1 52 SER n 
1 53 TRP n 
1 54 LEU n 
1 55 VAL n 
1 56 GLY n 
1 57 SER n 
1 58 ALA n 
1 59 ILE n 
1 60 HIS n 
1 61 ILE n 
1 62 ARG n 
1 63 VAL n 
1 64 TYR n 
1 65 ALA n 
1 66 SER n 
1 67 THR n 
1 68 GLY n 
1 69 THR n 
1 70 THR n 
1 71 THR n 
1 72 THR n 
1 73 GLU n 
1 74 TRP n 
1 75 CYS n 
1 76 TRP n 
1 77 ASP n 
1 78 GLY n 
1 79 ASN n 
1 80 GLY n 
1 81 TRP n 
1 82 THR n 
1 83 LYS n 
1 84 GLY n 
1 85 ALA n 
1 86 TYR n 
1 87 THR n 
1 88 ALA n 
1 89 THR n 
1 90 ASN n 
# 
_entity_src_gen.entity_id                          1 
_entity_src_gen.pdbx_src_id                        1 
_entity_src_gen.pdbx_alt_source_flag               sample 
_entity_src_gen.pdbx_seq_type                      ? 
_entity_src_gen.pdbx_beg_seq_num                   ? 
_entity_src_gen.pdbx_end_seq_num                   ? 
_entity_src_gen.gene_src_common_name               ? 
_entity_src_gen.gene_src_genus                     ? 
_entity_src_gen.pdbx_gene_src_gene                 ? 
_entity_src_gen.gene_src_species                   ? 
_entity_src_gen.gene_src_strain                    ? 
_entity_src_gen.gene_src_tissue                    ? 
_entity_src_gen.gene_src_tissue_fraction           ? 
_entity_src_gen.gene_src_details                   ? 
_entity_src_gen.pdbx_gene_src_fragment             ? 
_entity_src_gen.pdbx_gene_src_scientific_name      'RALSTONIA SOLANACEARUM' 
_entity_src_gen.pdbx_gene_src_ncbi_taxonomy_id     305 
_entity_src_gen.pdbx_gene_src_variant              ? 
_entity_src_gen.pdbx_gene_src_cell_line            ? 
_entity_src_gen.pdbx_gene_src_atcc                 11696 
_entity_src_gen.pdbx_gene_src_organ                ? 
_entity_src_gen.pdbx_gene_src_organelle            ? 
_entity_src_gen.pdbx_gene_src_cell                 ? 
_entity_src_gen.pdbx_gene_src_cellular_location    ? 
_entity_src_gen.host_org_common_name               ? 
_entity_src_gen.pdbx_host_org_scientific_name      'ESCHERICHIA COLI' 
_entity_src_gen.pdbx_host_org_ncbi_taxonomy_id     469008 
_entity_src_gen.host_org_genus                     ? 
_entity_src_gen.pdbx_host_org_gene                 ? 
_entity_src_gen.pdbx_host_org_organ                ? 
_entity_src_gen.host_org_species                   ? 
_entity_src_gen.pdbx_host_org_tissue               ? 
_entity_src_gen.pdbx_host_org_tissue_fraction      ? 
_entity_src_gen.pdbx_host_org_strain               'BL21(DE3)' 
_entity_src_gen.pdbx_host_org_variant              TUNER 
_entity_src_gen.pdbx_host_org_cell_line            ? 
_entity_src_gen.pdbx_host_org_atcc                 ? 
_entity_src_gen.pdbx_host_org_culture_collection   ? 
_entity_src_gen.pdbx_host_org_cell                 ? 
_entity_src_gen.pdbx_host_org_organelle            ? 
_entity_src_gen.pdbx_host_org_cellular_location    ? 
_entity_src_gen.pdbx_host_org_vector_type          PLASMID 
_entity_src_gen.pdbx_host_org_vector               PET25B 
_entity_src_gen.host_org_details                   ? 
_entity_src_gen.expression_system_id               ? 
_entity_src_gen.plasmid_name                       ? 
_entity_src_gen.plasmid_details                    ? 
_entity_src_gen.pdbx_description                   ? 
# 
_struct_ref.id                         1 
_struct_ref.db_name                    UNP 
_struct_ref.db_code                    D8NA05_RALSL 
_struct_ref.entity_id                  1 
_struct_ref.pdbx_seq_one_letter_code   ? 
_struct_ref.pdbx_align_begin           ? 
_struct_ref.pdbx_db_accession          D8NA05 
_struct_ref.pdbx_db_isoform            ? 
# 
_struct_ref_seq.align_id                      1 
_struct_ref_seq.ref_id                        1 
_struct_ref_seq.pdbx_PDB_id_code              3ZI8 
_struct_ref_seq.pdbx_strand_id                A 
_struct_ref_seq.seq_align_beg                 1 
_struct_ref_seq.pdbx_seq_align_beg_ins_code   ? 
_struct_ref_seq.seq_align_end                 90 
_struct_ref_seq.pdbx_seq_align_end_ins_code   ? 
_struct_ref_seq.pdbx_db_accession             D8NA05 
_struct_ref_seq.db_align_beg                  2 
_struct_ref_seq.pdbx_db_align_beg_ins_code    ? 
_struct_ref_seq.db_align_end                  91 
_struct_ref_seq.pdbx_db_align_end_ins_code    ? 
_struct_ref_seq.pdbx_auth_seq_align_beg       1 
_struct_ref_seq.pdbx_auth_seq_align_end       90 
# 
_struct_ref_seq_dif.align_id                     1 
_struct_ref_seq_dif.pdbx_pdb_id_code             3ZI8 
_struct_ref_seq_dif.mon_id                       ALA 
_struct_ref_seq_dif.pdbx_pdb_strand_id           A 
_struct_ref_seq_dif.seq_num                      17 
_struct_ref_seq_dif.pdbx_pdb_ins_code            ? 
_struct_ref_seq_dif.pdbx_seq_db_name             UNP 
_struct_ref_seq_dif.pdbx_seq_db_accession_code   D8NA05 
_struct_ref_seq_dif.db_mon_id                    ARG 
_struct_ref_seq_dif.pdbx_seq_db_seq_num          18 
_struct_ref_seq_dif.details                      'engineered mutation' 
_struct_ref_seq_dif.pdbx_auth_seq_num            17 
_struct_ref_seq_dif.pdbx_ordinal                 1 
# 
loop_
_chem_comp.id 
_chem_comp.type 
_chem_comp.mon_nstd_flag 
_chem_comp.name 
_chem_comp.pdbx_synonyms 
_chem_comp.formula 
_chem_comp.formula_weight 
ALA 'L-peptide linking'          y ALANINE                         ? 'C3 H7 N O2'     89.093  
ARG 'L-peptide linking'          y ARGININE                        ? 'C6 H15 N4 O2 1' 175.209 
ASN 'L-peptide linking'          y ASPARAGINE                      ? 'C4 H8 N2 O3'    132.118 
ASP 'L-peptide linking'          y 'ASPARTIC ACID'                 ? 'C4 H7 N O4'     133.103 
CYS 'L-peptide linking'          y CYSTEINE                        ? 'C3 H7 N O2 S'   121.158 
FUL 'L-saccharide, beta linking' . beta-L-fucopyranose             
'beta-L-fucose; 6-deoxy-beta-L-galactopyranose; L-fucose; fucose; 6-DEOXY-BETA-L-GALACTOSE' 'C6 H12 O5'      164.156 
GLN 'L-peptide linking'          y GLUTAMINE                       ? 'C5 H10 N2 O3'   146.144 
GLU 'L-peptide linking'          y 'GLUTAMIC ACID'                 ? 'C5 H9 N O4'     147.129 
GLY 'peptide linking'            y GLYCINE                         ? 'C2 H5 N O2'     75.067  
HIS 'L-peptide linking'          y HISTIDINE                       ? 'C6 H10 N3 O2 1' 156.162 
HOH non-polymer                  . WATER                           ? 'H2 O'           18.015  
ILE 'L-peptide linking'          y ISOLEUCINE                      ? 'C6 H13 N O2'    131.173 
LEU 'L-peptide linking'          y LEUCINE                         ? 'C6 H13 N O2'    131.173 
LYS 'L-peptide linking'          y LYSINE                          ? 'C6 H15 N2 O2 1' 147.195 
MG  non-polymer                  . 'MAGNESIUM ION'                 ? 'Mg 2'           24.305  
MRD non-polymer                  . '(4R)-2-METHYLPENTANE-2,4-DIOL' ? 'C6 H14 O2'      118.174 
PHE 'L-peptide linking'          y PHENYLALANINE                   ? 'C9 H11 N O2'    165.189 
PRO 'L-peptide linking'          y PROLINE                         ? 'C5 H9 N O2'     115.130 
SER 'L-peptide linking'          y SERINE                          ? 'C3 H7 N O3'     105.093 
THR 'L-peptide linking'          y THREONINE                       ? 'C4 H9 N O3'     119.119 
TRP 'L-peptide linking'          y TRYPTOPHAN                      ? 'C11 H12 N2 O2'  204.225 
TYR 'L-peptide linking'          y TYROSINE                        ? 'C9 H11 N O3'    181.189 
VAL 'L-peptide linking'          y VALINE                          ? 'C5 H11 N O2'    117.146 
# 
_exptl.entry_id          3ZI8 
_exptl.method            'X-RAY DIFFRACTION' 
_exptl.crystals_number   1 
# 
_exptl_crystal.id                    1 
_exptl_crystal.density_meas          ? 
_exptl_crystal.density_Matthews      2.8 
_exptl_crystal.density_percent_sol   56.2 
_exptl_crystal.description           NONE 
_exptl_crystal.preparation           ? 
# 
_exptl_crystal_grow.crystal_id      1 
_exptl_crystal_grow.method          ? 
_exptl_crystal_grow.temp            ? 
_exptl_crystal_grow.temp_details    ? 
_exptl_crystal_grow.pH              6.5 
_exptl_crystal_grow.pdbx_pH_range   ? 
_exptl_crystal_grow.pdbx_details    '30MM MGCL2, 30MM CACL2, 100MM MES/IMIDAZOLE PH 6.5, 12.5 % OF MPD, PEG1K AND PEG3350' 
# 
_diffrn.id                     1 
_diffrn.ambient_temp           100 
_diffrn.ambient_temp_details   ? 
_diffrn.crystal_id             1 
# 
_diffrn_detector.diffrn_id              1 
_diffrn_detector.detector               PIXEL 
_diffrn_detector.type                   'DECTRIS PILATUS 6M' 
_diffrn_detector.pdbx_collection_date   2012-03-24 
_diffrn_detector.details                ? 
# 
_diffrn_radiation.diffrn_id                        1 
_diffrn_radiation.wavelength_id                    1 
_diffrn_radiation.pdbx_monochromatic_or_laue_m_l   M 
_diffrn_radiation.monochromator                    ? 
_diffrn_radiation.pdbx_diffrn_protocol             'SINGLE WAVELENGTH' 
_diffrn_radiation.pdbx_scattering_type             x-ray 
# 
_diffrn_radiation_wavelength.id           1 
_diffrn_radiation_wavelength.wavelength   0.984 
_diffrn_radiation_wavelength.wt           1.0 
# 
_diffrn_source.diffrn_id                   1 
_diffrn_source.source                      SYNCHROTRON 
_diffrn_source.type                        'SOLEIL BEAMLINE PROXIMA 1' 
_diffrn_source.pdbx_synchrotron_site       SOLEIL 
_diffrn_source.pdbx_synchrotron_beamline   'PROXIMA 1' 
_diffrn_source.pdbx_wavelength             0.984 
_diffrn_source.pdbx_wavelength_list        ? 
# 
_reflns.pdbx_diffrn_id               1 
_reflns.pdbx_ordinal                 1 
_reflns.entry_id                     3ZI8 
_reflns.observed_criterion_sigma_I   2.0 
_reflns.observed_criterion_sigma_F   ? 
_reflns.d_resolution_low             36.20 
_reflns.d_resolution_high            1.50 
_reflns.number_obs                   17523 
_reflns.number_all                   ? 
_reflns.percent_possible_obs         99.3 
_reflns.pdbx_Rmerge_I_obs            0.05 
_reflns.pdbx_Rsym_value              ? 
_reflns.pdbx_netI_over_sigmaI        15.90 
_reflns.B_iso_Wilson_estimate        ? 
_reflns.pdbx_redundancy              5.4 
_reflns.pdbx_CC_half                 ? 
_reflns.pdbx_Rpim_I_all              ? 
_reflns.pdbx_Rrim_I_all              ? 
# 
_reflns_shell.pdbx_diffrn_id         1 
_reflns_shell.pdbx_ordinal           1 
_reflns_shell.d_res_high             1.50 
_reflns_shell.d_res_low              1.58 
_reflns_shell.percent_possible_all   98.7 
_reflns_shell.Rmerge_I_obs           0.31 
_reflns_shell.pdbx_Rsym_value        ? 
_reflns_shell.meanI_over_sigI_obs    4.80 
_reflns_shell.pdbx_redundancy        5.5 
_reflns_shell.number_measured_obs    ? 
_reflns_shell.number_unique_all      ? 
_reflns_shell.number_unique_obs      ? 
_reflns_shell.pdbx_CC_half           ? 
_reflns_shell.pdbx_Rpim_I_all        ? 
_reflns_shell.pdbx_Rrim_I_all        ? 
# 
_refine.pdbx_refine_id                           'X-RAY DIFFRACTION' 
_refine.entry_id                                 3ZI8 
_refine.pdbx_diffrn_id                           1 
_refine.pdbx_TLS_residual_ADP_flag               ? 
_refine.ls_number_reflns_obs                     16628 
_refine.ls_number_reflns_all                     ? 
_refine.pdbx_ls_sigma_I                          ? 
_refine.pdbx_ls_sigma_F                          . 
_refine.pdbx_data_cutoff_high_absF               ? 
_refine.pdbx_data_cutoff_low_absF                ? 
_refine.pdbx_data_cutoff_high_rms_absF           ? 
_refine.ls_d_res_low                             36.20 
_refine.ls_d_res_high                            1.50 
_refine.ls_percent_reflns_obs                    99.01 
_refine.ls_R_factor_obs                          0.13510 
_refine.ls_R_factor_all                          ? 
_refine.ls_R_factor_R_work                       0.13357 
_refine.ls_R_factor_R_free                       0.16560 
_refine.ls_R_factor_R_free_error                 ? 
_refine.ls_R_factor_R_free_error_details         ? 
_refine.ls_percent_reflns_R_free                 5.1 
_refine.ls_number_reflns_R_free                  892 
_refine.ls_number_parameters                     ? 
_refine.ls_number_restraints                     ? 
_refine.occupancy_min                            ? 
_refine.occupancy_max                            ? 
_refine.correlation_coeff_Fo_to_Fc               0.973 
_refine.correlation_coeff_Fo_to_Fc_free          0.965 
_refine.B_iso_mean                               19.041 
_refine.aniso_B[1][1]                            0.33 
_refine.aniso_B[2][2]                            0.33 
_refine.aniso_B[3][3]                            -1.08 
_refine.aniso_B[1][2]                            0.33 
_refine.aniso_B[1][3]                            0.00 
_refine.aniso_B[2][3]                            0.00 
_refine.solvent_model_details                    MASK 
_refine.solvent_model_param_ksol                 ? 
_refine.solvent_model_param_bsol                 ? 
_refine.pdbx_solvent_vdw_probe_radii             1.20 
_refine.pdbx_solvent_ion_probe_radii             0.80 
_refine.pdbx_solvent_shrinkage_radii             0.80 
_refine.pdbx_ls_cross_valid_method               THROUGHOUT 
_refine.details                                  
;HYDROGENS HAVE BEEN ADDED IN THE RIDING POSITIONS. U VALUES REFINED INDIVIDUALLY. DISORDERED SIDE CHAIN WERE MODELED STEREOCHEMICALLY
;
_refine.pdbx_starting_model                      'PDB ENTRY 2BT9' 
_refine.pdbx_method_to_determine_struct          'MOLECULAR REPLACEMENT' 
_refine.pdbx_isotropic_thermal_model             ? 
_refine.pdbx_stereochemistry_target_values       'MAXIMUM LIKELIHOOD' 
_refine.pdbx_stereochem_target_val_spec_case     ? 
_refine.pdbx_R_Free_selection_details            RANDOM 
_refine.pdbx_overall_ESU_R                       0.062 
_refine.pdbx_overall_ESU_R_Free                  0.057 
_refine.overall_SU_ML                            0.034 
_refine.pdbx_overall_phase_error                 ? 
_refine.overall_SU_B                             1.970 
_refine.overall_SU_R_Cruickshank_DPI             ? 
_refine.pdbx_overall_SU_R_free_Cruickshank_DPI   ? 
_refine.pdbx_overall_SU_R_Blow_DPI               ? 
_refine.pdbx_overall_SU_R_free_Blow_DPI          ? 
# 
_refine_hist.pdbx_refine_id                   'X-RAY DIFFRACTION' 
_refine_hist.cycle_id                         LAST 
_refine_hist.pdbx_number_atoms_protein        682 
_refine_hist.pdbx_number_atoms_nucleic_acid   0 
_refine_hist.pdbx_number_atoms_ligand         19 
_refine_hist.number_atoms_solvent             105 
_refine_hist.number_atoms_total               806 
_refine_hist.d_res_high                       1.50 
_refine_hist.d_res_low                        36.20 
# 
loop_
_refine_ls_restr.type 
_refine_ls_restr.dev_ideal 
_refine_ls_restr.dev_ideal_target 
_refine_ls_restr.weight 
_refine_ls_restr.number 
_refine_ls_restr.pdbx_refine_id 
_refine_ls_restr.pdbx_restraint_function 
r_bond_refined_d             0.015  0.020  ? 761  'X-RAY DIFFRACTION' ? 
r_bond_other_d               0.001  0.020  ? 660  'X-RAY DIFFRACTION' ? 
r_angle_refined_deg          1.614  1.897  ? 1054 'X-RAY DIFFRACTION' ? 
r_angle_other_deg            0.846  3.000  ? 1516 'X-RAY DIFFRACTION' ? 
r_dihedral_angle_1_deg       6.849  5.000  ? 98   'X-RAY DIFFRACTION' ? 
r_dihedral_angle_2_deg       30.774 24.333 ? 30   'X-RAY DIFFRACTION' ? 
r_dihedral_angle_3_deg       12.848 15.000 ? 96   'X-RAY DIFFRACTION' ? 
r_dihedral_angle_4_deg       2.892  15.000 ? 2    'X-RAY DIFFRACTION' ? 
r_chiral_restr               0.114  0.200  ? 119  'X-RAY DIFFRACTION' ? 
r_gen_planes_refined         0.010  0.020  ? 882  'X-RAY DIFFRACTION' ? 
r_gen_planes_other           0.001  0.020  ? 186  'X-RAY DIFFRACTION' ? 
r_nbd_refined                0.241  0.200  ? 188  'X-RAY DIFFRACTION' ? 
r_nbd_other                  0.198  0.200  ? 550  'X-RAY DIFFRACTION' ? 
r_nbtor_refined              0.192  0.200  ? 343  'X-RAY DIFFRACTION' ? 
r_nbtor_other                0.093  0.200  ? 395  'X-RAY DIFFRACTION' ? 
r_xyhbond_nbd_refined        0.165  0.200  ? 23   'X-RAY DIFFRACTION' ? 
r_xyhbond_nbd_other          ?      ?      ? ?    'X-RAY DIFFRACTION' ? 
r_metal_ion_refined          ?      ?      ? ?    'X-RAY DIFFRACTION' ? 
r_metal_ion_other            ?      ?      ? ?    'X-RAY DIFFRACTION' ? 
r_symmetry_vdw_refined       0.257  0.200  ? 38   'X-RAY DIFFRACTION' ? 
r_symmetry_vdw_other         0.207  0.200  ? 63   'X-RAY DIFFRACTION' ? 
r_symmetry_hbond_refined     0.056  0.200  ? 4    'X-RAY DIFFRACTION' ? 
r_symmetry_hbond_other       ?      ?      ? ?    'X-RAY DIFFRACTION' ? 
r_symmetry_metal_ion_refined ?      ?      ? ?    'X-RAY DIFFRACTION' ? 
r_symmetry_metal_ion_other   ?      ?      ? ?    'X-RAY DIFFRACTION' ? 
r_mcbond_it                  2.198  1.696  ? 380  'X-RAY DIFFRACTION' ? 
r_mcbond_other               2.160  1.688  ? 379  'X-RAY DIFFRACTION' ? 
r_mcangle_it                 2.477  2.545  ? 476  'X-RAY DIFFRACTION' ? 
r_mcangle_other              ?      ?      ? ?    'X-RAY DIFFRACTION' ? 
r_scbond_it                  2.220  1.900  ? 381  'X-RAY DIFFRACTION' ? 
r_scbond_other               ?      ?      ? ?    'X-RAY DIFFRACTION' ? 
r_scangle_it                 ?      ?      ? ?    'X-RAY DIFFRACTION' ? 
r_scangle_other              ?      ?      ? ?    'X-RAY DIFFRACTION' ? 
r_long_range_B_refined       ?      ?      ? ?    'X-RAY DIFFRACTION' ? 
r_long_range_B_other         ?      ?      ? ?    'X-RAY DIFFRACTION' ? 
r_rigid_bond_restr           5.533  3.000  ? 1421 'X-RAY DIFFRACTION' ? 
r_sphericity_free            19.038 5.000  ? 43   'X-RAY DIFFRACTION' ? 
r_sphericity_bonded          6.480  5.000  ? 1460 'X-RAY DIFFRACTION' ? 
# 
_refine_ls_shell.pdbx_refine_id                   'X-RAY DIFFRACTION' 
_refine_ls_shell.pdbx_total_number_of_bins_used   20 
_refine_ls_shell.d_res_high                       1.500 
_refine_ls_shell.d_res_low                        1.539 
_refine_ls_shell.number_reflns_R_work             1215 
_refine_ls_shell.R_factor_R_work                  0.125 
_refine_ls_shell.percent_reflns_obs               99.61 
_refine_ls_shell.R_factor_R_free                  0.188 
_refine_ls_shell.R_factor_R_free_error            ? 
_refine_ls_shell.percent_reflns_R_free            ? 
_refine_ls_shell.number_reflns_R_free             65 
_refine_ls_shell.number_reflns_all                ? 
_refine_ls_shell.R_factor_all                     ? 
_refine_ls_shell.R_factor_obs                     ? 
_refine_ls_shell.number_reflns_obs                ? 
# 
_struct.entry_id                  3ZI8 
_struct.title                     
'Structure of the R17A mutant of the Ralstonia soleanacerum lectin at 1.5 Angstrom in complex with L-fucose' 
_struct.pdbx_model_details        ? 
_struct.pdbx_CASP_flag            ? 
_struct.pdbx_model_type_details   ? 
# 
_struct_keywords.entry_id        3ZI8 
_struct_keywords.pdbx_keywords   'SUGAR BINDING PROTEIN' 
_struct_keywords.text            'SUGAR BINDING PROTEIN, MULTIVALENCY' 
# 
loop_
_struct_asym.id 
_struct_asym.pdbx_blank_PDB_chainid_flag 
_struct_asym.pdbx_modified 
_struct_asym.entity_id 
_struct_asym.details 
A N N 1 ? 
B N N 2 ? 
C N N 3 ? 
D N N 4 ? 
E N N 5 ? 
# 
loop_
_struct_conn.id 
_struct_conn.conn_type_id 
_struct_conn.pdbx_leaving_atom_flag 
_struct_conn.pdbx_PDB_id 
_struct_conn.ptnr1_label_asym_id 
_struct_conn.ptnr1_label_comp_id 
_struct_conn.ptnr1_label_seq_id 
_struct_conn.ptnr1_label_atom_id 
_struct_conn.pdbx_ptnr1_label_alt_id 
_struct_conn.pdbx_ptnr1_PDB_ins_code 
_struct_conn.pdbx_ptnr1_standard_comp_id 
_struct_conn.ptnr1_symmetry 
_struct_conn.ptnr2_label_asym_id 
_struct_conn.ptnr2_label_comp_id 
_struct_conn.ptnr2_label_seq_id 
_struct_conn.ptnr2_label_atom_id 
_struct_conn.pdbx_ptnr2_label_alt_id 
_struct_conn.pdbx_ptnr2_PDB_ins_code 
_struct_conn.ptnr1_auth_asym_id 
_struct_conn.ptnr1_auth_comp_id 
_struct_conn.ptnr1_auth_seq_id 
_struct_conn.ptnr2_auth_asym_id 
_struct_conn.ptnr2_auth_comp_id 
_struct_conn.ptnr2_auth_seq_id 
_struct_conn.ptnr2_symmetry 
_struct_conn.pdbx_ptnr3_label_atom_id 
_struct_conn.pdbx_ptnr3_label_seq_id 
_struct_conn.pdbx_ptnr3_label_comp_id 
_struct_conn.pdbx_ptnr3_label_asym_id 
_struct_conn.pdbx_ptnr3_label_alt_id 
_struct_conn.pdbx_ptnr3_PDB_ins_code 
_struct_conn.details 
_struct_conn.pdbx_dist_value 
_struct_conn.pdbx_value_order 
_struct_conn.pdbx_role 
metalc1 metalc ? ? A ALA 7  O  ? ? ? 1_555 C MG  . MG ? ? A ALA 7   A MG  101  1_555 ? ? ? ? ? ? ? 2.274 ? ? 
metalc2 metalc ? ? A VAL 50 O  ? ? ? 3_665 C MG  . MG ? ? A VAL 50  A MG  101  1_555 ? ? ? ? ? ? ? 2.339 ? ? 
metalc3 metalc ? ? C MG  .  MG ? ? ? 1_555 E HOH . O  ? ? A MG  101 A HOH 2018 1_555 ? ? ? ? ? ? ? 2.686 ? ? 
metalc4 metalc ? ? C MG  .  MG ? ? ? 1_555 E HOH . O  ? ? A MG  101 A HOH 2019 1_555 ? ? ? ? ? ? ? 2.486 ? ? 
metalc5 metalc ? ? C MG  .  MG ? ? ? 1_555 E HOH . O  ? ? A MG  101 A HOH 2020 1_555 ? ? ? ? ? ? ? 2.260 ? ? 
metalc6 metalc ? ? C MG  .  MG ? ? ? 1_555 E HOH . O  ? ? A MG  101 A HOH 2020 3_665 ? ? ? ? ? ? ? 2.274 ? ? 
# 
_struct_conn_type.id          metalc 
_struct_conn_type.criteria    ? 
_struct_conn_type.reference   ? 
# 
loop_
_struct_mon_prot_cis.pdbx_id 
_struct_mon_prot_cis.label_comp_id 
_struct_mon_prot_cis.label_seq_id 
_struct_mon_prot_cis.label_asym_id 
_struct_mon_prot_cis.label_alt_id 
_struct_mon_prot_cis.pdbx_PDB_ins_code 
_struct_mon_prot_cis.auth_comp_id 
_struct_mon_prot_cis.auth_seq_id 
_struct_mon_prot_cis.auth_asym_id 
_struct_mon_prot_cis.pdbx_label_comp_id_2 
_struct_mon_prot_cis.pdbx_label_seq_id_2 
_struct_mon_prot_cis.pdbx_label_asym_id_2 
_struct_mon_prot_cis.pdbx_PDB_ins_code_2 
_struct_mon_prot_cis.pdbx_auth_comp_id_2 
_struct_mon_prot_cis.pdbx_auth_seq_id_2 
_struct_mon_prot_cis.pdbx_auth_asym_id_2 
_struct_mon_prot_cis.pdbx_PDB_model_num 
_struct_mon_prot_cis.pdbx_omega_angle 
1 VAL 13 A . ? VAL 13 A PRO 14 A ? PRO 14 A 1 -7.98 
2 VAL 13 A . ? VAL 13 A PRO 14 A ? PRO 14 A 1 -5.31 
# 
loop_
_struct_sheet.id 
_struct_sheet.type 
_struct_sheet.number_strands 
_struct_sheet.details 
AA ? 4 ? 
AB ? 4 ? 
# 
loop_
_struct_sheet_order.sheet_id 
_struct_sheet_order.range_id_1 
_struct_sheet_order.range_id_2 
_struct_sheet_order.offset 
_struct_sheet_order.sense 
AA 1 2 ? anti-parallel 
AA 2 3 ? anti-parallel 
AA 3 4 ? anti-parallel 
AB 1 2 ? anti-parallel 
AB 2 3 ? anti-parallel 
AB 3 4 ? anti-parallel 
# 
loop_
_struct_sheet_range.sheet_id 
_struct_sheet_range.id 
_struct_sheet_range.beg_label_comp_id 
_struct_sheet_range.beg_label_asym_id 
_struct_sheet_range.beg_label_seq_id 
_struct_sheet_range.pdbx_beg_PDB_ins_code 
_struct_sheet_range.end_label_comp_id 
_struct_sheet_range.end_label_asym_id 
_struct_sheet_range.end_label_seq_id 
_struct_sheet_range.pdbx_end_PDB_ins_code 
_struct_sheet_range.beg_auth_comp_id 
_struct_sheet_range.beg_auth_asym_id 
_struct_sheet_range.beg_auth_seq_id 
_struct_sheet_range.end_auth_comp_id 
_struct_sheet_range.end_auth_asym_id 
_struct_sheet_range.end_auth_seq_id 
AA 1 GLN A 4  ? TRP A 10 ? GLN A 4  TRP A 10 
AA 2 SER A 15 ? ASN A 22 ? SER A 15 ASN A 22 
AA 3 LYS A 25 ? TRP A 31 ? LYS A 25 TRP A 31 
AA 4 TRP A 36 ? PRO A 44 ? TRP A 36 PRO A 44 
AB 1 ASN A 47 ? VAL A 55 ? ASN A 47 VAL A 55 
AB 2 ALA A 58 ? THR A 67 ? ALA A 58 THR A 67 
AB 3 THR A 70 ? TRP A 76 ? THR A 70 TRP A 76 
AB 4 TRP A 81 ? LYS A 83 ? TRP A 81 LYS A 83 
# 
loop_
_pdbx_struct_sheet_hbond.sheet_id 
_pdbx_struct_sheet_hbond.range_id_1 
_pdbx_struct_sheet_hbond.range_id_2 
_pdbx_struct_sheet_hbond.range_1_label_atom_id 
_pdbx_struct_sheet_hbond.range_1_label_comp_id 
_pdbx_struct_sheet_hbond.range_1_label_asym_id 
_pdbx_struct_sheet_hbond.range_1_label_seq_id 
_pdbx_struct_sheet_hbond.range_1_PDB_ins_code 
_pdbx_struct_sheet_hbond.range_1_auth_atom_id 
_pdbx_struct_sheet_hbond.range_1_auth_comp_id 
_pdbx_struct_sheet_hbond.range_1_auth_asym_id 
_pdbx_struct_sheet_hbond.range_1_auth_seq_id 
_pdbx_struct_sheet_hbond.range_2_label_atom_id 
_pdbx_struct_sheet_hbond.range_2_label_comp_id 
_pdbx_struct_sheet_hbond.range_2_label_asym_id 
_pdbx_struct_sheet_hbond.range_2_label_seq_id 
_pdbx_struct_sheet_hbond.range_2_PDB_ins_code 
_pdbx_struct_sheet_hbond.range_2_auth_atom_id 
_pdbx_struct_sheet_hbond.range_2_auth_comp_id 
_pdbx_struct_sheet_hbond.range_2_auth_asym_id 
_pdbx_struct_sheet_hbond.range_2_auth_seq_id 
AA 1 2 N TRP A 10 ? N TRP A 10 O SER A 15 ? O SER A 15 
AA 2 3 N ASN A 22 ? N ASN A 22 O LYS A 25 ? O LYS A 25 
AA 3 4 N CYS A 30 ? N CYS A 30 O TYR A 37 ? O TYR A 37 
AB 1 2 N VAL A 55 ? N VAL A 55 O ALA A 58 ? O ALA A 58 
AB 2 3 N THR A 67 ? N THR A 67 O THR A 70 ? O THR A 70 
AB 3 4 N CYS A 75 ? N CYS A 75 O THR A 82 ? O THR A 82 
# 
_atom_sites.entry_id                    3ZI8 
_atom_sites.fract_transf_matrix[1][1]   -0.00426394 
_atom_sites.fract_transf_matrix[1][2]   -0.01505471 
_atom_sites.fract_transf_matrix[1][3]   -0.00308973 
_atom_sites.fract_transf_matrix[2][1]   0.00930898 
_atom_sites.fract_transf_matrix[2][2]   -0.00921858 
_atom_sites.fract_transf_matrix[2][3]   -0.00909567 
_atom_sites.fract_transf_matrix[3][1]   0.01367883 
_atom_sites.fract_transf_matrix[3][2]   -0.00851957 
_atom_sites.fract_transf_matrix[3][3]   0.02263433 
_atom_sites.fract_transf_vector[1]      0.549320 
_atom_sites.fract_transf_vector[2]      0.378489 
_atom_sites.fract_transf_vector[3]      -0.370696 
# 
loop_
_atom_type.symbol 
C  
MG 
N  
O  
S  
# 
loop_
_atom_site.group_PDB 
_atom_site.id 
_atom_site.type_symbol 
_atom_site.label_atom_id 
_atom_site.label_alt_id 
_atom_site.label_comp_id 
_atom_site.label_asym_id 
_atom_site.label_entity_id 
_atom_site.label_seq_id 
_atom_site.pdbx_PDB_ins_code 
_atom_site.Cartn_x 
_atom_site.Cartn_y 
_atom_site.Cartn_z 
_atom_site.occupancy 
_atom_site.B_iso_or_equiv 
_atom_site.pdbx_formal_charge 
_atom_site.auth_seq_id 
_atom_site.auth_comp_id 
_atom_site.auth_asym_id 
_atom_site.auth_atom_id 
_atom_site.pdbx_PDB_model_num 
ATOM   1   N  N   . SER A 1 1  ? 5.233   -16.274 14.861  1.00 28.35 ? 1    SER A N   1 
ATOM   2   C  CA  . SER A 1 1  ? 5.376   -14.904 14.253  1.00 20.41 ? 1    SER A CA  1 
ATOM   3   C  C   . SER A 1 1  ? 5.647   -14.962 12.765  1.00 18.01 ? 1    SER A C   1 
ATOM   4   O  O   . SER A 1 1  ? 6.527   -15.650 12.289  1.00 18.29 ? 1    SER A O   1 
ATOM   5   C  CB  . SER A 1 1  ? 6.485   -14.196 14.953  1.00 27.57 ? 1    SER A CB  1 
ATOM   6   O  OG  . SER A 1 1  ? 6.734   -12.932 14.426  1.00 27.10 ? 1    SER A OG  1 
ATOM   7   N  N   . SER A 1 2  ? 4.789   -14.287 12.029  1.00 16.09 ? 2    SER A N   1 
ATOM   8   C  CA  . SER A 1 2  ? 4.841   -14.238 10.571  1.00 14.27 ? 2    SER A CA  1 
ATOM   9   C  C   . SER A 1 2  ? 4.750   -12.818 10.124  1.00 14.92 ? 2    SER A C   1 
ATOM   10  O  O   . SER A 1 2  ? 4.202   -11.968 10.772  1.00 14.47 ? 2    SER A O   1 
ATOM   11  C  CB  . SER A 1 2  ? 3.690   -15.046 9.978   1.00 15.82 ? 2    SER A CB  1 
ATOM   12  O  OG  . SER A 1 2  ? 3.861   -16.405 10.297  1.00 17.80 ? 2    SER A OG  1 
ATOM   13  N  N   . VAL A 1 3  ? 5.273   -12.560 8.985   1.00 13.76 ? 3    VAL A N   1 
ATOM   14  C  CA  . VAL A 1 3  ? 5.041   -11.297 8.303   1.00 14.00 ? 3    VAL A CA  1 
ATOM   15  C  C   . VAL A 1 3  ? 3.557   -11.106 8.048   1.00 12.79 ? 3    VAL A C   1 
ATOM   16  O  O   . VAL A 1 3  ? 2.788   -12.041 8.071   1.00 14.28 ? 3    VAL A O   1 
ATOM   17  C  CB  . VAL A 1 3  ? 5.855   -11.145 7.001   1.00 13.70 ? 3    VAL A CB  1 
ATOM   18  C  CG1 . VAL A 1 3  ? 7.352   -11.251 7.290   1.00 16.39 ? 3    VAL A CG1 1 
ATOM   19  C  CG2 . VAL A 1 3  ? 5.441   -12.138 5.953   1.00 13.72 ? 3    VAL A CG2 1 
ATOM   20  N  N   . GLN A 1 4  ? 3.178   -9.849  7.906   1.00 11.88 ? 4    GLN A N   1 
ATOM   21  C  CA  A GLN A 1 4  ? 1.796   -9.407  7.687   0.20 13.23 ? 4    GLN A CA  1 
ATOM   22  C  CA  B GLN A 1 4  ? 1.785   -9.419  7.721   0.40 13.18 ? 4    GLN A CA  1 
ATOM   23  C  CA  C GLN A 1 4  ? 1.784   -9.483  7.661   0.40 12.15 ? 4    GLN A CA  1 
ATOM   24  C  C   . GLN A 1 4  ? 1.637   -8.658  6.364   1.00 12.62 ? 4    GLN A C   1 
ATOM   25  O  O   . GLN A 1 4  ? 2.448   -7.798  6.014   1.00 13.80 ? 4    GLN A O   1 
ATOM   26  C  CB  A GLN A 1 4  ? 1.416   -8.445  8.795   0.20 14.96 ? 4    GLN A CB  1 
ATOM   27  C  CB  B GLN A 1 4  ? 1.386   -8.497  8.886   0.40 16.22 ? 4    GLN A CB  1 
ATOM   28  C  CB  C GLN A 1 4  ? 1.248   -8.760  8.889   0.40 13.96 ? 4    GLN A CB  1 
ATOM   29  C  CG  A GLN A 1 4  ? 1.762   -8.924  10.187  0.20 17.93 ? 4    GLN A CG  1 
ATOM   30  C  CG  B GLN A 1 4  ? 1.561   -9.012  10.325  0.40 18.51 ? 4    GLN A CG  1 
ATOM   31  C  CG  C GLN A 1 4  ? -0.247  -8.469  8.854   0.40 7.61  ? 4    GLN A CG  1 
ATOM   32  C  CD  A GLN A 1 4  ? 0.751   -9.924  10.713  0.20 16.28 ? 4    GLN A CD  1 
ATOM   33  C  CD  B GLN A 1 4  ? 0.237   -9.423  10.982  0.40 19.75 ? 4    GLN A CD  1 
ATOM   34  C  CD  C GLN A 1 4  ? -0.545  -7.076  8.385   0.40 10.65 ? 4    GLN A CD  1 
ATOM   35  O  OE1 A GLN A 1 4  ? -0.406  -9.576  10.942  0.20 19.72 ? 4    GLN A OE1 1 
ATOM   36  O  OE1 B GLN A 1 4  ? -0.746  -9.594  10.288  0.40 24.86 ? 4    GLN A OE1 1 
ATOM   37  O  OE1 C GLN A 1 4  ? 0.167   -6.145  8.723   0.40 10.57 ? 4    GLN A OE1 1 
ATOM   38  N  NE2 A GLN A 1 4  ? 1.187   -11.153 10.944  0.20 17.19 ? 4    GLN A NE2 1 
ATOM   39  N  NE2 B GLN A 1 4  ? 0.203   -9.565  12.331  0.40 17.35 ? 4    GLN A NE2 1 
ATOM   40  N  NE2 C GLN A 1 4  ? -1.598  -6.923  7.632   0.40 11.90 ? 4    GLN A NE2 1 
ATOM   41  N  N   . THR A 1 5  ? 0.633   -9.059  5.586   1.00 11.92 ? 5    THR A N   1 
ATOM   42  C  CA  . THR A 1 5  ? 0.472   -8.474  4.283   1.00 12.62 ? 5    THR A CA  1 
ATOM   43  C  C   . THR A 1 5  ? -0.873  -7.828  4.091   1.00 11.24 ? 5    THR A C   1 
ATOM   44  O  O   . THR A 1 5  ? -1.858  -8.078  4.820   1.00 12.94 ? 5    THR A O   1 
ATOM   45  C  CB  . THR A 1 5  ? 0.736   -9.451  3.126   1.00 12.31 ? 5    THR A CB  1 
ATOM   46  O  OG1 . THR A 1 5  ? -0.329  -10.398 3.063   1.00 13.35 ? 5    THR A OG1 1 
ATOM   47  C  CG2 . THR A 1 5  ? 2.064   -10.142 3.264   1.00 14.09 ? 5    THR A CG2 1 
ATOM   48  N  N   . ALA A 1 6  ? -0.931  -6.966  3.060   1.00 11.15 ? 6    ALA A N   1 
ATOM   49  C  CA  . ALA A 1 6  ? -2.171  -6.346  2.617   1.00 11.03 ? 6    ALA A CA  1 
ATOM   50  C  C   . ALA A 1 6  ? -2.089  -6.219  1.104   1.00 12.59 ? 6    ALA A C   1 
ATOM   51  O  O   . ALA A 1 6  ? -1.022  -5.924  0.575   1.00 12.88 ? 6    ALA A O   1 
ATOM   52  C  CB  . ALA A 1 6  ? -2.314  -4.990  3.272   1.00 12.40 ? 6    ALA A CB  1 
ATOM   53  N  N   . ALA A 1 7  ? -3.190  -6.426  0.379   1.00 11.49 ? 7    ALA A N   1 
ATOM   54  C  CA  . ALA A 1 7  ? -3.150  -6.462  -1.063  1.00 11.87 ? 7    ALA A CA  1 
ATOM   55  C  C   . ALA A 1 7  ? -4.276  -5.673  -1.669  1.00 11.68 ? 7    ALA A C   1 
ATOM   56  O  O   . ALA A 1 7  ? -5.394  -5.630  -1.118  1.00 12.61 ? 7    ALA A O   1 
ATOM   57  C  CB  . ALA A 1 7  ? -3.226  -7.914  -1.565  1.00 13.41 ? 7    ALA A CB  1 
ATOM   58  N  N   . THR A 1 8  ? -4.011  -5.065  -2.825  1.00 11.41 ? 8    THR A N   1 
ATOM   59  C  CA  . THR A 1 8  ? -5.049  -4.352  -3.573  1.00 11.71 ? 8    THR A CA  1 
ATOM   60  C  C   . THR A 1 8  ? -4.776  -4.541  -5.065  1.00 12.45 ? 8    THR A C   1 
ATOM   61  O  O   . THR A 1 8  ? -3.672  -4.919  -5.458  1.00 13.00 ? 8    THR A O   1 
ATOM   62  C  CB  . THR A 1 8  ? -5.083  -2.853  -3.177  1.00 13.37 ? 8    THR A CB  1 
ATOM   63  O  OG1 . THR A 1 8  ? -6.269  -2.247  -3.704  1.00 14.53 ? 8    THR A OG1 1 
ATOM   64  C  CG2 . THR A 1 8  ? -3.888  -2.097  -3.592  1.00 13.00 ? 8    THR A CG2 1 
ATOM   65  N  N   . SER A 1 9  ? -5.784  -4.331  -5.899  1.00 13.31 ? 9    SER A N   1 
ATOM   66  C  CA  . SER A 1 9  ? -5.653  -4.570  -7.322  1.00 11.95 ? 9    SER A CA  1 
ATOM   67  C  C   . SER A 1 9  ? -6.513  -3.568  -8.058  1.00 12.86 ? 9    SER A C   1 
ATOM   68  O  O   . SER A 1 9  ? -7.487  -3.065  -7.505  1.00 14.27 ? 9    SER A O   1 
ATOM   69  C  CB  . SER A 1 9  ? -5.998  -6.011  -7.687  1.00 12.36 ? 9    SER A CB  1 
ATOM   70  O  OG  . SER A 1 9  ? -7.312  -6.320  -7.291  1.00 13.85 ? 9    SER A OG  1 
ATOM   71  N  N   . TRP A 1 10 ? -6.162  -3.256  -9.290  1.00 13.76 ? 10   TRP A N   1 
ATOM   72  C  CA  . TRP A 1 10 ? -6.918  -2.282  -10.024 1.00 15.51 ? 10   TRP A CA  1 
ATOM   73  C  C   . TRP A 1 10 ? -6.695  -2.420  -11.508 1.00 15.19 ? 10   TRP A C   1 
ATOM   74  O  O   . TRP A 1 10 ? -5.711  -3.023  -11.925 1.00 15.80 ? 10   TRP A O   1 
ATOM   75  C  CB  . TRP A 1 10 ? -6.500  -0.861  -9.639  1.00 14.39 ? 10   TRP A CB  1 
ATOM   76  C  CG  . TRP A 1 10 ? -5.063  -0.546  -9.963  1.00 15.09 ? 10   TRP A CG  1 
ATOM   77  C  CD1 . TRP A 1 10 ? -4.589  0.046   -11.103 1.00 16.80 ? 10   TRP A CD1 1 
ATOM   78  C  CD2 . TRP A 1 10 ? -3.928  -0.778  -9.128  1.00 15.62 ? 10   TRP A CD2 1 
ATOM   79  N  NE1 . TRP A 1 10 ? -3.239  0.158   -11.031 1.00 16.39 ? 10   TRP A NE1 1 
ATOM   80  C  CE2 . TRP A 1 10 ? -2.804  -0.329  -9.829  1.00 15.23 ? 10   TRP A CE2 1 
ATOM   81  C  CE3 . TRP A 1 10 ? -3.763  -1.316  -7.846  1.00 16.71 ? 10   TRP A CE3 1 
ATOM   82  C  CZ2 . TRP A 1 10 ? -1.519  -0.416  -9.303  1.00 17.73 ? 10   TRP A CZ2 1 
ATOM   83  C  CZ3 . TRP A 1 10 ? -2.495  -1.397  -7.322  1.00 18.95 ? 10   TRP A CZ3 1 
ATOM   84  C  CH2 . TRP A 1 10 ? -1.383  -0.967  -8.061  1.00 19.14 ? 10   TRP A CH2 1 
ATOM   85  N  N   A GLY A 1 11 ? -7.536  -1.836  -12.329 0.50 16.20 ? 11   GLY A N   1 
ATOM   86  N  N   B GLY A 1 11 ? -7.536  -1.809  -12.317 0.50 16.26 ? 11   GLY A N   1 
ATOM   87  C  CA  A GLY A 1 11 ? -7.166  -1.589  -13.713 0.50 16.23 ? 11   GLY A CA  1 
ATOM   88  C  CA  B GLY A 1 11 ? -7.236  -1.597  -13.731 0.50 16.64 ? 11   GLY A CA  1 
ATOM   89  C  C   A GLY A 1 11 ? -7.597  -2.602  -14.729 0.50 16.23 ? 11   GLY A C   1 
ATOM   90  C  C   B GLY A 1 11 ? -7.546  -2.768  -14.617 0.50 16.83 ? 11   GLY A C   1 
ATOM   91  O  O   A GLY A 1 11 ? -7.930  -3.748  -14.427 0.50 17.94 ? 11   GLY A O   1 
ATOM   92  O  O   B GLY A 1 11 ? -8.032  -3.794  -14.172 0.50 19.57 ? 11   GLY A O   1 
ATOM   93  N  N   A THR A 1 12 ? -7.551  -2.165  -15.972 0.50 17.22 ? 12   THR A N   1 
ATOM   94  N  N   B THR A 1 12 ? -7.245  -2.624  -15.891 0.50 22.13 ? 12   THR A N   1 
ATOM   95  C  CA  A THR A 1 12 ? -7.969  -3.013  -17.051 0.50 18.96 ? 12   THR A CA  1 
ATOM   96  C  CA  B THR A 1 12 ? -7.543  -3.692  -16.811 0.50 20.27 ? 12   THR A CA  1 
ATOM   97  C  C   A THR A 1 12 ? -6.995  -4.178  -17.312 0.50 22.38 ? 12   THR A C   1 
ATOM   98  C  C   B THR A 1 12 ? -6.584  -4.893  -16.815 0.50 20.20 ? 12   THR A C   1 
ATOM   99  O  O   A THR A 1 12 ? -7.219  -4.994  -18.181 0.50 23.69 ? 12   THR A O   1 
ATOM   100 O  O   B THR A 1 12 ? -6.987  -5.941  -17.273 0.50 19.09 ? 12   THR A O   1 
ATOM   101 C  CB  A THR A 1 12 ? -8.316  -2.146  -18.273 0.50 17.84 ? 12   THR A CB  1 
ATOM   102 C  CB  B THR A 1 12 ? -7.677  -3.146  -18.230 0.50 17.42 ? 12   THR A CB  1 
ATOM   103 O  OG1 A THR A 1 12 ? -7.316  -1.143  -18.494 0.50 18.05 ? 12   THR A OG1 1 
ATOM   104 O  OG1 B THR A 1 12 ? -6.425  -2.629  -18.673 0.50 18.23 ? 12   THR A OG1 1 
ATOM   105 C  CG2 A THR A 1 12 ? -9.548  -1.385  -17.971 0.50 19.67 ? 12   THR A CG2 1 
ATOM   106 C  CG2 B THR A 1 12 ? -8.719  -2.016  -18.261 0.50 16.09 ? 12   THR A CG2 1 
ATOM   107 N  N   A VAL A 1 13 ? -5.963  -4.287  -16.473 0.50 25.97 ? 13   VAL A N   1 
ATOM   108 N  N   B VAL A 1 13 ? -5.353  -4.767  -16.309 0.50 17.64 ? 13   VAL A N   1 
ATOM   109 C  CA  A VAL A 1 13 ? -4.891  -5.267  -16.611 0.50 26.66 ? 13   VAL A CA  1 
ATOM   110 C  CA  B VAL A 1 13 ? -4.432  -5.882  -16.459 0.50 18.77 ? 13   VAL A CA  1 
ATOM   111 C  C   A VAL A 1 13 ? -5.136  -6.666  -16.038 0.50 24.84 ? 13   VAL A C   1 
ATOM   112 C  C   B VAL A 1 13 ? -4.860  -7.167  -15.743 0.50 21.31 ? 13   VAL A C   1 
ATOM   113 O  O   A VAL A 1 13 ? -5.193  -7.635  -16.783 0.50 36.06 ? 13   VAL A O   1 
ATOM   114 O  O   B VAL A 1 13 ? -4.957  -8.206  -16.384 0.50 26.86 ? 13   VAL A O   1 
ATOM   115 C  CB  A VAL A 1 13 ? -3.586  -4.701  -16.065 0.50 25.63 ? 13   VAL A CB  1 
ATOM   116 C  CB  B VAL A 1 13 ? -2.970  -5.467  -16.242 0.50 14.99 ? 13   VAL A CB  1 
ATOM   117 C  CG1 A VAL A 1 13 ? -2.751  -4.208  -17.235 0.50 29.87 ? 13   VAL A CG1 1 
ATOM   118 C  CG1 B VAL A 1 13 ? -2.088  -6.678  -16.189 0.50 15.40 ? 13   VAL A CG1 1 
ATOM   119 C  CG2 A VAL A 1 13 ? -3.884  -3.560  -15.127 0.50 19.79 ? 13   VAL A CG2 1 
ATOM   120 C  CG2 B VAL A 1 13 ? -2.568  -4.583  -17.413 0.50 18.62 ? 13   VAL A CG2 1 
ATOM   121 N  N   A PRO A 1 14 ? -5.250  -6.797  -14.719 0.50 25.01 ? 14   PRO A N   1 
ATOM   122 N  N   B PRO A 1 14 ? -5.158  -7.106  -14.438 0.50 23.07 ? 14   PRO A N   1 
ATOM   123 C  CA  A PRO A 1 14 ? -5.017  -5.799  -13.731 0.50 22.04 ? 14   PRO A CA  1 
ATOM   124 C  CA  B PRO A 1 14 ? -4.983  -5.922  -13.681 0.50 20.70 ? 14   PRO A CA  1 
ATOM   125 C  C   A PRO A 1 14 ? -3.651  -5.865  -13.101 0.50 19.22 ? 14   PRO A C   1 
ATOM   126 C  C   B PRO A 1 14 ? -3.620  -5.887  -13.075 0.50 19.18 ? 14   PRO A C   1 
ATOM   127 O  O   A PRO A 1 14 ? -2.882  -6.810  -13.279 0.50 24.40 ? 14   PRO A O   1 
ATOM   128 O  O   B PRO A 1 14 ? -2.808  -6.795  -13.253 0.50 24.46 ? 14   PRO A O   1 
ATOM   129 C  CB  A PRO A 1 14 ? -6.078  -6.084  -12.676 0.50 26.04 ? 14   PRO A CB  1 
ATOM   130 C  CB  B PRO A 1 14 ? -6.048  -6.012  -12.581 0.50 25.16 ? 14   PRO A CB  1 
ATOM   131 C  CG  A PRO A 1 14 ? -6.386  -7.528  -12.827 0.50 27.96 ? 14   PRO A CG  1 
ATOM   132 C  CG  B PRO A 1 14 ? -6.625  -7.373  -12.675 0.50 28.47 ? 14   PRO A CG  1 
ATOM   133 C  CD  A PRO A 1 14 ? -5.868  -7.999  -14.149 0.50 25.67 ? 14   PRO A CD  1 
ATOM   134 C  CD  B PRO A 1 14 ? -5.846  -8.153  -13.685 0.50 26.18 ? 14   PRO A CD  1 
ATOM   135 N  N   . SER A 1 15 ? -3.398  -4.806  -12.369 1.00 16.46 ? 15   SER A N   1 
ATOM   136 C  CA  . SER A 1 15 ? -2.217  -4.593  -11.613 1.00 16.14 ? 15   SER A CA  1 
ATOM   137 C  C   . SER A 1 15 ? -2.505  -4.964  -10.167 1.00 14.80 ? 15   SER A C   1 
ATOM   138 O  O   . SER A 1 15 ? -3.660  -4.903  -9.726  1.00 15.16 ? 15   SER A O   1 
ATOM   139 C  CB  . SER A 1 15 ? -1.888  -3.136  -11.726 1.00 18.04 ? 15   SER A CB  1 
ATOM   140 O  OG  . SER A 1 15 ? -1.574  -2.868  -13.116 1.00 23.61 ? 15   SER A OG  1 
ATOM   141 N  N   . ILE A 1 16 ? -1.465  -5.314  -9.420  1.00 13.71 ? 16   ILE A N   1 
ATOM   142 C  CA  . ILE A 1 16 ? -1.611  -5.692  -8.010  1.00 12.47 ? 16   ILE A CA  1 
ATOM   143 C  C   . ILE A 1 16 ? -0.511  -5.000  -7.226  1.00 12.85 ? 16   ILE A C   1 
ATOM   144 O  O   . ILE A 1 16 ? 0.591   -4.867  -7.734  1.00 13.62 ? 16   ILE A O   1 
ATOM   145 C  CB  . ILE A 1 16 ? -1.446  -7.216  -7.780  1.00 13.69 ? 16   ILE A CB  1 
ATOM   146 C  CG1 . ILE A 1 16 ? -2.337  -8.023  -8.739  1.00 14.66 ? 16   ILE A CG1 1 
ATOM   147 C  CG2 . ILE A 1 16 ? -1.708  -7.611  -6.314  1.00 14.67 ? 16   ILE A CG2 1 
ATOM   148 C  CD1 . ILE A 1 16 ? -1.998  -9.489  -8.775  1.00 15.87 ? 16   ILE A CD1 1 
ATOM   149 N  N   . ALA A 1 17 ? -0.818  -4.573  -6.007  1.00 13.00 ? 17   ALA A N   1 
ATOM   150 C  CA  . ALA A 1 17 ? 0.209   -4.147  -5.069  1.00 12.89 ? 17   ALA A CA  1 
ATOM   151 C  C   . ALA A 1 17 ? 0.037   -4.925  -3.794  1.00 12.73 ? 17   ALA A C   1 
ATOM   152 O  O   . ALA A 1 17 ? -1.053  -4.970  -3.247  1.00 13.43 ? 17   ALA A O   1 
ATOM   153 C  CB  . ALA A 1 17 ? 0.111   -2.656  -4.819  1.00 14.14 ? 17   ALA A CB  1 
ATOM   154 N  N   . VAL A 1 18 ? 1.137   -5.470  -3.295  1.00 12.96 ? 18   VAL A N   1 
ATOM   155 C  CA  . VAL A 1 18 ? 1.163   -6.225  -2.046  1.00 11.18 ? 18   VAL A CA  1 
ATOM   156 C  C   . VAL A 1 18 ? 2.145   -5.530  -1.106  1.00 12.10 ? 18   VAL A C   1 
ATOM   157 O  O   . VAL A 1 18 ? 3.292   -5.339  -1.445  1.00 12.69 ? 18   VAL A O   1 
ATOM   158 C  CB  . VAL A 1 18 ? 1.599   -7.691  -2.261  1.00 12.38 ? 18   VAL A CB  1 
ATOM   159 C  CG1 . VAL A 1 18 ? 1.627   -8.446  -0.944  1.00 13.56 ? 18   VAL A CG1 1 
ATOM   160 C  CG2 . VAL A 1 18 ? 0.663   -8.373  -3.236  1.00 13.64 ? 18   VAL A CG2 1 
ATOM   161 N  N   . TYR A 1 19 ? 1.658   -5.162  0.067   1.00 11.58 ? 19   TYR A N   1 
ATOM   162 C  CA  . TYR A 1 19 ? 2.450   -4.491  1.088   1.00 11.41 ? 19   TYR A CA  1 
ATOM   163 C  C   . TYR A 1 19 ? 2.764   -5.501  2.182   1.00 12.79 ? 19   TYR A C   1 
ATOM   164 O  O   . TYR A 1 19 ? 1.875   -6.201  2.611   1.00 13.12 ? 19   TYR A O   1 
ATOM   165 C  CB  . TYR A 1 19 ? 1.697   -3.271  1.660   1.00 12.35 ? 19   TYR A CB  1 
ATOM   166 C  CG  . TYR A 1 19 ? 1.408   -2.258  0.587   1.00 12.57 ? 19   TYR A CG  1 
ATOM   167 C  CD1 . TYR A 1 19 ? 0.326   -2.383  -0.235  1.00 13.60 ? 19   TYR A CD1 1 
ATOM   168 C  CD2 . TYR A 1 19 ? 2.336   -1.289  0.296   1.00 14.76 ? 19   TYR A CD2 1 
ATOM   169 C  CE1 . TYR A 1 19 ? 0.131   -1.525  -1.303  1.00 14.24 ? 19   TYR A CE1 1 
ATOM   170 C  CE2 . TYR A 1 19 ? 2.166   -0.428  -0.758  1.00 15.20 ? 19   TYR A CE2 1 
ATOM   171 C  CZ  . TYR A 1 19 ? 1.067   -0.574  -1.561  1.00 13.05 ? 19   TYR A CZ  1 
ATOM   172 O  OH  . TYR A 1 19 ? 0.896   0.258   -2.654  1.00 15.35 ? 19   TYR A OH  1 
ATOM   173 N  N   . THR A 1 20 ? 4.021   -5.592  2.621   1.00 11.78 ? 20   THR A N   1 
ATOM   174 C  CA  . THR A 1 20 ? 4.410   -6.547  3.663   1.00 12.24 ? 20   THR A CA  1 
ATOM   175 C  C   . THR A 1 20 ? 5.071   -5.839  4.803   1.00 12.77 ? 20   THR A C   1 
ATOM   176 O  O   . THR A 1 20 ? 6.015   -5.105  4.569   1.00 13.72 ? 20   THR A O   1 
ATOM   177 C  CB  . THR A 1 20 ? 5.401   -7.563  3.110   1.00 13.83 ? 20   THR A CB  1 
ATOM   178 O  OG1 . THR A 1 20 ? 4.774   -8.276  2.038   1.00 13.87 ? 20   THR A OG1 1 
ATOM   179 C  CG2 . THR A 1 20 ? 5.852   -8.530  4.188   1.00 15.02 ? 20   THR A CG2 1 
ATOM   180 N  N   . ALA A 1 21 ? 4.584   -6.063  6.022   1.00 12.45 ? 21   ALA A N   1 
ATOM   181 C  CA  . ALA A 1 21 ? 5.236   -5.572  7.256   1.00 13.20 ? 21   ALA A CA  1 
ATOM   182 C  C   . ALA A 1 21 ? 6.150   -6.674  7.789   1.00 14.64 ? 21   ALA A C   1 
ATOM   183 O  O   . ALA A 1 21 ? 5.701   -7.773  8.089   1.00 14.15 ? 21   ALA A O   1 
ATOM   184 C  CB  . ALA A 1 21 ? 4.192   -5.225  8.287   1.00 15.13 ? 21   ALA A CB  1 
ATOM   185 N  N   . ASN A 1 22 ? 7.426   -6.350  7.904   1.00 15.91 ? 22   ASN A N   1 
ATOM   186 C  CA  . ASN A 1 22 ? 8.414   -7.266  8.417   1.00 17.40 ? 22   ASN A CA  1 
ATOM   187 C  C   . ASN A 1 22 ? 9.507   -6.481  9.108   1.00 19.24 ? 22   ASN A C   1 
ATOM   188 O  O   . ASN A 1 22 ? 10.005  -5.524  8.556   1.00 19.09 ? 22   ASN A O   1 
ATOM   189 C  CB  . ASN A 1 22 ? 9.039   -8.014  7.282   1.00 19.79 ? 22   ASN A CB  1 
ATOM   190 C  CG  . ASN A 1 22 ? 10.005  -9.056  7.750   1.00 21.71 ? 22   ASN A CG  1 
ATOM   191 O  OD1 . ASN A 1 22 ? 9.898   -9.587  8.855   1.00 24.36 ? 22   ASN A OD1 1 
ATOM   192 N  ND2 . ASN A 1 22 ? 10.890  -9.412  6.877   1.00 26.92 ? 22   ASN A ND2 1 
ATOM   193 N  N   . ASN A 1 23 ? 9.865   -6.874  10.312  1.00 23.12 ? 23   ASN A N   1 
ATOM   194 C  CA  . ASN A 1 23 ? 11.010  -6.239  11.013  1.00 25.86 ? 23   ASN A CA  1 
ATOM   195 C  C   . ASN A 1 23 ? 10.784  -4.741  11.234  1.00 21.61 ? 23   ASN A C   1 
ATOM   196 O  O   . ASN A 1 23 ? 11.708  -3.943  11.187  1.00 24.49 ? 23   ASN A O   1 
ATOM   197 C  CB  . ASN A 1 23 ? 12.314  -6.403  10.210  1.00 23.78 ? 23   ASN A CB  1 
ATOM   198 C  CG  . ASN A 1 23 ? 12.853  -7.813  10.225  1.00 30.31 ? 23   ASN A CG  1 
ATOM   199 O  OD1 . ASN A 1 23 ? 12.797  -8.521  11.246  1.00 36.14 ? 23   ASN A OD1 1 
ATOM   200 N  ND2 . ASN A 1 23 ? 13.431  -8.224  9.093   1.00 37.13 ? 23   ASN A ND2 1 
ATOM   201 N  N   . GLY A 1 24 ? 9.515   -4.361  11.320  1.00 21.63 ? 24   GLY A N   1 
ATOM   202 C  CA  . GLY A 1 24 ? 9.172   -2.988  11.621  1.00 21.64 ? 24   GLY A CA  1 
ATOM   203 C  C   . GLY A 1 24 ? 9.057   -2.083  10.420  1.00 19.86 ? 24   GLY A C   1 
ATOM   204 O  O   . GLY A 1 24 ? 8.815   -0.889  10.587  1.00 21.32 ? 24   GLY A O   1 
ATOM   205 N  N   . LYS A 1 25 ? 9.252   -2.617  9.211   1.00 18.12 ? 25   LYS A N   1 
ATOM   206 C  CA  . LYS A 1 25 ? 9.150   -1.852  7.981   1.00 19.21 ? 25   LYS A CA  1 
ATOM   207 C  C   . LYS A 1 25 ? 8.160   -2.468  7.016   1.00 17.44 ? 25   LYS A C   1 
ATOM   208 O  O   . LYS A 1 25 ? 8.048   -3.675  6.933   1.00 17.24 ? 25   LYS A O   1 
ATOM   209 C  CB  . LYS A 1 25 ? 10.505  -1.799  7.301   1.00 27.66 ? 25   LYS A CB  1 
ATOM   210 C  CG  . LYS A 1 25 ? 11.583  -1.173  8.186   1.00 33.82 ? 25   LYS A CG  1 
ATOM   211 C  CD  . LYS A 1 25 ? 12.028  0.190   7.678   1.00 44.16 ? 25   LYS A CD  1 
ATOM   212 C  CE  . LYS A 1 25 ? 10.909  1.230   7.696   1.00 41.57 ? 25   LYS A CE  1 
ATOM   213 N  NZ  . LYS A 1 25 ? 11.138  2.382   6.772   1.00 42.66 ? 25   LYS A NZ  1 
ATOM   214 N  N   . ILE A 1 26 ? 7.442   -1.629  6.308   1.00 15.08 ? 26   ILE A N   1 
ATOM   215 C  CA  . ILE A 1 26 ? 6.521   -2.032  5.244   1.00 14.16 ? 26   ILE A CA  1 
ATOM   216 C  C   . ILE A 1 26 ? 7.208   -1.743  3.935   1.00 13.74 ? 26   ILE A C   1 
ATOM   217 O  O   . ILE A 1 26 ? 7.652   -0.629  3.710   1.00 18.38 ? 26   ILE A O   1 
ATOM   218 C  CB  . ILE A 1 26 ? 5.156   -1.325  5.346   1.00 14.60 ? 26   ILE A CB  1 
ATOM   219 C  CG1 . ILE A 1 26 ? 4.481   -1.668  6.658   1.00 16.11 ? 26   ILE A CG1 1 
ATOM   220 C  CG2 . ILE A 1 26 ? 4.253   -1.734  4.184   1.00 15.72 ? 26   ILE A CG2 1 
ATOM   221 C  CD1 . ILE A 1 26 ? 3.454   -0.657  7.103   1.00 16.39 ? 26   ILE A CD1 1 
ATOM   222 N  N   . THR A 1 27 ? 7.245   -2.756  3.070   1.00 13.82 ? 27   THR A N   1 
ATOM   223 C  CA  . THR A 1 27 ? 7.712   -2.621  1.697   1.00 16.19 ? 27   THR A CA  1 
ATOM   224 C  C   . THR A 1 27 ? 6.600   -3.080  0.741   1.00 14.39 ? 27   THR A C   1 
ATOM   225 O  O   . THR A 1 27 ? 5.554   -3.614  1.170   1.00 14.78 ? 27   THR A O   1 
ATOM   226 C  CB  . THR A 1 27 ? 8.995   -3.422  1.495   1.00 18.90 ? 27   THR A CB  1 
ATOM   227 O  OG1 . THR A 1 27 ? 8.750   -4.794  1.786   1.00 20.14 ? 27   THR A OG1 1 
ATOM   228 C  CG2 . THR A 1 27 ? 10.108  -2.949  2.407   1.00 20.49 ? 27   THR A CG2 1 
ATOM   229 N  N   . GLU A 1 28 ? 6.807   -2.835  -0.526  1.00 13.89 ? 28   GLU A N   1 
ATOM   230 C  CA  . GLU A 1 28 ? 5.800   -2.940  -1.562  1.00 12.55 ? 28   GLU A CA  1 
ATOM   231 C  C   . GLU A 1 28 ? 6.307   -3.732  -2.742  1.00 13.60 ? 28   GLU A C   1 
ATOM   232 O  O   . GLU A 1 28 ? 7.421   -3.506  -3.212  1.00 15.27 ? 28   GLU A O   1 
ATOM   233 C  CB  . GLU A 1 28 ? 5.428   -1.537  -1.999  1.00 15.44 ? 28   GLU A CB  1 
ATOM   234 C  CG  . GLU A 1 28 ? 4.441   -1.430  -3.138  1.00 15.91 ? 28   GLU A CG  1 
ATOM   235 C  CD  . GLU A 1 28 ? 4.311   -0.007  -3.636  1.00 17.10 ? 28   GLU A CD  1 
ATOM   236 O  OE1 . GLU A 1 28 ? 5.319   0.715   -3.629  1.00 19.73 ? 28   GLU A OE1 1 
ATOM   237 O  OE2 . GLU A 1 28 ? 3.224   0.420   -4.022  1.00 18.99 ? 28   GLU A OE2 1 
ATOM   238 N  N   . ARG A 1 29 ? 5.502   -4.671  -3.207  1.00 13.45 ? 29   ARG A N   1 
ATOM   239 C  CA  . ARG A 1 29 ? 5.754   -5.405  -4.426  1.00 12.14 ? 29   ARG A CA  1 
ATOM   240 C  C   . ARG A 1 29 ? 4.573   -5.232  -5.370  1.00 13.51 ? 29   ARG A C   1 
ATOM   241 O  O   . ARG A 1 29 ? 3.435   -5.266  -4.926  1.00 14.51 ? 29   ARG A O   1 
ATOM   242 C  CB  . ARG A 1 29 ? 6.005   -6.884  -4.145  1.00 13.67 ? 29   ARG A CB  1 
ATOM   243 C  CG  . ARG A 1 29 ? 7.258   -7.147  -3.334  1.00 14.67 ? 29   ARG A CG  1 
ATOM   244 C  CD  . ARG A 1 29 ? 8.491   -7.103  -4.238  1.00 16.35 ? 29   ARG A CD  1 
ATOM   245 N  NE  . ARG A 1 29 ? 8.683   -8.344  -4.992  1.00 15.36 ? 29   ARG A NE  1 
ATOM   246 C  CZ  . ARG A 1 29 ? 9.630   -8.535  -5.896  1.00 15.45 ? 29   ARG A CZ  1 
ATOM   247 N  NH1 . ARG A 1 29 ? 10.422  -7.552  -6.238  1.00 18.12 ? 29   ARG A NH1 1 
ATOM   248 N  NH2 . ARG A 1 29 ? 9.781   -9.705  -6.480  1.00 18.49 ? 29   ARG A NH2 1 
ATOM   249 N  N   . CYS A 1 30 ? 4.846   -5.042  -6.653  1.00 13.99 ? 30   CYS A N   1 
ATOM   250 C  CA  . CYS A 1 30 ? 3.859   -4.690  -7.620  1.00 14.76 ? 30   CYS A CA  1 
ATOM   251 C  C   . CYS A 1 30 ? 3.919   -5.619  -8.810  1.00 13.76 ? 30   CYS A C   1 
ATOM   252 O  O   . CYS A 1 30 ? 4.996   -6.020  -9.237  1.00 15.37 ? 30   CYS A O   1 
ATOM   253 C  CB  . CYS A 1 30 ? 4.168   -3.301  -8.150  1.00 15.62 ? 30   CYS A CB  1 
ATOM   254 S  SG  . CYS A 1 30 ? 4.315   -1.993  -6.950  1.00 20.58 ? 30   CYS A SG  1 
ATOM   255 N  N   . TRP A 1 31 ? 2.751   -5.966  -9.322  1.00 14.01 ? 31   TRP A N   1 
ATOM   256 C  CA  . TRP A 1 31 ? 2.563   -6.816  -10.521 1.00 13.63 ? 31   TRP A CA  1 
ATOM   257 C  C   . TRP A 1 31 ? 1.900   -6.002  -11.599 1.00 14.98 ? 31   TRP A C   1 
ATOM   258 O  O   . TRP A 1 31 ? 0.924   -5.325  -11.351 1.00 14.72 ? 31   TRP A O   1 
ATOM   259 C  CB  . TRP A 1 31 ? 1.641   -7.976  -10.151 1.00 15.90 ? 31   TRP A CB  1 
ATOM   260 C  CG  . TRP A 1 31 ? 1.171   -8.804  -11.332 1.00 17.26 ? 31   TRP A CG  1 
ATOM   261 C  CD1 . TRP A 1 31 ? -0.041  -8.718  -11.973 1.00 19.54 ? 31   TRP A CD1 1 
ATOM   262 C  CD2 . TRP A 1 31 ? 1.905   -9.800  -12.023 1.00 19.51 ? 31   TRP A CD2 1 
ATOM   263 N  NE1 . TRP A 1 31 ? -0.086  -9.591  -13.019 1.00 21.86 ? 31   TRP A NE1 1 
ATOM   264 C  CE2 . TRP A 1 31 ? 1.071   -10.301 -13.044 1.00 19.52 ? 31   TRP A CE2 1 
ATOM   265 C  CE3 . TRP A 1 31 ? 3.151   -10.352 -11.855 1.00 18.32 ? 31   TRP A CE3 1 
ATOM   266 C  CZ2 . TRP A 1 31 ? 1.488   -11.297 -13.932 1.00 22.96 ? 31   TRP A CZ2 1 
ATOM   267 C  CZ3 . TRP A 1 31 ? 3.555   -11.347 -12.703 1.00 20.79 ? 31   TRP A CZ3 1 
ATOM   268 C  CH2 . TRP A 1 31 ? 2.741   -11.807 -13.738 1.00 23.21 ? 31   TRP A CH2 1 
ATOM   269 N  N   . ASP A 1 32 ? 2.452   -6.077  -12.811 1.00 18.48 ? 32   ASP A N   1 
ATOM   270 C  CA  . ASP A 1 32 ? 1.990   -5.288  -13.931 1.00 17.33 ? 32   ASP A CA  1 
ATOM   271 C  C   . ASP A 1 32 ? 1.443   -6.124  -15.080 1.00 19.10 ? 32   ASP A C   1 
ATOM   272 O  O   . ASP A 1 32 ? 1.237   -5.618  -16.175 1.00 21.83 ? 32   ASP A O   1 
ATOM   273 C  CB  . ASP A 1 32 ? 3.148   -4.433  -14.430 1.00 18.35 ? 32   ASP A CB  1 
ATOM   274 C  CG  . ASP A 1 32 ? 4.314   -5.269  -14.999 1.00 19.06 ? 32   ASP A CG  1 
ATOM   275 O  OD1 . ASP A 1 32 ? 4.330   -6.501  -14.869 1.00 19.14 ? 32   ASP A OD1 1 
ATOM   276 O  OD2 . ASP A 1 32 ? 5.250   -4.658  -15.601 1.00 22.70 ? 32   ASP A OD2 1 
ATOM   277 N  N   . GLY A 1 33 ? 1.253   -7.408  -14.840 1.00 20.51 ? 33   GLY A N   1 
ATOM   278 C  CA  . GLY A 1 33 ? 0.815   -8.348  -15.868 1.00 21.77 ? 33   GLY A CA  1 
ATOM   279 C  C   . GLY A 1 33 ? 1.941   -9.191  -16.436 1.00 23.60 ? 33   GLY A C   1 
ATOM   280 O  O   . GLY A 1 33 ? 1.686   -10.206 -17.113 1.00 25.94 ? 33   GLY A O   1 
ATOM   281 N  N   . LYS A 1 34 ? 3.171   -8.793  -16.154 1.00 23.17 ? 34   LYS A N   1 
ATOM   282 C  CA  . LYS A 1 34 ? 4.361   -9.476  -16.640 1.00 24.40 ? 34   LYS A CA  1 
ATOM   283 C  C   . LYS A 1 34 ? 5.312   -9.985  -15.559 1.00 22.98 ? 34   LYS A C   1 
ATOM   284 O  O   . LYS A 1 34 ? 5.861   -11.098 -15.659 1.00 25.62 ? 34   LYS A O   1 
ATOM   285 C  CB  . LYS A 1 34 ? 5.094   -8.516  -17.585 1.00 26.44 ? 34   LYS A CB  1 
ATOM   286 C  CG  . LYS A 1 34 ? 6.377   -9.070  -18.173 1.00 31.73 ? 34   LYS A CG  1 
ATOM   287 C  CD  . LYS A 1 34 ? 6.814   -8.308  -19.417 1.00 37.41 ? 34   LYS A CD  1 
ATOM   288 C  CE  . LYS A 1 34 ? 7.592   -9.215  -20.367 1.00 38.77 ? 34   LYS A CE  1 
ATOM   289 N  NZ  . LYS A 1 34 ? 6.704   -10.049 -21.265 1.00 47.62 ? 34   LYS A NZ  1 
ATOM   290 N  N   . GLY A 1 35 ? 5.573   -9.163  -14.553 1.00 20.31 ? 35   GLY A N   1 
ATOM   291 C  CA  . GLY A 1 35 ? 6.465   -9.555  -13.505 1.00 20.14 ? 35   GLY A CA  1 
ATOM   292 C  C   . GLY A 1 35 ? 6.208   -8.749  -12.252 1.00 18.52 ? 35   GLY A C   1 
ATOM   293 O  O   . GLY A 1 35 ? 5.433   -7.791  -12.272 1.00 20.21 ? 35   GLY A O   1 
ATOM   294 N  N   . TRP A 1 36 ? 6.810   -9.215  -11.168 1.00 15.92 ? 36   TRP A N   1 
ATOM   295 C  CA  . TRP A 1 36 ? 6.788   -8.525  -9.885  1.00 16.23 ? 36   TRP A CA  1 
ATOM   296 C  C   . TRP A 1 36 ? 8.016   -7.664  -9.757  1.00 17.63 ? 36   TRP A C   1 
ATOM   297 O  O   . TRP A 1 36 ? 9.134   -8.097  -10.055 1.00 18.79 ? 36   TRP A O   1 
ATOM   298 C  CB  . TRP A 1 36 ? 6.748   -9.527  -8.732  1.00 17.10 ? 36   TRP A CB  1 
ATOM   299 C  CG  . TRP A 1 36 ? 5.419   -10.227 -8.632  1.00 15.07 ? 36   TRP A CG  1 
ATOM   300 C  CD1 . TRP A 1 36 ? 5.087   -11.430 -9.186  1.00 16.15 ? 36   TRP A CD1 1 
ATOM   301 C  CD2 . TRP A 1 36 ? 4.262   -9.757  -7.949  1.00 14.30 ? 36   TRP A CD2 1 
ATOM   302 N  NE1 . TRP A 1 36 ? 3.784   -11.744 -8.877  1.00 15.58 ? 36   TRP A NE1 1 
ATOM   303 C  CE2 . TRP A 1 36 ? 3.262   -10.730 -8.107  1.00 14.85 ? 36   TRP A CE2 1 
ATOM   304 C  CE3 . TRP A 1 36 ? 3.984   -8.632  -7.200  1.00 14.27 ? 36   TRP A CE3 1 
ATOM   305 C  CZ2 . TRP A 1 36 ? 1.992   -10.589 -7.563  1.00 15.20 ? 36   TRP A CZ2 1 
ATOM   306 C  CZ3 . TRP A 1 36 ? 2.728   -8.491  -6.663  1.00 14.21 ? 36   TRP A CZ3 1 
ATOM   307 C  CH2 . TRP A 1 36 ? 1.742   -9.486  -6.834  1.00 14.16 ? 36   TRP A CH2 1 
ATOM   308 N  N   . TYR A 1 37 ? 7.828   -6.461  -9.270  1.00 14.81 ? 37   TYR A N   1 
ATOM   309 C  CA  . TYR A 1 37 ? 8.932   -5.546  -8.975  1.00 15.06 ? 37   TYR A CA  1 
ATOM   310 C  C   . TYR A 1 37 ? 8.720   -4.855  -7.634  1.00 15.88 ? 37   TYR A C   1 
ATOM   311 O  O   . TYR A 1 37 ? 7.640   -4.888  -7.083  1.00 15.70 ? 37   TYR A O   1 
ATOM   312 C  CB  . TYR A 1 37 ? 9.136   -4.497  -10.087 1.00 18.26 ? 37   TYR A CB  1 
ATOM   313 C  CG  . TYR A 1 37 ? 7.991   -3.585  -10.301 1.00 17.12 ? 37   TYR A CG  1 
ATOM   314 C  CD1 . TYR A 1 37 ? 6.975   -3.910  -11.185 1.00 19.03 ? 37   TYR A CD1 1 
ATOM   315 C  CD2 . TYR A 1 37 ? 7.929   -2.360  -9.662  1.00 18.61 ? 37   TYR A CD2 1 
ATOM   316 C  CE1 . TYR A 1 37 ? 5.919   -3.048  -11.405 1.00 17.39 ? 37   TYR A CE1 1 
ATOM   317 C  CE2 . TYR A 1 37 ? 6.869   -1.511  -9.859  1.00 20.48 ? 37   TYR A CE2 1 
ATOM   318 C  CZ  . TYR A 1 37 ? 5.868   -1.878  -10.737 1.00 19.18 ? 37   TYR A CZ  1 
ATOM   319 O  OH  . TYR A 1 37 ? 4.799   -1.060  -10.962 1.00 23.50 ? 37   TYR A OH  1 
ATOM   320 N  N   . THR A 1 38 ? 9.770   -4.280  -7.083  1.00 15.07 ? 38   THR A N   1 
ATOM   321 C  CA  . THR A 1 38 ? 9.694   -3.586  -5.811  1.00 16.78 ? 38   THR A CA  1 
ATOM   322 C  C   . THR A 1 38 ? 9.328   -2.137  -6.037  1.00 15.48 ? 38   THR A C   1 
ATOM   323 O  O   . THR A 1 38 ? 9.970   -1.395  -6.783  1.00 18.60 ? 38   THR A O   1 
ATOM   324 C  CB  . THR A 1 38 ? 10.989  -3.745  -5.009  1.00 16.75 ? 38   THR A CB  1 
ATOM   325 O  OG1 . THR A 1 38 ? 11.207  -5.142  -4.814  1.00 18.92 ? 38   THR A OG1 1 
ATOM   326 C  CG2 . THR A 1 38 ? 10.962  -3.038  -3.686  1.00 18.05 ? 38   THR A CG2 1 
ATOM   327 N  N   . GLY A 1 39 ? 8.279   -1.735  -5.346  1.00 15.17 ? 39   GLY A N   1 
ATOM   328 C  CA  . GLY A 1 39 ? 7.764   -0.403  -5.391  1.00 17.43 ? 39   GLY A CA  1 
ATOM   329 C  C   . GLY A 1 39 ? 8.581   0.535   -4.549  1.00 18.29 ? 39   GLY A C   1 
ATOM   330 O  O   . GLY A 1 39 ? 9.489   0.114   -3.834  1.00 17.42 ? 39   GLY A O   1 
ATOM   331 N  N   . ALA A 1 40 ? 8.256   1.821   -4.649  1.00 18.57 ? 40   ALA A N   1 
ATOM   332 C  CA  . ALA A 1 40 ? 8.970   2.838   -3.906  1.00 19.18 ? 40   ALA A CA  1 
ATOM   333 C  C   . ALA A 1 40 ? 8.618   2.905   -2.428  1.00 17.67 ? 40   ALA A C   1 
ATOM   334 O  O   . ALA A 1 40 ? 9.367   3.509   -1.653  1.00 21.89 ? 40   ALA A O   1 
ATOM   335 C  CB  . ALA A 1 40 ? 8.698   4.209   -4.513  1.00 21.43 ? 40   ALA A CB  1 
ATOM   336 N  N   . PHE A 1 41 ? 7.492   2.350   -2.028  1.00 18.02 ? 41   PHE A N   1 
ATOM   337 C  CA  . PHE A 1 41 ? 7.029   2.554   -0.678  1.00 17.91 ? 41   PHE A CA  1 
ATOM   338 C  C   . PHE A 1 41 ? 7.894   1.844   0.351   1.00 16.91 ? 41   PHE A C   1 
ATOM   339 O  O   . PHE A 1 41 ? 8.076   0.608   0.275   1.00 16.83 ? 41   PHE A O   1 
ATOM   340 C  CB  . PHE A 1 41 ? 5.613   2.044   -0.526  1.00 17.73 ? 41   PHE A CB  1 
ATOM   341 C  CG  . PHE A 1 41 ? 5.016   2.387   0.791   1.00 16.59 ? 41   PHE A CG  1 
ATOM   342 C  CD1 . PHE A 1 41 ? 4.619   3.693   1.058   1.00 19.48 ? 41   PHE A CD1 1 
ATOM   343 C  CD2 . PHE A 1 41 ? 4.917   1.459   1.793   1.00 16.57 ? 41   PHE A CD2 1 
ATOM   344 C  CE1 . PHE A 1 41 ? 4.076   4.033   2.278   1.00 18.28 ? 41   PHE A CE1 1 
ATOM   345 C  CE2 . PHE A 1 41 ? 4.330   1.803   3.013   1.00 17.29 ? 41   PHE A CE2 1 
ATOM   346 C  CZ  . PHE A 1 41 ? 3.897   3.077   3.254   1.00 16.67 ? 41   PHE A CZ  1 
ATOM   347 N  N   . ASN A 1 42 ? 8.332   2.608   1.361   1.00 17.64 ? 42   ASN A N   1 
ATOM   348 C  CA  . ASN A 1 42 ? 9.123   2.045   2.418   1.00 18.76 ? 42   ASN A CA  1 
ATOM   349 C  C   . ASN A 1 42 ? 8.953   2.924   3.638   1.00 18.28 ? 42   ASN A C   1 
ATOM   350 O  O   . ASN A 1 42 ? 9.557   3.995   3.718   1.00 20.72 ? 42   ASN A O   1 
ATOM   351 C  CB  . ASN A 1 42 ? 10.607  1.913   1.997   1.00 22.67 ? 42   ASN A CB  1 
ATOM   352 C  CG  . ASN A 1 42 ? 11.419  1.051   2.979   1.00 31.69 ? 42   ASN A CG  1 
ATOM   353 O  OD1 . ASN A 1 42 ? 11.428  1.310   4.179   1.00 41.57 ? 42   ASN A OD1 1 
ATOM   354 N  ND2 . ASN A 1 42 ? 12.109  0.016   2.465   1.00 39.79 ? 42   ASN A ND2 1 
ATOM   355 N  N   . GLU A 1 43 ? 8.095   2.488   4.562   1.00 16.00 ? 43   GLU A N   1 
ATOM   356 C  CA  . GLU A 1 43 ? 7.808   3.259   5.762   1.00 15.82 ? 43   GLU A CA  1 
ATOM   357 C  C   . GLU A 1 43 ? 7.644   2.309   6.945   1.00 15.32 ? 43   GLU A C   1 
ATOM   358 O  O   . GLU A 1 43 ? 7.364   1.118   6.767   1.00 15.25 ? 43   GLU A O   1 
ATOM   359 C  CB  . GLU A 1 43 ? 6.545   4.099   5.629   1.00 16.50 ? 43   GLU A CB  1 
ATOM   360 C  CG  . GLU A 1 43 ? 6.595   5.206   4.568   1.00 18.35 ? 43   GLU A CG  1 
ATOM   361 C  CD  . GLU A 1 43 ? 7.725   6.221   4.761   1.00 21.23 ? 43   GLU A CD  1 
ATOM   362 O  OE1 . GLU A 1 43 ? 8.200   6.391   5.893   1.00 19.88 ? 43   GLU A OE1 1 
ATOM   363 O  OE2 . GLU A 1 43 ? 8.143   6.855   3.736   1.00 23.57 ? 43   GLU A OE2 1 
ATOM   364 N  N   . PRO A 1 44 ? 7.817   2.801   8.164   1.00 14.86 ? 44   PRO A N   1 
ATOM   365 C  CA  . PRO A 1 44 ? 7.693   1.919   9.339   1.00 15.72 ? 44   PRO A CA  1 
ATOM   366 C  C   . PRO A 1 44 ? 6.300   1.399   9.574   1.00 15.11 ? 44   PRO A C   1 
ATOM   367 O  O   . PRO A 1 44 ? 5.317   2.112   9.347   1.00 15.85 ? 44   PRO A O   1 
ATOM   368 C  CB  . PRO A 1 44 ? 8.079   2.811   10.533  1.00 19.70 ? 44   PRO A CB  1 
ATOM   369 C  CG  . PRO A 1 44 ? 8.662   4.014   9.951   1.00 20.13 ? 44   PRO A CG  1 
ATOM   370 C  CD  . PRO A 1 44 ? 8.251   4.156   8.523   1.00 15.97 ? 44   PRO A CD  1 
ATOM   371 N  N   . GLY A 1 45 ? 6.217   0.185   10.049  1.00 15.09 ? 45   GLY A N   1 
ATOM   372 C  CA  . GLY A 1 45 ? 4.983   -0.341  10.509  1.00 14.14 ? 45   GLY A CA  1 
ATOM   373 C  C   . GLY A 1 45 ? 5.107   -1.770  10.846  1.00 13.46 ? 45   GLY A C   1 
ATOM   374 O  O   . GLY A 1 45 ? 5.893   -2.477  10.238  1.00 14.86 ? 45   GLY A O   1 
ATOM   375 N  N   . ASP A 1 46 ? 4.314   -2.210  11.798  1.00 13.54 ? 46   ASP A N   1 
ATOM   376 C  CA  . ASP A 1 46 ? 4.200   -3.587  12.183  1.00 14.47 ? 46   ASP A CA  1 
ATOM   377 C  C   . ASP A 1 46 ? 2.904   -4.234  11.703  1.00 14.99 ? 46   ASP A C   1 
ATOM   378 O  O   . ASP A 1 46 ? 2.855   -5.394  11.595  1.00 18.32 ? 46   ASP A O   1 
ATOM   379 C  CB  . ASP A 1 46 ? 4.265   -3.730  13.710  1.00 14.63 ? 46   ASP A CB  1 
ATOM   380 C  CG  . ASP A 1 46 ? 5.664   -3.596  14.259  1.00 19.84 ? 46   ASP A CG  1 
ATOM   381 O  OD1 . ASP A 1 46 ? 6.645   -3.901  13.559  1.00 26.51 ? 46   ASP A OD1 1 
ATOM   382 O  OD2 . ASP A 1 46 ? 5.803   -3.212  15.402  1.00 25.48 ? 46   ASP A OD2 1 
ATOM   383 N  N   . ASN A 1 47 ? 1.895   -3.465  11.414  1.00 14.07 ? 47   ASN A N   1 
ATOM   384 C  CA  . ASN A 1 47 ? 0.646   -3.920  10.842  1.00 13.66 ? 47   ASN A CA  1 
ATOM   385 C  C   . ASN A 1 47 ? 0.310   -3.022  9.665   1.00 13.73 ? 47   ASN A C   1 
ATOM   386 O  O   . ASN A 1 47 ? 0.620   -1.857  9.695   1.00 13.85 ? 47   ASN A O   1 
ATOM   387 C  CB  . ASN A 1 47 ? -0.467  -3.858  11.876  1.00 16.62 ? 47   ASN A CB  1 
ATOM   388 C  CG  . ASN A 1 47 ? -1.849  -4.099  11.286  1.00 20.06 ? 47   ASN A CG  1 
ATOM   389 O  OD1 . ASN A 1 47 ? -2.648  -3.172  10.938  1.00 19.76 ? 47   ASN A OD1 1 
ATOM   390 N  ND2 . ASN A 1 47 ? -2.170  -5.376  11.160  1.00 21.97 ? 47   ASN A ND2 1 
ATOM   391 N  N   . VAL A 1 48 ? -0.306  -3.570  8.626   1.00 13.45 ? 48   VAL A N   1 
ATOM   392 C  CA  . VAL A 1 48 ? -0.652  -2.807  7.439   1.00 12.24 ? 48   VAL A CA  1 
ATOM   393 C  C   . VAL A 1 48 ? -2.026  -3.215  6.912   1.00 12.80 ? 48   VAL A C   1 
ATOM   394 O  O   . VAL A 1 48 ? -2.418  -4.384  6.950   1.00 12.60 ? 48   VAL A O   1 
ATOM   395 C  CB  . VAL A 1 48 ? 0.447   -2.988  6.376   1.00 13.67 ? 48   VAL A CB  1 
ATOM   396 C  CG1 . VAL A 1 48 ? 0.622   -4.449  5.965   1.00 13.60 ? 48   VAL A CG1 1 
ATOM   397 C  CG2 . VAL A 1 48 ? 0.205   -2.077  5.192   1.00 15.34 ? 48   VAL A CG2 1 
ATOM   398 N  N   . SER A 1 49 ? -2.775  -2.211  6.468   1.00 11.69 ? 49   SER A N   1 
ATOM   399 C  CA  . SER A 1 49 ? -3.947  -2.421  5.660   1.00 10.64 ? 49   SER A CA  1 
ATOM   400 C  C   . SER A 1 49 ? -3.877  -1.480  4.473   1.00 10.97 ? 49   SER A C   1 
ATOM   401 O  O   . SER A 1 49 ? -3.113  -0.509  4.469   1.00 12.25 ? 49   SER A O   1 
ATOM   402 C  CB  . SER A 1 49 ? -5.258  -2.231  6.436   1.00 13.33 ? 49   SER A CB  1 
ATOM   403 O  OG  . SER A 1 49 ? -5.466  -0.899  6.827   1.00 14.01 ? 49   SER A OG  1 
ATOM   404 N  N   . VAL A 1 50 ? -4.712  -1.729  3.473   1.00 11.84 ? 50   VAL A N   1 
ATOM   405 C  CA  . VAL A 1 50 ? -4.679  -0.932  2.254   1.00 11.36 ? 50   VAL A CA  1 
ATOM   406 C  C   . VAL A 1 50 ? -6.052  -0.887  1.605   1.00 11.47 ? 50   VAL A C   1 
ATOM   407 O  O   . VAL A 1 50 ? -6.862  -1.827  1.720   1.00 12.49 ? 50   VAL A O   1 
ATOM   408 C  CB  . VAL A 1 50 ? -3.637  -1.545  1.253   1.00 11.77 ? 50   VAL A CB  1 
ATOM   409 C  CG1 . VAL A 1 50 ? -4.097  -2.914  0.707   1.00 12.57 ? 50   VAL A CG1 1 
ATOM   410 C  CG2 . VAL A 1 50 ? -3.361  -0.599  0.089   1.00 12.81 ? 50   VAL A CG2 1 
ATOM   411 N  N   . THR A 1 51 ? -6.301  0.208   0.884   1.00 11.79 ? 51   THR A N   1 
ATOM   412 C  CA  . THR A 1 51 ? -7.409  0.264   -0.053  1.00 11.36 ? 51   THR A CA  1 
ATOM   413 C  C   . THR A 1 51 ? -6.968  1.141   -1.230  1.00 13.39 ? 51   THR A C   1 
ATOM   414 O  O   . THR A 1 51 ? -5.960  1.856   -1.140  1.00 13.24 ? 51   THR A O   1 
ATOM   415 C  CB  . THR A 1 51 ? -8.711  0.753   0.631   1.00 12.37 ? 51   THR A CB  1 
ATOM   416 O  OG1 . THR A 1 51 ? -9.830  0.550   -0.252  1.00 14.21 ? 51   THR A OG1 1 
ATOM   417 C  CG2 . THR A 1 51 ? -8.642  2.204   0.988   1.00 14.51 ? 51   THR A CG2 1 
ATOM   418 N  N   . SER A 1 52 ? -7.684  1.073   -2.337  1.00 12.60 ? 52   SER A N   1 
ATOM   419 C  CA  . SER A 1 52 ? -7.327  1.871   -3.502  1.00 13.02 ? 52   SER A CA  1 
ATOM   420 C  C   . SER A 1 52 ? -8.529  2.131   -4.389  1.00 13.23 ? 52   SER A C   1 
ATOM   421 O  O   . SER A 1 52 ? -9.527  1.407   -4.323  1.00 13.21 ? 52   SER A O   1 
ATOM   422 C  CB  . SER A 1 52 ? -6.247  1.162   -4.291  1.00 12.90 ? 52   SER A CB  1 
ATOM   423 O  OG  . SER A 1 52 ? -6.736  -0.016  -4.973  1.00 14.14 ? 52   SER A OG  1 
ATOM   424 N  N   . TRP A 1 53 ? -8.396  3.152   -5.226  1.00 16.14 ? 53   TRP A N   1 
ATOM   425 C  CA  . TRP A 1 53 ? -9.416  3.459   -6.209  1.00 18.70 ? 53   TRP A CA  1 
ATOM   426 C  C   . TRP A 1 53 ? -8.756  4.106   -7.402  1.00 18.19 ? 53   TRP A C   1 
ATOM   427 O  O   . TRP A 1 53 ? -7.804  4.798   -7.292  1.00 18.22 ? 53   TRP A O   1 
ATOM   428 C  CB  . TRP A 1 53 ? -10.509 4.363   -5.643  1.00 18.45 ? 53   TRP A CB  1 
ATOM   429 C  CG  . TRP A 1 53 ? -10.033 5.703   -5.175  1.00 17.45 ? 53   TRP A CG  1 
ATOM   430 C  CD1 . TRP A 1 53 ? -9.996  6.872   -5.885  1.00 18.02 ? 53   TRP A CD1 1 
ATOM   431 C  CD2 . TRP A 1 53 ? -9.568  6.026   -3.871  1.00 17.85 ? 53   TRP A CD2 1 
ATOM   432 N  NE1 . TRP A 1 53 ? -9.491  7.880   -5.119  1.00 19.46 ? 53   TRP A NE1 1 
ATOM   433 C  CE2 . TRP A 1 53 ? -9.223  7.391   -3.870  1.00 17.58 ? 53   TRP A CE2 1 
ATOM   434 C  CE3 . TRP A 1 53 ? -9.387  5.284   -2.703  1.00 16.43 ? 53   TRP A CE3 1 
ATOM   435 C  CZ2 . TRP A 1 53 ? -8.735  8.024   -2.760  1.00 17.46 ? 53   TRP A CZ2 1 
ATOM   436 C  CZ3 . TRP A 1 53 ? -8.918  5.918   -1.590  1.00 16.26 ? 53   TRP A CZ3 1 
ATOM   437 C  CH2 . TRP A 1 53 ? -8.592  7.272   -1.604  1.00 17.22 ? 53   TRP A CH2 1 
ATOM   438 N  N   . LEU A 1 54 ? -9.325  3.827   -8.558  1.00 22.27 ? 54   LEU A N   1 
ATOM   439 C  CA  . LEU A 1 54 ? -8.784  4.251   -9.803  1.00 23.89 ? 54   LEU A CA  1 
ATOM   440 C  C   . LEU A 1 54 ? -9.742  5.274   -10.339 1.00 26.75 ? 54   LEU A C   1 
ATOM   441 O  O   . LEU A 1 54 ? -10.914 4.987   -10.577 1.00 27.82 ? 54   LEU A O   1 
ATOM   442 C  CB  . LEU A 1 54 ? -8.728  3.027   -10.720 1.00 25.39 ? 54   LEU A CB  1 
ATOM   443 C  CG  . LEU A 1 54 ? -8.013  3.168   -12.022 1.00 26.19 ? 54   LEU A CG  1 
ATOM   444 C  CD1 . LEU A 1 54 ? -6.549  3.515   -11.875 1.00 25.40 ? 54   LEU A CD1 1 
ATOM   445 C  CD2 . LEU A 1 54 ? -8.266  1.890   -12.825 1.00 27.21 ? 54   LEU A CD2 1 
ATOM   446 N  N   . VAL A 1 55 ? -9.259  6.470   -10.463 1.00 25.31 ? 55   VAL A N   1 
ATOM   447 C  CA  . VAL A 1 55 ? -10.062 7.483   -11.138 1.00 28.41 ? 55   VAL A CA  1 
ATOM   448 C  C   . VAL A 1 55 ? -9.121  8.398   -11.879 1.00 29.12 ? 55   VAL A C   1 
ATOM   449 O  O   . VAL A 1 55 ? -8.107  8.790   -11.377 1.00 31.08 ? 55   VAL A O   1 
ATOM   450 C  CB  . VAL A 1 55 ? -10.985 8.176   -10.124 1.00 24.47 ? 55   VAL A CB  1 
ATOM   451 C  CG1 . VAL A 1 55 ? -10.214 8.967   -9.087  1.00 24.24 ? 55   VAL A CG1 1 
ATOM   452 C  CG2 . VAL A 1 55 ? -12.008 9.043   -10.837 1.00 26.00 ? 55   VAL A CG2 1 
ATOM   453 N  N   . GLY A 1 56 ? -9.472  8.678   -13.129 1.00 25.75 ? 56   GLY A N   1 
ATOM   454 C  CA  . GLY A 1 56 ? -8.604  9.355   -14.021 1.00 28.88 ? 56   GLY A CA  1 
ATOM   455 C  C   . GLY A 1 56 ? -7.489  8.416   -14.379 1.00 24.08 ? 56   GLY A C   1 
ATOM   456 O  O   . GLY A 1 56 ? -7.599  7.191   -14.415 1.00 32.25 ? 56   GLY A O   1 
ATOM   457 N  N   . SER A 1 57 ? -6.362  9.014   -14.580 1.00 27.39 ? 57   SER A N   1 
ATOM   458 C  CA  . SER A 1 57 ? -5.229  8.298   -15.030 1.00 23.99 ? 57   SER A CA  1 
ATOM   459 C  C   . SER A 1 57 ? -4.361  7.796   -13.833 1.00 25.92 ? 57   SER A C   1 
ATOM   460 O  O   . SER A 1 57 ? -3.309  7.179   -14.027 1.00 46.00 ? 57   SER A O   1 
ATOM   461 C  CB  . SER A 1 57 ? -4.403  9.277   -15.868 1.00 29.66 ? 57   SER A CB  1 
ATOM   462 O  OG  . SER A 1 57 ? -4.410  10.561  -15.241 1.00 42.90 ? 57   SER A OG  1 
ATOM   463 N  N   . ALA A 1 58 ? -4.859  7.967   -12.639 1.00 21.93 ? 58   ALA A N   1 
ATOM   464 C  CA  . ALA A 1 58 ? -4.064  7.680   -11.461 1.00 20.89 ? 58   ALA A CA  1 
ATOM   465 C  C   . ALA A 1 58 ? -4.718  6.616   -10.600 1.00 20.91 ? 58   ALA A C   1 
ATOM   466 O  O   . ALA A 1 58 ? -5.873  6.719   -10.328 1.00 21.31 ? 58   ALA A O   1 
ATOM   467 C  CB  . ALA A 1 58 ? -3.936  8.950   -10.676 1.00 23.59 ? 58   ALA A CB  1 
ATOM   468 N  N   . ILE A 1 59 ? -3.964  5.595   -10.162 1.00 22.81 ? 59   ILE A N   1 
ATOM   469 C  CA  . ILE A 1 59 ? -4.417  4.806   -9.013  1.00 19.73 ? 59   ILE A CA  1 
ATOM   470 C  C   . ILE A 1 59 ? -4.147  5.638   -7.766  1.00 19.55 ? 59   ILE A C   1 
ATOM   471 O  O   . ILE A 1 59 ? -3.143  6.327   -7.659  1.00 19.98 ? 59   ILE A O   1 
ATOM   472 C  CB  . ILE A 1 59 ? -3.739  3.410   -8.942  1.00 22.72 ? 59   ILE A CB  1 
ATOM   473 C  CG1 . ILE A 1 59 ? -4.348  2.513   -7.853  1.00 20.45 ? 59   ILE A CG1 1 
ATOM   474 C  CG2 . ILE A 1 59 ? -2.253  3.568   -8.687  1.00 26.08 ? 59   ILE A CG2 1 
ATOM   475 C  CD1 . ILE A 1 59 ? -5.795  2.159   -8.062  1.00 20.12 ? 59   ILE A CD1 1 
ATOM   476 N  N   . HIS A 1 60 ? -5.105  5.613   -6.871  1.00 17.03 ? 60   HIS A N   1 
ATOM   477 C  CA  . HIS A 1 60 ? -4.987  6.228   -5.584  1.00 15.05 ? 60   HIS A CA  1 
ATOM   478 C  C   . HIS A 1 60 ? -4.955  5.129   -4.562  1.00 16.53 ? 60   HIS A C   1 
ATOM   479 O  O   . HIS A 1 60 ? -5.902  4.342   -4.473  1.00 17.08 ? 60   HIS A O   1 
ATOM   480 C  CB  . HIS A 1 60 ? -6.158  7.142   -5.363  1.00 15.49 ? 60   HIS A CB  1 
ATOM   481 C  CG  . HIS A 1 60 ? -6.178  8.283   -6.332  1.00 20.02 ? 60   HIS A CG  1 
ATOM   482 N  ND1 . HIS A 1 60 ? -5.681  9.526   -6.035  1.00 22.49 ? 60   HIS A ND1 1 
ATOM   483 C  CD2 . HIS A 1 60 ? -6.577  8.326   -7.619  1.00 25.10 ? 60   HIS A CD2 1 
ATOM   484 C  CE1 . HIS A 1 60 ? -5.842  10.319  -7.084  1.00 23.50 ? 60   HIS A CE1 1 
ATOM   485 N  NE2 . HIS A 1 60 ? -6.343  9.600   -8.070  1.00 24.64 ? 60   HIS A NE2 1 
ATOM   486 N  N   . ILE A 1 61 ? -3.876  5.098   -3.792  1.00 13.91 ? 61   ILE A N   1 
ATOM   487 C  CA  . ILE A 1 61 ? -3.664  4.022   -2.802  1.00 12.57 ? 61   ILE A CA  1 
ATOM   488 C  C   . ILE A 1 61 ? -3.579  4.662   -1.440  1.00 12.84 ? 61   ILE A C   1 
ATOM   489 O  O   . ILE A 1 61 ? -2.941  5.717   -1.266  1.00 13.45 ? 61   ILE A O   1 
ATOM   490 C  CB  . ILE A 1 61 ? -2.396  3.182   -3.067  1.00 13.74 ? 61   ILE A CB  1 
ATOM   491 C  CG1 . ILE A 1 61 ? -2.443  2.639   -4.505  1.00 16.53 ? 61   ILE A CG1 1 
ATOM   492 C  CG2 . ILE A 1 61 ? -2.291  2.002   -2.084  1.00 13.18 ? 61   ILE A CG2 1 
ATOM   493 C  CD1 . ILE A 1 61 ? -1.189  1.978   -5.003  1.00 18.64 ? 61   ILE A CD1 1 
ATOM   494 N  N   . ARG A 1 62 ? -4.206  4.031   -0.457  1.00 13.07 ? 62   ARG A N   1 
ATOM   495 C  CA  . ARG A 1 62 ? -4.076  4.443   0.941   1.00 12.53 ? 62   ARG A CA  1 
ATOM   496 C  C   . ARG A 1 62 ? -3.595  3.249   1.741   1.00 13.56 ? 62   ARG A C   1 
ATOM   497 O  O   . ARG A 1 62 ? -4.247  2.218   1.764   1.00 12.69 ? 62   ARG A O   1 
ATOM   498 C  CB  . ARG A 1 62 ? -5.416  4.936   1.504   1.00 12.88 ? 62   ARG A CB  1 
ATOM   499 C  CG  . ARG A 1 62 ? -6.011  6.145   0.764   1.00 13.82 ? 62   ARG A CG  1 
ATOM   500 C  CD  . ARG A 1 62 ? -5.144  7.374   0.938   1.00 14.34 ? 62   ARG A CD  1 
ATOM   501 N  NE  . ARG A 1 62 ? -5.678  8.560   0.258   1.00 16.73 ? 62   ARG A NE  1 
ATOM   502 C  CZ  . ARG A 1 62 ? -5.376  8.908   -0.986  1.00 17.25 ? 62   ARG A CZ  1 
ATOM   503 N  NH1 . ARG A 1 62 ? -4.542  8.189   -1.735  1.00 17.08 ? 62   ARG A NH1 1 
ATOM   504 N  NH2 . ARG A 1 62 ? -5.882  10.022  -1.504  1.00 20.77 ? 62   ARG A NH2 1 
ATOM   505 N  N   . VAL A 1 63 ? -2.449  3.427   2.389   1.00 12.82 ? 63   VAL A N   1 
ATOM   506 C  CA  . VAL A 1 63 ? -1.801  2.434   3.191   1.00 12.77 ? 63   VAL A CA  1 
ATOM   507 C  C   . VAL A 1 63 ? -1.869  2.891   4.633   1.00 13.34 ? 63   VAL A C   1 
ATOM   508 O  O   . VAL A 1 63 ? -1.468  4.007   4.936   1.00 14.14 ? 63   VAL A O   1 
ATOM   509 C  CB  . VAL A 1 63 ? -0.337  2.223   2.777   1.00 14.77 ? 63   VAL A CB  1 
ATOM   510 C  CG1 . VAL A 1 63 ? 0.371   1.284   3.739   1.00 15.68 ? 63   VAL A CG1 1 
ATOM   511 C  CG2 . VAL A 1 63 ? -0.222  1.682   1.351   1.00 13.93 ? 63   VAL A CG2 1 
ATOM   512 N  N   . TYR A 1 64 ? -2.401  2.049   5.513   1.00 12.15 ? 64   TYR A N   1 
ATOM   513 C  CA  . TYR A 1 64 ? -2.510  2.375   6.929   1.00 12.41 ? 64   TYR A CA  1 
ATOM   514 C  C   . TYR A 1 64 ? -1.493  1.542   7.683   1.00 13.67 ? 64   TYR A C   1 
ATOM   515 O  O   . TYR A 1 64 ? -1.587  0.343   7.727   1.00 13.13 ? 64   TYR A O   1 
ATOM   516 C  CB  . TYR A 1 64 ? -3.970  2.167   7.424   1.00 11.55 ? 64   TYR A CB  1 
ATOM   517 C  CG  . TYR A 1 64 ? -4.919  3.081   6.684   1.00 12.77 ? 64   TYR A CG  1 
ATOM   518 C  CD1 . TYR A 1 64 ? -5.097  4.384   7.081   1.00 13.20 ? 64   TYR A CD1 1 
ATOM   519 C  CD2 . TYR A 1 64 ? -5.512  2.678   5.492   1.00 13.09 ? 64   TYR A CD2 1 
ATOM   520 C  CE1 . TYR A 1 64 ? -5.873  5.263   6.361   1.00 12.85 ? 64   TYR A CE1 1 
ATOM   521 C  CE2 . TYR A 1 64 ? -6.297  3.548   4.759   1.00 12.53 ? 64   TYR A CE2 1 
ATOM   522 C  CZ  . TYR A 1 64 ? -6.431  4.852   5.180   1.00 12.19 ? 64   TYR A CZ  1 
ATOM   523 O  OH  . TYR A 1 64 ? -7.152  5.683   4.394   1.00 13.89 ? 64   TYR A OH  1 
ATOM   524 N  N   . ALA A 1 65 ? -0.484  2.217   8.206   1.00 12.84 ? 65   ALA A N   1 
ATOM   525 C  CA  . ALA A 1 65 ? 0.693   1.599   8.810   1.00 13.29 ? 65   ALA A CA  1 
ATOM   526 C  C   . ALA A 1 65 ? 0.614   1.793   10.302  1.00 14.22 ? 65   ALA A C   1 
ATOM   527 O  O   . ALA A 1 65 ? 0.572   2.921   10.759  1.00 14.57 ? 65   ALA A O   1 
ATOM   528 C  CB  . ALA A 1 65 ? 1.944   2.245   8.270   1.00 13.78 ? 65   ALA A CB  1 
ATOM   529 N  N   . SER A 1 66 ? 0.610   0.722   11.075  1.00 13.51 ? 66   SER A N   1 
ATOM   530 C  CA  . SER A 1 66 ? 0.476   0.838   12.525  1.00 13.80 ? 66   SER A CA  1 
ATOM   531 C  C   . SER A 1 66 ? 1.689   0.266   13.248  1.00 13.95 ? 66   SER A C   1 
ATOM   532 O  O   . SER A 1 66 ? 2.158   -0.816  12.919  1.00 14.33 ? 66   SER A O   1 
ATOM   533 C  CB  . SER A 1 66 ? -0.765  0.110   13.004  1.00 16.24 ? 66   SER A CB  1 
ATOM   534 O  OG  . SER A 1 66 ? -1.921  0.689   12.412  1.00 16.34 ? 66   SER A OG  1 
ATOM   535 N  N   . THR A 1 67 ? 2.143   1.015   14.259  1.00 13.91 ? 67   THR A N   1 
ATOM   536 C  CA  . THR A 1 67 ? 3.138   0.565   15.212  1.00 14.55 ? 67   THR A CA  1 
ATOM   537 C  C   . THR A 1 67 ? 2.627   0.944   16.596  1.00 16.14 ? 67   THR A C   1 
ATOM   538 O  O   . THR A 1 67 ? 2.323   2.115   16.829  1.00 16.63 ? 67   THR A O   1 
ATOM   539 C  CB  . THR A 1 67 ? 4.478   1.258   14.946  1.00 17.01 ? 67   THR A CB  1 
ATOM   540 O  OG1 . THR A 1 67 ? 4.921   0.988   13.606  1.00 18.73 ? 67   THR A OG1 1 
ATOM   541 C  CG2 . THR A 1 67 ? 5.556   0.751   15.918  1.00 19.34 ? 67   THR A CG2 1 
ATOM   542 N  N   . GLY A 1 68 ? 2.516   -0.017  17.512  1.00 15.88 ? 68   GLY A N   1 
ATOM   543 C  CA  . GLY A 1 68 ? 1.872   0.272   18.779  1.00 15.81 ? 68   GLY A CA  1 
ATOM   544 C  C   . GLY A 1 68 ? 0.468   0.751   18.561  1.00 16.69 ? 68   GLY A C   1 
ATOM   545 O  O   . GLY A 1 68 ? -0.300  0.126   17.849  1.00 16.24 ? 68   GLY A O   1 
ATOM   546 N  N   . THR A 1 69 ? 0.114   1.873   19.179  1.00 17.67 ? 69   THR A N   1 
ATOM   547 C  CA  . THR A 1 69 ? -1.190  2.463   18.963  1.00 19.80 ? 69   THR A CA  1 
ATOM   548 C  C   . THR A 1 69 ? -1.199  3.604   17.956  1.00 17.81 ? 69   THR A C   1 
ATOM   549 O  O   . THR A 1 69 ? -2.187  4.332   17.873  1.00 23.57 ? 69   THR A O   1 
ATOM   550 C  CB  . THR A 1 69 ? -1.788  3.013   20.261  1.00 21.11 ? 69   THR A CB  1 
ATOM   551 O  OG1 . THR A 1 69 ? -0.859  3.940   20.851  1.00 24.85 ? 69   THR A OG1 1 
ATOM   552 C  CG2 . THR A 1 69 ? -2.160  1.893   21.225  1.00 24.76 ? 69   THR A CG2 1 
ATOM   553 N  N   . THR A 1 70 ? -0.128  3.775   17.191  1.00 15.54 ? 70   THR A N   1 
ATOM   554 C  CA  . THR A 1 70 ? -0.091  4.874   16.232  1.00 17.86 ? 70   THR A CA  1 
ATOM   555 C  C   . THR A 1 70 ? -0.274  4.357   14.823  1.00 16.44 ? 70   THR A C   1 
ATOM   556 O  O   . THR A 1 70 ? 0.522   3.579   14.358  1.00 17.64 ? 70   THR A O   1 
ATOM   557 C  CB  . THR A 1 70 ? 1.241   5.594   16.336  1.00 22.08 ? 70   THR A CB  1 
ATOM   558 O  OG1 . THR A 1 70 ? 1.396   6.035   17.687  1.00 25.88 ? 70   THR A OG1 1 
ATOM   559 C  CG2 . THR A 1 70 ? 1.279   6.784   15.379  1.00 24.84 ? 70   THR A CG2 1 
ATOM   560 N  N   . THR A 1 71 ? -1.304  4.836   14.145  1.00 16.30 ? 71   THR A N   1 
ATOM   561 C  CA  . THR A 1 71 ? -1.539  4.493   12.747  1.00 15.22 ? 71   THR A CA  1 
ATOM   562 C  C   . THR A 1 71 ? -1.324  5.730   11.893  1.00 15.27 ? 71   THR A C   1 
ATOM   563 O  O   . THR A 1 71 ? -1.878  6.808   12.171  1.00 16.49 ? 71   THR A O   1 
ATOM   564 C  CB  . THR A 1 71 ? -2.975  4.008   12.552  1.00 16.23 ? 71   THR A CB  1 
ATOM   565 O  OG1 . THR A 1 71 ? -3.223  2.887   13.406  1.00 17.84 ? 71   THR A OG1 1 
ATOM   566 C  CG2 . THR A 1 71 ? -3.306  3.677   11.086  1.00 17.19 ? 71   THR A CG2 1 
ATOM   567 N  N   . THR A 1 72 ? -0.494  5.569   10.882  1.00 14.03 ? 72   THR A N   1 
ATOM   568 C  CA  . THR A 1 72 ? -0.156  6.640   9.953   1.00 14.64 ? 72   THR A CA  1 
ATOM   569 C  C   . THR A 1 72 ? -0.712  6.250   8.601   1.00 14.28 ? 72   THR A C   1 
ATOM   570 O  O   . THR A 1 72 ? -0.463  5.150   8.145   1.00 14.65 ? 72   THR A O   1 
ATOM   571 C  CB  . THR A 1 72 ? 1.371   6.818   9.835   1.00 15.91 ? 72   THR A CB  1 
ATOM   572 O  OG1 . THR A 1 72 ? 1.937   7.089   11.134  1.00 16.70 ? 72   THR A OG1 1 
ATOM   573 C  CG2 . THR A 1 72 ? 1.718   7.960   8.827   1.00 15.36 ? 72   THR A CG2 1 
ATOM   574 N  N   . GLU A 1 73 ? -1.420  7.154   7.946   1.00 14.19 ? 73   GLU A N   1 
ATOM   575 C  CA  . GLU A 1 73 ? -1.882  6.978   6.576   1.00 13.27 ? 73   GLU A CA  1 
ATOM   576 C  C   . GLU A 1 73 ? -0.877  7.508   5.587   1.00 14.99 ? 73   GLU A C   1 
ATOM   577 O  O   . GLU A 1 73 ? -0.401  8.634   5.705   1.00 15.58 ? 73   GLU A O   1 
ATOM   578 C  CB  . GLU A 1 73 ? -3.220  7.709   6.416   1.00 13.50 ? 73   GLU A CB  1 
ATOM   579 C  CG  . GLU A 1 73 ? -3.843  7.667   5.030   1.00 13.52 ? 73   GLU A CG  1 
ATOM   580 C  CD  . GLU A 1 73 ? -5.026  8.594   4.848   1.00 14.26 ? 73   GLU A CD  1 
ATOM   581 O  OE1 . GLU A 1 73 ? -4.938  9.731   5.314   1.00 15.90 ? 73   GLU A OE1 1 
ATOM   582 O  OE2 . GLU A 1 73 ? -6.015  8.142   4.239   1.00 15.34 ? 73   GLU A OE2 1 
ATOM   583 N  N   . TRP A 1 74 ? -0.593  6.685   4.580   1.00 14.07 ? 74   TRP A N   1 
ATOM   584 C  CA  . TRP A 1 74 ? 0.282   7.069   3.496   1.00 13.00 ? 74   TRP A CA  1 
ATOM   585 C  C   . TRP A 1 74 ? -0.549  7.061   2.211   1.00 13.38 ? 74   TRP A C   1 
ATOM   586 O  O   . TRP A 1 74 ? -1.305  6.109   1.963   1.00 13.54 ? 74   TRP A O   1 
ATOM   587 C  CB  . TRP A 1 74 ? 1.447   6.094   3.371   1.00 14.15 ? 74   TRP A CB  1 
ATOM   588 C  CG  . TRP A 1 74 ? 2.358   6.217   4.529   1.00 14.25 ? 74   TRP A CG  1 
ATOM   589 C  CD1 . TRP A 1 74 ? 2.360   5.446   5.644   1.00 15.32 ? 74   TRP A CD1 1 
ATOM   590 C  CD2 . TRP A 1 74 ? 3.341   7.237   4.737   1.00 16.15 ? 74   TRP A CD2 1 
ATOM   591 N  NE1 . TRP A 1 74 ? 3.325   5.910   6.539   1.00 16.60 ? 74   TRP A NE1 1 
ATOM   592 C  CE2 . TRP A 1 74 ? 3.924   7.014   6.001   1.00 16.69 ? 74   TRP A CE2 1 
ATOM   593 C  CE3 . TRP A 1 74 ? 3.781   8.319   3.975   1.00 18.65 ? 74   TRP A CE3 1 
ATOM   594 C  CZ2 . TRP A 1 74 ? 4.925   7.813   6.503   1.00 20.81 ? 74   TRP A CZ2 1 
ATOM   595 C  CZ3 . TRP A 1 74 ? 4.792   9.118   4.482   1.00 21.30 ? 74   TRP A CZ3 1 
ATOM   596 C  CH2 . TRP A 1 74 ? 5.366   8.843   5.728   1.00 21.56 ? 74   TRP A CH2 1 
ATOM   597 N  N   . CYS A 1 75 ? -0.415  8.111   1.401   1.00 14.60 ? 75   CYS A N   1 
ATOM   598 C  CA  . CYS A 1 75 ? -1.269  8.359   0.265   1.00 13.92 ? 75   CYS A CA  1 
ATOM   599 C  C   . CYS A 1 75 ? -0.461  8.376   -0.998  1.00 13.93 ? 75   CYS A C   1 
ATOM   600 O  O   . CYS A 1 75 ? 0.437   9.200   -1.113  1.00 15.51 ? 75   CYS A O   1 
ATOM   601 C  CB  . CYS A 1 75 ? -1.941  9.731   0.375   1.00 15.11 ? 75   CYS A CB  1 
ATOM   602 S  SG  . CYS A 1 75 ? -2.880  9.919   1.895   1.00 16.42 ? 75   CYS A SG  1 
ATOM   603 N  N   . TRP A 1 76 ? -0.808  7.515   -1.945  1.00 13.84 ? 76   TRP A N   1 
ATOM   604 C  CA  . TRP A 1 76 ? -0.290  7.601   -3.322  1.00 14.08 ? 76   TRP A CA  1 
ATOM   605 C  C   . TRP A 1 76 ? -1.384  8.187   -4.175  1.00 15.50 ? 76   TRP A C   1 
ATOM   606 O  O   . TRP A 1 76 ? -2.477  7.664   -4.175  1.00 15.32 ? 76   TRP A O   1 
ATOM   607 C  CB  . TRP A 1 76 ? 0.077   6.222   -3.861  1.00 14.68 ? 76   TRP A CB  1 
ATOM   608 C  CG  . TRP A 1 76 ? 0.541   6.222   -5.288  1.00 14.68 ? 76   TRP A CG  1 
ATOM   609 C  CD1 . TRP A 1 76 ? -0.223  6.028   -6.370  1.00 17.39 ? 76   TRP A CD1 1 
ATOM   610 C  CD2 . TRP A 1 76 ? 1.864   6.508   -5.770  1.00 14.02 ? 76   TRP A CD2 1 
ATOM   611 N  NE1 . TRP A 1 76 ? 0.521   6.135   -7.528  1.00 18.76 ? 76   TRP A NE1 1 
ATOM   612 C  CE2 . TRP A 1 76 ? 1.816   6.425   -7.162  1.00 16.23 ? 76   TRP A CE2 1 
ATOM   613 C  CE3 . TRP A 1 76 ? 3.085   6.753   -5.152  1.00 16.19 ? 76   TRP A CE3 1 
ATOM   614 C  CZ2 . TRP A 1 76 ? 2.955   6.594   -7.967  1.00 18.36 ? 76   TRP A CZ2 1 
ATOM   615 C  CZ3 . TRP A 1 76 ? 4.224   6.911   -5.962  1.00 16.85 ? 76   TRP A CZ3 1 
ATOM   616 C  CH2 . TRP A 1 76 ? 4.141   6.838   -7.332  1.00 19.60 ? 76   TRP A CH2 1 
ATOM   617 N  N   . ASP A 1 77 ? -1.085  9.224   -4.954  1.00 18.33 ? 77   ASP A N   1 
ATOM   618 C  CA  . ASP A 1 77 ? -2.123  9.842   -5.776  1.00 19.61 ? 77   ASP A CA  1 
ATOM   619 C  C   . ASP A 1 77 ? -1.797  10.001  -7.266  1.00 22.47 ? 77   ASP A C   1 
ATOM   620 O  O   . ASP A 1 77 ? -2.370  10.850  -7.973  1.00 25.43 ? 77   ASP A O   1 
ATOM   621 C  CB  . ASP A 1 77 ? -2.583  11.135  -5.119  1.00 22.28 ? 77   ASP A CB  1 
ATOM   622 C  CG  . ASP A 1 77 ? -3.288  10.857  -3.802  1.00 21.81 ? 77   ASP A CG  1 
ATOM   623 O  OD1 . ASP A 1 77 ? -4.427  10.309  -3.858  1.00 23.94 ? 77   ASP A OD1 1 
ATOM   624 O  OD2 . ASP A 1 77 ? -2.691  11.121  -2.732  1.00 26.03 ? 77   ASP A OD2 1 
ATOM   625 N  N   . GLY A 1 78 ? -0.992  9.110   -7.767  1.00 18.06 ? 78   GLY A N   1 
ATOM   626 C  CA  . GLY A 1 78 ? -0.664  9.140   -9.137  1.00 21.00 ? 78   GLY A CA  1 
ATOM   627 C  C   . GLY A 1 78 ? 0.803   9.237   -9.356  1.00 21.19 ? 78   GLY A C   1 
ATOM   628 O  O   . GLY A 1 78 ? 1.323   8.521   -10.192 1.00 24.31 ? 78   GLY A O   1 
ATOM   629 N  N   . ASN A 1 79 ? 1.463   10.061  -8.573  1.00 17.87 ? 79   ASN A N   1 
ATOM   630 C  CA  . ASN A 1 79 ? 2.906   10.148  -8.776  1.00 20.60 ? 79   ASN A CA  1 
ATOM   631 C  C   . ASN A 1 79 ? 3.736   10.424  -7.570  1.00 18.63 ? 79   ASN A C   1 
ATOM   632 O  O   . ASN A 1 79 ? 4.885   10.776  -7.690  1.00 16.95 ? 79   ASN A O   1 
ATOM   633 C  CB  . ASN A 1 79 ? 3.200   11.140  -9.861  1.00 26.38 ? 79   ASN A CB  1 
ATOM   634 C  CG  . ASN A 1 79 ? 2.945   12.529  -9.428  1.00 27.63 ? 79   ASN A CG  1 
ATOM   635 O  OD1 . ASN A 1 79 ? 2.349   12.776  -8.397  1.00 26.26 ? 79   ASN A OD1 1 
ATOM   636 N  ND2 . ASN A 1 79 ? 3.404   13.477  -10.239 1.00 36.95 ? 79   ASN A ND2 1 
ATOM   637 N  N   . GLY A 1 80 ? 3.212   10.158  -6.376  1.00 16.96 ? 80   GLY A N   1 
ATOM   638 C  CA  . GLY A 1 80 ? 4.036   10.240  -5.192  1.00 15.51 ? 80   GLY A CA  1 
ATOM   639 C  C   . GLY A 1 80 ? 3.321   9.878   -3.936  1.00 16.59 ? 80   GLY A C   1 
ATOM   640 O  O   . GLY A 1 80 ? 2.092   9.991   -3.869  1.00 15.59 ? 80   GLY A O   1 
ATOM   641 N  N   . TRP A 1 81 ? 4.097   9.495   -2.956  1.00 14.70 ? 81   TRP A N   1 
ATOM   642 C  CA  . TRP A 1 81 ? 3.601   9.188   -1.597  1.00 14.07 ? 81   TRP A CA  1 
ATOM   643 C  C   . TRP A 1 81 ? 3.680   10.396  -0.703  1.00 16.34 ? 81   TRP A C   1 
ATOM   644 O  O   . TRP A 1 81 ? 4.738   11.050  -0.625  1.00 19.33 ? 81   TRP A O   1 
ATOM   645 C  CB  . TRP A 1 81 ? 4.399   8.049   -0.941  1.00 15.14 ? 81   TRP A CB  1 
ATOM   646 C  CG  . TRP A 1 81 ? 4.234   6.735   -1.566  1.00 13.74 ? 81   TRP A CG  1 
ATOM   647 C  CD1 . TRP A 1 81 ? 5.096   6.113   -2.468  1.00 15.07 ? 81   TRP A CD1 1 
ATOM   648 C  CD2 . TRP A 1 81 ? 3.147   5.817   -1.382  1.00 13.94 ? 81   TRP A CD2 1 
ATOM   649 N  NE1 . TRP A 1 81 ? 4.588   4.906   -2.837  1.00 15.21 ? 81   TRP A NE1 1 
ATOM   650 C  CE2 . TRP A 1 81 ? 3.403   4.692   -2.172  1.00 14.53 ? 81   TRP A CE2 1 
ATOM   651 C  CE3 . TRP A 1 81 ? 1.973   5.842   -0.612  1.00 16.05 ? 81   TRP A CE3 1 
ATOM   652 C  CZ2 . TRP A 1 81 ? 2.551   3.618   -2.223  1.00 14.58 ? 81   TRP A CZ2 1 
ATOM   653 C  CZ3 . TRP A 1 81 ? 1.121   4.756   -0.662  1.00 15.28 ? 81   TRP A CZ3 1 
ATOM   654 C  CH2 . TRP A 1 81 ? 1.400   3.669   -1.443  1.00 14.52 ? 81   TRP A CH2 1 
ATOM   655 N  N   . THR A 1 82 ? 2.586   10.685  0.026   1.00 15.48 ? 82   THR A N   1 
ATOM   656 C  CA  . THR A 1 82 ? 2.603   11.708  1.056   1.00 17.08 ? 82   THR A CA  1 
ATOM   657 C  C   . THR A 1 82 ? 1.837   11.224  2.267   1.00 16.18 ? 82   THR A C   1 
ATOM   658 O  O   . THR A 1 82 ? 1.015   10.332  2.167   1.00 17.64 ? 82   THR A O   1 
ATOM   659 C  CB  . THR A 1 82 ? 1.945   13.020  0.598   1.00 21.25 ? 82   THR A CB  1 
ATOM   660 O  OG1 . THR A 1 82 ? 0.586   12.772  0.252   1.00 22.92 ? 82   THR A OG1 1 
ATOM   661 C  CG2 . THR A 1 82 ? 2.679   13.611  -0.576  1.00 22.64 ? 82   THR A CG2 1 
ATOM   662 N  N   . LYS A 1 83 ? 2.135   11.801  3.416   1.00 17.30 ? 83   LYS A N   1 
ATOM   663 C  CA  . LYS A 1 83 ? 1.439   11.471  4.650   1.00 16.14 ? 83   LYS A CA  1 
ATOM   664 C  C   . LYS A 1 83 ? 0.043   12.060  4.607   1.00 17.01 ? 83   LYS A C   1 
ATOM   665 O  O   . LYS A 1 83 ? -0.152  13.232  4.262   1.00 19.70 ? 83   LYS A O   1 
ATOM   666 C  CB  . LYS A 1 83 ? 2.197   11.954  5.890   1.00 20.57 ? 83   LYS A CB  1 
ATOM   667 C  CG  . LYS A 1 83 ? 1.580   11.514  7.213   1.00 23.21 ? 83   LYS A CG  1 
ATOM   668 C  CD  . LYS A 1 83 ? 2.415   11.901  8.431   1.00 30.59 ? 83   LYS A CD  1 
ATOM   669 C  CE  . LYS A 1 83 ? 3.772   11.200  8.428   1.00 31.72 ? 83   LYS A CE  1 
ATOM   670 N  NZ  . LYS A 1 83 ? 4.606   11.343  9.682   1.00 37.33 ? 83   LYS A NZ  1 
ATOM   671 N  N   . GLY A 1 84 ? -0.934  11.235  4.975   1.00 16.86 ? 84   GLY A N   1 
ATOM   672 C  CA  . GLY A 1 84 ? -2.304  11.670  5.010   1.00 17.76 ? 84   GLY A CA  1 
ATOM   673 C  C   . GLY A 1 84 ? -2.743  12.265  6.317   1.00 16.96 ? 84   GLY A C   1 
ATOM   674 O  O   . GLY A 1 84 ? -2.035  12.204  7.284   1.00 18.14 ? 84   GLY A O   1 
ATOM   675 N  N   . ALA A 1 85 ? -3.980  12.754  6.322   1.00 18.81 ? 85   ALA A N   1 
ATOM   676 C  CA  . ALA A 1 85 ? -4.553  13.431  7.476   1.00 20.58 ? 85   ALA A CA  1 
ATOM   677 C  C   . ALA A 1 85 ? -5.196  12.494  8.490   1.00 19.06 ? 85   ALA A C   1 
ATOM   678 O  O   . ALA A 1 85 ? -5.616  12.940  9.539   1.00 21.70 ? 85   ALA A O   1 
ATOM   679 C  CB  . ALA A 1 85 ? -5.577  14.464  7.018   1.00 23.40 ? 85   ALA A CB  1 
ATOM   680 N  N   . TYR A 1 86 ? -5.243  11.194  8.202   1.00 16.19 ? 86   TYR A N   1 
ATOM   681 C  CA  . TYR A 1 86 ? -5.829  10.243  9.115   1.00 15.98 ? 86   TYR A CA  1 
ATOM   682 C  C   . TYR A 1 86 ? -5.309  10.357  10.535  1.00 16.19 ? 86   TYR A C   1 
ATOM   683 O  O   . TYR A 1 86 ? -4.099  10.406  10.771  1.00 18.24 ? 86   TYR A O   1 
ATOM   684 C  CB  . TYR A 1 86 ? -5.596  8.811   8.648   1.00 15.57 ? 86   TYR A CB  1 
ATOM   685 C  CG  . TYR A 1 86 ? -6.155  7.775   9.568   1.00 13.99 ? 86   TYR A CG  1 
ATOM   686 C  CD1 . TYR A 1 86 ? -7.457  7.320   9.416   1.00 15.30 ? 86   TYR A CD1 1 
ATOM   687 C  CD2 . TYR A 1 86 ? -5.411  7.256   10.600  1.00 16.76 ? 86   TYR A CD2 1 
ATOM   688 C  CE1 . TYR A 1 86 ? -8.006  6.395   10.281  1.00 14.80 ? 86   TYR A CE1 1 
ATOM   689 C  CE2 . TYR A 1 86 ? -5.968  6.326   11.474  1.00 16.55 ? 86   TYR A CE2 1 
ATOM   690 C  CZ  . TYR A 1 86 ? -7.261  5.876   11.283  1.00 14.64 ? 86   TYR A CZ  1 
ATOM   691 O  OH  . TYR A 1 86 ? -7.796  4.959   12.154  1.00 17.09 ? 86   TYR A OH  1 
ATOM   692 N  N   . THR A 1 87 ? -6.242  10.362  11.485  1.00 17.14 ? 87   THR A N   1 
ATOM   693 C  CA  . THR A 1 87 ? -5.956  10.142  12.891  1.00 19.49 ? 87   THR A CA  1 
ATOM   694 C  C   . THR A 1 87 ? -7.002  9.147   13.410  1.00 19.21 ? 87   THR A C   1 
ATOM   695 O  O   . THR A 1 87 ? -8.102  9.048   12.863  1.00 19.14 ? 87   THR A O   1 
ATOM   696 C  CB  . THR A 1 87 ? -6.053  11.452  13.724  1.00 21.93 ? 87   THR A CB  1 
ATOM   697 O  OG1 . THR A 1 87 ? -7.316  12.073  13.537  1.00 22.46 ? 87   THR A OG1 1 
ATOM   698 C  CG2 . THR A 1 87 ? -4.971  12.424  13.295  1.00 24.19 ? 87   THR A CG2 1 
ATOM   699 N  N   . ALA A 1 88 ? -6.648  8.420   14.463  1.00 21.39 ? 88   ALA A N   1 
ATOM   700 C  CA  . ALA A 1 88 ? -7.495  7.321   14.946  1.00 22.22 ? 88   ALA A CA  1 
ATOM   701 C  C   . ALA A 1 88 ? -8.618  7.785   15.804  1.00 24.62 ? 88   ALA A C   1 
ATOM   702 O  O   . ALA A 1 88 ? -9.550  7.023   16.029  1.00 25.95 ? 88   ALA A O   1 
ATOM   703 C  CB  . ALA A 1 88 ? -6.685  6.281   15.698  1.00 28.46 ? 88   ALA A CB  1 
ATOM   704 N  N   . THR A 1 89 ? -8.486  8.996   16.325  1.00 25.87 ? 89   THR A N   1 
ATOM   705 C  CA  . THR A 1 89 ? -9.536  9.647   17.100  1.00 29.18 ? 89   THR A CA  1 
ATOM   706 C  C   . THR A 1 89 ? -9.360  11.133  16.928  1.00 29.01 ? 89   THR A C   1 
ATOM   707 O  O   . THR A 1 89 ? -8.309  11.624  16.471  1.00 30.44 ? 89   THR A O   1 
ATOM   708 C  CB  . THR A 1 89 ? -9.479  9.341   18.618  1.00 32.48 ? 89   THR A CB  1 
ATOM   709 O  OG1 . THR A 1 89 ? -8.348  9.991   19.183  1.00 40.37 ? 89   THR A OG1 1 
ATOM   710 C  CG2 . THR A 1 89 ? -9.408  7.860   18.914  1.00 36.52 ? 89   THR A CG2 1 
ATOM   711 N  N   . ASN A 1 90 ? -10.399 11.864  17.294  1.00 29.48 ? 90   ASN A N   1 
ATOM   712 C  CA  . ASN A 1 90 ? -10.316 13.318  17.302  1.00 33.56 ? 90   ASN A CA  1 
ATOM   713 C  C   . ASN A 1 90 ? -9.382  13.869  18.396  1.00 39.62 ? 90   ASN A C   1 
ATOM   714 O  O   . ASN A 1 90 ? -8.779  14.936  18.216  1.00 48.41 ? 90   ASN A O   1 
ATOM   715 C  CB  . ASN A 1 90 ? -11.700 13.899  17.495  1.00 33.45 ? 90   ASN A CB  1 
ATOM   716 C  CG  . ASN A 1 90 ? -12.518 13.931  16.215  1.00 34.15 ? 90   ASN A CG  1 
ATOM   717 O  OD1 . ASN A 1 90 ? -12.179 13.337  15.183  1.00 32.06 ? 90   ASN A OD1 1 
ATOM   718 N  ND2 . ASN A 1 90 ? -13.629 14.650  16.289  1.00 36.43 ? 90   ASN A ND2 1 
ATOM   719 O  OXT . ASN A 1 90 ? -9.204  13.248  19.463  1.00 52.70 ? 90   ASN A OXT 1 
HETATM 720 C  C1  . FUL B 2 .  ? -6.154  13.313  1.573   0.80 30.71 ? 100  FUL A C1  1 
HETATM 721 C  C2  . FUL B 2 .  ? -5.776  12.733  2.936   0.80 26.66 ? 100  FUL A C2  1 
HETATM 722 O  O2  . FUL B 2 .  ? -5.292  13.763  3.802   0.80 33.83 ? 100  FUL A O2  1 
HETATM 723 C  C3  . FUL B 2 .  ? -7.011  12.063  3.536   0.80 21.94 ? 100  FUL A C3  1 
HETATM 724 O  O3  . FUL B 2 .  ? -6.692  11.609  4.851   0.80 17.41 ? 100  FUL A O3  1 
HETATM 725 C  C4  . FUL B 2 .  ? -7.619  10.998  2.589   0.80 25.53 ? 100  FUL A C4  1 
HETATM 726 O  O4  . FUL B 2 .  ? -6.857  9.809   2.379   0.80 21.56 ? 100  FUL A O4  1 
HETATM 727 C  C5  . FUL B 2 .  ? -7.793  11.611  1.190   0.80 26.11 ? 100  FUL A C5  1 
HETATM 728 C  C6  . FUL B 2 .  ? -8.291  10.580  0.215   0.80 19.42 ? 100  FUL A C6  1 
HETATM 729 O  O5  . FUL B 2 .  ? -6.586  12.235  0.732   0.80 32.09 ? 100  FUL A O5  1 
HETATM 730 MG MG  . MG  C 3 .  ? -7.256  -6.544  -0.185  1.00 20.51 ? 101  MG  A MG  1 
HETATM 731 C  C1  . MRD D 4 .  ? 1.491   1.151   -7.526  1.00 28.65 ? 102  MRD A C1  1 
HETATM 732 C  C2  . MRD D 4 .  ? 2.624   2.150   -7.260  1.00 28.41 ? 102  MRD A C2  1 
HETATM 733 O  O2  . MRD D 4 .  ? 3.727   1.407   -6.757  1.00 29.16 ? 102  MRD A O2  1 
HETATM 734 C  CM  . MRD D 4 .  ? 2.219   3.109   -6.146  1.00 28.93 ? 102  MRD A CM  1 
HETATM 735 C  C3  . MRD D 4 .  ? 3.092   2.870   -8.527  1.00 26.86 ? 102  MRD A C3  1 
HETATM 736 C  C4  . MRD D 4 .  ? 3.501   1.935   -9.675  1.00 29.47 ? 102  MRD A C4  1 
HETATM 737 O  O4  . MRD D 4 .  ? 4.577   1.041   -9.306  1.00 30.57 ? 102  MRD A O4  1 
HETATM 738 C  C5  . MRD D 4 .  ? 4.016   2.761   -10.854 1.00 34.74 ? 102  MRD A C5  1 
HETATM 739 O  O   . HOH E 5 .  ? 7.593   -17.611 15.064  1.00 31.04 ? 2001 HOH A O   1 
HETATM 740 O  O   . HOH E 5 .  ? 3.068   -16.994 12.964  1.00 24.71 ? 2002 HOH A O   1 
HETATM 741 O  O   . HOH E 5 .  ? 5.023   -16.148 17.854  0.50 26.98 ? 2003 HOH A O   1 
HETATM 742 O  O   . HOH E 5 .  ? 5.623   -10.979 16.852  1.00 36.87 ? 2004 HOH A O   1 
HETATM 743 O  O   . HOH E 5 .  ? 7.526   -15.144 18.647  1.00 31.87 ? 2005 HOH A O   1 
HETATM 744 O  O   . HOH E 5 .  ? 2.361   -13.091 13.544  1.00 24.22 ? 2006 HOH A O   1 
HETATM 745 O  O   . HOH E 5 .  ? 6.140   -9.276  11.821  0.50 34.08 ? 2007 HOH A O   1 
HETATM 746 O  O   . HOH E 5 .  ? 4.248   -9.322  12.754  0.50 42.34 ? 2008 HOH A O   1 
HETATM 747 O  O   . HOH E 5 .  ? 1.102   -12.174 10.742  0.60 27.32 ? 2009 HOH A O   1 
HETATM 748 O  O   . HOH E 5 .  ? -10.666 -1.978  -5.210  0.50 24.16 ? 2010 HOH A O   1 
HETATM 749 O  O   . HOH E 5 .  ? -3.044  -9.233  11.207  0.33 23.64 ? 2011 HOH A O   1 
HETATM 750 O  O   . HOH E 5 .  ? 0.143   -6.733  12.458  1.00 20.41 ? 2012 HOH A O   1 
HETATM 751 O  O   . HOH E 5 .  ? -1.376  -6.525  9.322   0.60 26.73 ? 2013 HOH A O   1 
HETATM 752 O  O   . HOH E 5 .  ? -2.089  -8.598  7.560   0.60 20.77 ? 2014 HOH A O   1 
HETATM 753 O  O   . HOH E 5 .  ? -4.454  -8.355  8.874   0.33 23.18 ? 2015 HOH A O   1 
HETATM 754 O  O   . HOH E 5 .  ? -4.530  -6.464  5.517   1.00 28.98 ? 2016 HOH A O   1 
HETATM 755 O  O   . HOH E 5 .  ? -9.115  -9.305  -20.226 0.50 31.88 ? 2017 HOH A O   1 
HETATM 756 O  O   . HOH E 5 .  ? -5.806  -7.057  2.017   0.50 10.80 ? 2018 HOH A O   1 
HETATM 757 O  O   . HOH E 5 .  ? -8.393  -5.870  -2.291  1.00 19.85 ? 2019 HOH A O   1 
HETATM 758 O  O   . HOH E 5 .  ? -7.696  -4.484  0.635   1.00 16.96 ? 2020 HOH A O   1 
HETATM 759 O  O   . HOH E 5 .  ? -8.451  -2.913  -2.126  1.00 17.18 ? 2021 HOH A O   1 
HETATM 760 O  O   . HOH E 5 .  ? -8.854  -4.090  -5.094  1.00 26.36 ? 2022 HOH A O   1 
HETATM 761 O  O   . HOH E 5 .  ? 8.942   2.130   14.196  1.00 41.47 ? 2023 HOH A O   1 
HETATM 762 O  O   . HOH E 5 .  ? -8.796  -0.734  -6.639  1.00 18.68 ? 2024 HOH A O   1 
HETATM 763 O  O   . HOH E 5 .  ? -9.686  -5.229  -8.255  1.00 26.36 ? 2025 HOH A O   1 
HETATM 764 O  O   . HOH E 5 .  ? 8.858   -10.711 3.934   1.00 34.69 ? 2026 HOH A O   1 
HETATM 765 O  O   . HOH E 5 .  ? -4.184  -2.358  -14.569 0.50 19.88 ? 2027 HOH A O   1 
HETATM 766 O  O   . HOH E 5 .  ? -8.746  -5.054  -12.154 1.00 35.61 ? 2028 HOH A O   1 
HETATM 767 O  O   . HOH E 5 .  ? -1.313  1.650   -12.892 1.00 44.56 ? 2029 HOH A O   1 
HETATM 768 O  O   . HOH E 5 .  ? 9.383   -6.864  -13.963 0.50 46.59 ? 2030 HOH A O   1 
HETATM 769 O  O   . HOH E 5 .  ? -10.086 -1.060  -11.042 1.00 21.25 ? 2031 HOH A O   1 
HETATM 770 O  O   . HOH E 5 .  ? -6.964  0.686   -16.173 1.00 33.04 ? 2032 HOH A O   1 
HETATM 771 O  O   . HOH E 5 .  ? -4.888  -4.499  -20.250 1.00 42.64 ? 2033 HOH A O   1 
HETATM 772 O  O   . HOH E 5 .  ? -9.239  -6.686  -16.874 1.00 31.94 ? 2034 HOH A O   1 
HETATM 773 O  O   . HOH E 5 .  ? -6.704  -6.662  -20.103 1.00 42.24 ? 2035 HOH A O   1 
HETATM 774 O  O   . HOH E 5 .  ? -5.952  0.016   -19.179 0.40 21.35 ? 2036 HOH A O   1 
HETATM 775 O  O   . HOH E 5 .  ? -8.380  -8.790  -18.551 0.50 30.16 ? 2037 HOH A O   1 
HETATM 776 O  O   . HOH E 5 .  ? -2.718  -9.616  -14.139 1.00 48.81 ? 2038 HOH A O   1 
HETATM 777 O  O   . HOH E 5 .  ? 6.057   6.767   10.227  1.00 24.58 ? 2039 HOH A O   1 
HETATM 778 O  O   . HOH E 5 .  ? 7.893   11.752  4.004   1.00 41.28 ? 2040 HOH A O   1 
HETATM 779 O  O   . HOH E 5 .  ? 6.555   5.218   12.887  1.00 43.58 ? 2041 HOH A O   1 
HETATM 780 O  O   . HOH E 5 .  ? 1.623   -2.179  -12.099 1.00 38.23 ? 2042 HOH A O   1 
HETATM 781 O  O   . HOH E 5 .  ? -12.434 -3.384  -4.332  0.33 41.73 ? 2043 HOH A O   1 
HETATM 782 O  O   . HOH E 5 .  ? 1.182   -2.625  -9.651  1.00 35.86 ? 2044 HOH A O   1 
HETATM 783 O  O   . HOH E 5 .  ? 5.163   -7.208  -0.484  1.00 14.37 ? 2045 HOH A O   1 
HETATM 784 O  O   . HOH E 5 .  ? 8.901   -5.681  4.370   1.00 20.63 ? 2046 HOH A O   1 
HETATM 785 O  O   . HOH E 5 .  ? 4.513   5.672   14.466  1.00 32.42 ? 2047 HOH A O   1 
HETATM 786 O  O   . HOH E 5 .  ? 5.026   -7.485  11.025  0.50 24.88 ? 2048 HOH A O   1 
HETATM 787 O  O   . HOH E 5 .  ? 7.160   -5.179  10.866  1.00 26.81 ? 2049 HOH A O   1 
HETATM 788 O  O   . HOH E 5 .  ? 10.930  -5.154  5.865   1.00 29.10 ? 2050 HOH A O   1 
HETATM 789 O  O   . HOH E 5 .  ? 12.978  -11.406 5.132   1.00 41.65 ? 2051 HOH A O   1 
HETATM 790 O  O   . HOH E 5 .  ? 8.982   -8.092  12.814  1.00 38.65 ? 2052 HOH A O   1 
HETATM 791 O  O   . HOH E 5 .  ? 8.307   -5.801  14.430  1.00 33.94 ? 2053 HOH A O   1 
HETATM 792 O  O   . HOH E 5 .  ? 7.364   -0.173  13.099  1.00 28.47 ? 2054 HOH A O   1 
HETATM 793 O  O   . HOH E 5 .  ? 12.048  4.052   5.530   0.50 32.48 ? 2055 HOH A O   1 
HETATM 794 O  O   . HOH E 5 .  ? 7.836   -6.750  0.073   1.00 24.62 ? 2056 HOH A O   1 
HETATM 795 O  O   . HOH E 5 .  ? 9.221   -8.162  3.026   1.00 39.22 ? 2057 HOH A O   1 
HETATM 796 O  O   . HOH E 5 .  ? 9.187   -1.181  -1.270  1.00 15.88 ? 2058 HOH A O   1 
HETATM 797 O  O   . HOH E 5 .  ? 5.384   2.984   -4.980  1.00 23.49 ? 2059 HOH A O   1 
HETATM 798 O  O   . HOH E 5 .  ? 0.660   -2.987  -17.035 1.00 44.19 ? 2060 HOH A O   1 
HETATM 799 O  O   . HOH E 5 .  ? 7.427   -6.011  -16.101 1.00 35.47 ? 2061 HOH A O   1 
HETATM 800 O  O   . HOH E 5 .  ? 4.875   -2.109  -15.900 1.00 21.56 ? 2062 HOH A O   1 
HETATM 801 O  O   . HOH E 5 .  ? 9.974   -9.808  -15.432 0.50 40.77 ? 2063 HOH A O   1 
HETATM 802 O  O   . HOH E 5 .  ? 8.217   -11.878 -11.493 1.00 28.92 ? 2064 HOH A O   1 
HETATM 803 O  O   . HOH E 5 .  ? 12.078  -1.558  -8.397  1.00 32.03 ? 2065 HOH A O   1 
HETATM 804 O  O   . HOH E 5 .  ? 13.684  -6.210  -4.032  1.00 41.99 ? 2066 HOH A O   1 
HETATM 805 O  O   . HOH E 5 .  ? 14.250  -4.998  -6.475  1.00 32.18 ? 2067 HOH A O   1 
HETATM 806 O  O   . HOH E 5 .  ? 12.144  0.851   -4.048  1.00 42.82 ? 2068 HOH A O   1 
HETATM 807 O  O   . HOH E 5 .  ? 6.852   2.399   -7.238  1.00 42.70 ? 2069 HOH A O   1 
HETATM 808 O  O   . HOH E 5 .  ? 8.234   5.472   1.140   1.00 28.96 ? 2070 HOH A O   1 
HETATM 809 O  O   . HOH E 5 .  ? 11.234  6.310   5.534   1.00 40.97 ? 2071 HOH A O   1 
HETATM 810 O  O   . HOH E 5 .  ? 11.787  -1.473  -0.457  1.00 28.44 ? 2072 HOH A O   1 
HETATM 811 O  O   . HOH E 5 .  ? 8.019   7.691   8.381   1.00 28.46 ? 2073 HOH A O   1 
HETATM 812 O  O   . HOH E 5 .  ? 9.009   9.544   4.137   1.00 42.86 ? 2074 HOH A O   1 
HETATM 813 O  O   . HOH E 5 .  ? 4.433   4.753   8.949   1.00 17.51 ? 2075 HOH A O   1 
HETATM 814 O  O   . HOH E 5 .  ? 3.777   2.656   11.735  1.00 26.67 ? 2076 HOH A O   1 
HETATM 815 O  O   . HOH E 5 .  ? -2.452  -0.731  10.191  1.00 13.73 ? 2077 HOH A O   1 
HETATM 816 O  O   . HOH E 5 .  ? -5.731  -4.699  3.732   0.50 7.60  ? 2078 HOH A O   1 
HETATM 817 O  O   . HOH E 5 .  ? -10.159 -1.112  -3.324  0.50 21.93 ? 2079 HOH A O   1 
HETATM 818 O  O   . HOH E 5 .  ? -9.042  10.830  -5.582  1.00 28.05 ? 2080 HOH A O   1 
HETATM 819 O  O   . HOH E 5 .  ? -10.257 0.441   -8.660  1.00 29.56 ? 2081 HOH A O   1 
HETATM 820 O  O   . HOH E 5 .  ? -11.664 2.373   -8.818  0.50 29.78 ? 2082 HOH A O   1 
HETATM 821 O  O   . HOH E 5 .  ? -12.427 2.500   -11.680 1.00 37.81 ? 2083 HOH A O   1 
HETATM 822 O  O   . HOH E 5 .  ? -6.432  11.650  -9.961  1.00 43.32 ? 2084 HOH A O   1 
HETATM 823 O  O   . HOH E 5 .  ? -0.735  6.070   -10.680 1.00 23.82 ? 2085 HOH A O   1 
HETATM 824 O  O   . HOH E 5 .  ? -3.764  12.814  -1.021  1.00 43.26 ? 2086 HOH A O   1 
HETATM 825 O  O   . HOH E 5 .  ? 2.476   4.863   12.580  1.00 22.04 ? 2087 HOH A O   1 
HETATM 826 O  O   . HOH E 5 .  ? 2.401   3.924   19.785  1.00 44.59 ? 2088 HOH A O   1 
HETATM 827 O  O   . HOH E 5 .  ? -4.356  3.643   15.798  1.00 26.68 ? 2089 HOH A O   1 
HETATM 828 O  O   . HOH E 5 .  ? -3.249  6.371   15.571  1.00 27.87 ? 2090 HOH A O   1 
HETATM 829 O  O   . HOH E 5 .  ? -2.224  9.339   12.659  1.00 27.83 ? 2091 HOH A O   1 
HETATM 830 O  O   . HOH E 5 .  ? -6.114  3.435   13.521  1.00 22.83 ? 2092 HOH A O   1 
HETATM 831 O  O   . HOH E 5 .  ? 4.230   8.676   11.311  1.00 34.11 ? 2093 HOH A O   1 
HETATM 832 O  O   . HOH E 5 .  ? 0.929   9.469   12.580  1.00 39.70 ? 2094 HOH A O   1 
HETATM 833 O  O   . HOH E 5 .  ? -1.921  9.821   9.041   1.00 17.36 ? 2095 HOH A O   1 
HETATM 834 O  O   . HOH E 5 .  ? 0.231   11.762  -2.399  1.00 22.71 ? 2096 HOH A O   1 
HETATM 835 O  O   . HOH E 5 .  ? 0.308   11.444  -6.313  1.00 28.87 ? 2097 HOH A O   1 
HETATM 836 O  O   . HOH E 5 .  ? -3.188  12.531  -9.559  1.00 52.41 ? 2098 HOH A O   1 
HETATM 837 O  O   . HOH E 5 .  ? 1.492   13.363  -4.415  1.00 41.56 ? 2099 HOH A O   1 
HETATM 838 O  O   . HOH E 5 .  ? 5.930   12.616  -2.840  1.00 32.33 ? 2100 HOH A O   1 
HETATM 839 O  O   . HOH E 5 .  ? 4.646   13.560  3.398   1.00 31.11 ? 2101 HOH A O   1 
HETATM 840 O  O   . HOH E 5 .  ? 7.502   10.424  8.855   1.00 42.81 ? 2102 HOH A O   1 
HETATM 841 O  O   . HOH E 5 .  ? -7.811  13.403  11.148  1.00 27.59 ? 2103 HOH A O   1 
HETATM 842 O  O   . HOH E 5 .  ? -3.819  8.921   15.108  1.00 32.24 ? 2104 HOH A O   1 
HETATM 843 O  O   . HOH E 5 .  ? -10.752 14.136  13.242  1.00 37.54 ? 2105 HOH A O   1 
# 
loop_
_atom_site_anisotrop.id 
_atom_site_anisotrop.type_symbol 
_atom_site_anisotrop.pdbx_label_atom_id 
_atom_site_anisotrop.pdbx_label_alt_id 
_atom_site_anisotrop.pdbx_label_comp_id 
_atom_site_anisotrop.pdbx_label_asym_id 
_atom_site_anisotrop.pdbx_label_seq_id 
_atom_site_anisotrop.pdbx_PDB_ins_code 
_atom_site_anisotrop.U[1][1] 
_atom_site_anisotrop.U[2][2] 
_atom_site_anisotrop.U[3][3] 
_atom_site_anisotrop.U[1][2] 
_atom_site_anisotrop.U[1][3] 
_atom_site_anisotrop.U[2][3] 
_atom_site_anisotrop.pdbx_auth_seq_id 
_atom_site_anisotrop.pdbx_auth_comp_id 
_atom_site_anisotrop.pdbx_auth_asym_id 
_atom_site_anisotrop.pdbx_auth_atom_id 
1   N  N   . SER A 1  ? 0.4702 0.3262 0.2806 0.0161  -0.0139 0.0364  1    SER A N   
2   C  CA  . SER A 1  ? 0.2814 0.2912 0.2026 0.0369  -0.0013 0.0587  1    SER A CA  
3   C  C   . SER A 1  ? 0.2682 0.2160 0.1999 0.0557  0.0080  0.0221  1    SER A C   
4   O  O   . SER A 1  ? 0.2361 0.2511 0.2073 0.0392  -0.0196 0.0265  1    SER A O   
5   C  CB  . SER A 1  ? 0.4042 0.3868 0.2563 -0.0292 -0.0020 -0.0102 1    SER A CB  
6   O  OG  . SER A 1  ? 0.4263 0.3410 0.2620 0.0253  -0.0737 0.0186  1    SER A OG  
7   N  N   . SER A 2  ? 0.2170 0.2136 0.1804 -0.0009 0.0005  0.0470  2    SER A N   
8   C  CA  . SER A 2  ? 0.2062 0.1662 0.1697 0.0101  -0.0022 -0.0167 2    SER A CA  
9   C  C   . SER A 2  ? 0.1903 0.1918 0.1848 0.0292  -0.0219 0.0095  2    SER A C   
10  O  O   . SER A 2  ? 0.1930 0.1902 0.1664 0.0104  -0.0044 0.0218  2    SER A O   
11  C  CB  . SER A 2  ? 0.2053 0.1677 0.2280 -0.0193 0.0012  0.0070  2    SER A CB  
12  O  OG  . SER A 2  ? 0.2256 0.2088 0.2420 0.0028  -0.0028 0.0038  2    SER A OG  
13  N  N   . VAL A 3  ? 0.1371 0.1808 0.2048 0.0155  -0.0329 0.0058  3    VAL A N   
14  C  CA  . VAL A 3  ? 0.1675 0.1743 0.1899 0.0058  -0.0049 -0.0129 3    VAL A CA  
15  C  C   . VAL A 3  ? 0.1619 0.1307 0.1934 0.0057  -0.0083 0.0300  3    VAL A C   
16  O  O   . VAL A 3  ? 0.1500 0.1759 0.2166 0.0075  -0.0324 0.0300  3    VAL A O   
17  C  CB  . VAL A 3  ? 0.1836 0.1449 0.1922 0.0036  -0.0065 0.0074  3    VAL A CB  
18  C  CG1 . VAL A 3  ? 0.1727 0.2168 0.2328 -0.0331 -0.0060 0.0063  3    VAL A CG1 
19  C  CG2 . VAL A 3  ? 0.1619 0.2189 0.1403 -0.0178 0.0359  0.0113  3    VAL A CG2 
20  N  N   . GLN A 4  ? 0.1442 0.1502 0.1568 0.0072  -0.0131 0.0163  4    GLN A N   
21  C  CA  A GLN A 4  ? 0.1403 0.1667 0.1958 0.0044  -0.0091 0.0348  4    GLN A CA  
22  C  CA  B GLN A 4  ? 0.1646 0.1318 0.2041 0.0252  -0.0100 0.0307  4    GLN A CA  
23  C  CA  C GLN A 4  ? 0.1448 0.1353 0.1815 0.0023  -0.0118 0.0178  4    GLN A CA  
24  C  C   . GLN A 4  ? 0.1395 0.1729 0.1668 0.0074  0.0076  0.0202  4    GLN A C   
25  O  O   . GLN A 4  ? 0.1484 0.1898 0.1860 -0.0228 -0.0129 0.0264  4    GLN A O   
26  C  CB  A GLN A 4  ? 0.0619 0.2823 0.2242 0.0257  0.0081  0.0005  4    GLN A CB  
27  C  CB  B GLN A 4  ? 0.1690 0.2051 0.2422 0.0566  -0.0349 -0.0100 4    GLN A CB  
28  C  CB  C GLN A 4  ? 0.1377 0.1891 0.2035 0.0354  -0.0070 0.0062  4    GLN A CB  
29  C  CG  A GLN A 4  ? 0.2123 0.2455 0.2233 0.0083  -0.0064 -0.0069 4    GLN A CG  
30  C  CG  B GLN A 4  ? 0.2377 0.2412 0.2243 0.0463  -0.0200 -0.0099 4    GLN A CG  
31  C  CG  C GLN A 4  ? 0.1145 0.1047 0.0699 0.0039  -0.0004 -0.0131 4    GLN A CG  
32  C  CD  A GLN A 4  ? 0.1796 0.2496 0.1893 -0.0095 -0.0291 -0.0401 4    GLN A CD  
33  C  CD  B GLN A 4  ? 0.2809 0.2425 0.2270 0.0086  -0.0086 0.0530  4    GLN A CD  
34  C  CD  C GLN A 4  ? 0.1358 0.1022 0.1665 0.0078  0.0021  0.0067  4    GLN A CD  
35  O  OE1 A GLN A 4  ? 0.1450 0.3675 0.2365 -0.0149 -0.0995 -0.1042 4    GLN A OE1 
36  O  OE1 B GLN A 4  ? 0.2945 0.3373 0.3126 0.0777  -0.0371 0.0049  4    GLN A OE1 
37  O  OE1 C GLN A 4  ? 0.1175 0.1180 0.1658 0.0011  0.0182  -0.0196 4    GLN A OE1 
38  N  NE2 A GLN A 4  ? 0.1771 0.2446 0.2312 -0.0061 -0.0594 -0.0514 4    GLN A NE2 
39  N  NE2 B GLN A 4  ? 0.1862 0.2517 0.2213 -0.0597 0.0066  0.0648  4    GLN A NE2 
40  N  NE2 C GLN A 4  ? 0.2131 0.0622 0.1766 0.0054  -0.0504 0.0305  4    GLN A NE2 
41  N  N   . THR A 5  ? 0.1532 0.1467 0.1526 -0.0061 -0.0074 0.0085  5    THR A N   
42  C  CA  . THR A 5  ? 0.1482 0.1613 0.1701 -0.0088 -0.0011 0.0210  5    THR A CA  
43  C  C   . THR A 5  ? 0.1311 0.1495 0.1464 -0.0103 -0.0045 0.0040  5    THR A C   
44  O  O   . THR A 5  ? 0.1716 0.1714 0.1483 -0.0065 0.0140  0.0118  5    THR A O   
45  C  CB  . THR A 5  ? 0.1489 0.1493 0.1697 -0.0103 0.0054  0.0261  5    THR A CB  
46  O  OG1 . THR A 5  ? 0.1578 0.1563 0.1930 -0.0316 -0.0153 0.0011  5    THR A OG1 
47  C  CG2 . THR A 5  ? 0.1505 0.1756 0.2091 -0.0205 0.0193  0.0162  5    THR A CG2 
48  N  N   . ALA A 6  ? 0.1223 0.1590 0.1422 -0.0060 0.0153  0.0129  6    ALA A N   
49  C  CA  . ALA A 6  ? 0.1240 0.1502 0.1448 -0.0141 0.0174  0.0032  6    ALA A CA  
50  C  C   . ALA A 6  ? 0.1624 0.1697 0.1461 0.0048  0.0183  0.0149  6    ALA A C   
51  O  O   . ALA A 6  ? 0.1422 0.1989 0.1480 -0.0111 -0.0003 -0.0015 6    ALA A O   
52  C  CB  . ALA A 6  ? 0.1538 0.1706 0.1464 -0.0092 0.0155  -0.0018 6    ALA A CB  
53  N  N   . ALA A 7  ? 0.1395 0.1434 0.1534 -0.0140 0.0300  0.0056  7    ALA A N   
54  C  CA  . ALA A 7  ? 0.1543 0.1493 0.1470 0.0005  0.0030  0.0069  7    ALA A CA  
55  C  C   . ALA A 7  ? 0.1348 0.1574 0.1513 -0.0229 -0.0095 0.0009  7    ALA A C   
56  O  O   . ALA A 7  ? 0.1437 0.1710 0.1642 -0.0016 0.0017  0.0388  7    ALA A O   
57  C  CB  . ALA A 7  ? 0.1853 0.1655 0.1586 0.0101  -0.0073 0.0013  7    ALA A CB  
58  N  N   . THR A 8  ? 0.1068 0.1778 0.1486 -0.0155 0.0097  -0.0044 8    THR A N   
59  C  CA  . THR A 8  ? 0.1242 0.1781 0.1425 -0.0052 0.0128  0.0093  8    THR A CA  
60  C  C   . THR A 8  ? 0.1615 0.1715 0.1396 0.0169  0.0080  0.0171  8    THR A C   
61  O  O   . THR A 8  ? 0.1377 0.1975 0.1584 0.0116  -0.0179 -0.0145 8    THR A O   
62  C  CB  . THR A 8  ? 0.1662 0.1716 0.1701 0.0031  0.0106  0.0269  8    THR A CB  
63  O  OG1 . THR A 8  ? 0.1790 0.1610 0.2120 0.0266  -0.0088 0.0091  8    THR A OG1 
64  C  CG2 . THR A 8  ? 0.1473 0.1848 0.1619 -0.0132 -0.0049 0.0000  8    THR A CG2 
65  N  N   . SER A 9  ? 0.1552 0.1955 0.1548 0.0130  -0.0040 0.0281  9    SER A N   
66  C  CA  . SER A 9  ? 0.1545 0.1409 0.1586 0.0199  -0.0053 0.0049  9    SER A CA  
67  C  C   . SER A 9  ? 0.1643 0.1618 0.1623 0.0146  -0.0001 0.0257  9    SER A C   
68  O  O   . SER A 9  ? 0.1830 0.1925 0.1665 0.0287  -0.0254 0.0136  9    SER A O   
69  C  CB  . SER A 9  ? 0.1716 0.1644 0.1334 -0.0078 -0.0064 -0.0090 9    SER A CB  
70  O  OG  . SER A 9  ? 0.1721 0.1897 0.1642 -0.0103 0.0036  -0.0008 9    SER A OG  
71  N  N   . TRP A 10 ? 0.1737 0.1874 0.1615 0.0223  0.0099  0.0223  10   TRP A N   
72  C  CA  . TRP A 10 ? 0.1929 0.2134 0.1830 0.0033  -0.0078 0.0201  10   TRP A CA  
73  C  C   . TRP A 10 ? 0.1830 0.1890 0.2049 0.0098  0.0200  0.0040  10   TRP A C   
74  O  O   . TRP A 10 ? 0.2137 0.2231 0.1633 0.0083  -0.0120 0.0124  10   TRP A O   
75  C  CB  . TRP A 10 ? 0.2085 0.1787 0.1594 0.0026  0.0026  0.0311  10   TRP A CB  
76  C  CG  . TRP A 10 ? 0.2103 0.1938 0.1690 0.0044  0.0130  0.0387  10   TRP A CG  
77  C  CD1 . TRP A 10 ? 0.2301 0.2164 0.1914 -0.0055 0.0154  0.0283  10   TRP A CD1 
78  C  CD2 . TRP A 10 ? 0.1977 0.1879 0.2079 0.0130  0.0052  0.0136  10   TRP A CD2 
79  N  NE1 . TRP A 10 ? 0.2195 0.2247 0.1784 -0.0196 0.0160  0.0142  10   TRP A NE1 
80  C  CE2 . TRP A 10 ? 0.1967 0.1912 0.1906 0.0234  -0.0044 0.0248  10   TRP A CE2 
81  C  CE3 . TRP A 10 ? 0.2220 0.1954 0.2173 -0.0028 -0.0126 0.0321  10   TRP A CE3 
82  C  CZ2 . TRP A 10 ? 0.1808 0.2704 0.2221 -0.0024 0.0075  0.0248  10   TRP A CZ2 
83  C  CZ3 . TRP A 10 ? 0.2105 0.2961 0.2132 -0.0255 0.0109  0.0306  10   TRP A CZ3 
84  C  CH2 . TRP A 10 ? 0.1944 0.3151 0.2175 -0.0043 0.0043  0.0430  10   TRP A CH2 
85  N  N   A GLY A 11 ? 0.2153 0.2498 0.1505 -0.0039 0.0038  0.0225  11   GLY A N   
86  N  N   B GLY A 11 ? 0.2168 0.2524 0.1486 -0.0027 0.0039  0.0242  11   GLY A N   
87  C  CA  A GLY A 11 ? 0.2352 0.2293 0.1519 0.0037  -0.0004 0.0253  11   GLY A CA  
88  C  CA  B GLY A 11 ? 0.2455 0.2367 0.1500 -0.0026 -0.0030 0.0308  11   GLY A CA  
89  C  C   A GLY A 11 ? 0.1927 0.2439 0.1798 0.0127  -0.0007 0.0149  11   GLY A C   
90  C  C   B GLY A 11 ? 0.2069 0.2362 0.1961 0.0169  -0.0157 0.0262  11   GLY A C   
91  O  O   A GLY A 11 ? 0.2380 0.2391 0.2043 0.0173  -0.0205 0.0058  11   GLY A O   
92  O  O   B GLY A 11 ? 0.2676 0.2416 0.2343 0.0041  -0.0373 0.0388  11   GLY A O   
93  N  N   A THR A 12 ? 0.2400 0.2397 0.1747 -0.0001 0.0422  -0.0080 12   THR A N   
94  N  N   B THR A 12 ? 0.2867 0.3584 0.1955 -0.0414 -0.0035 -0.0270 12   THR A N   
95  C  CA  A THR A 12 ? 0.2305 0.2474 0.2422 -0.0403 -0.0338 0.0012  12   THR A CA  
96  C  CA  B THR A 12 ? 0.2184 0.2711 0.2804 0.0022  -0.0077 -0.0234 12   THR A CA  
97  C  C   A THR A 12 ? 0.2324 0.3306 0.2870 0.0120  -0.0304 -0.0457 12   THR A C   
98  C  C   B THR A 12 ? 0.2149 0.2351 0.3172 -0.0537 -0.0206 -0.0026 12   THR A C   
99  O  O   A THR A 12 ? 0.2579 0.4151 0.2270 -0.0619 0.0008  -0.0452 12   THR A O   
100 O  O   B THR A 12 ? 0.2800 0.1934 0.2517 0.0624  -0.0179 0.0081  12   THR A O   
101 C  CB  A THR A 12 ? 0.2302 0.2198 0.2275 -0.0176 -0.0108 -0.0235 12   THR A CB  
102 C  CB  B THR A 12 ? 0.1830 0.2376 0.2411 0.0028  0.0017  -0.0486 12   THR A CB  
103 O  OG1 A THR A 12 ? 0.2365 0.2573 0.1920 -0.0443 -0.0181 -0.0108 12   THR A OG1 
104 O  OG1 B THR A 12 ? 0.1706 0.2448 0.2772 -0.0046 -0.0037 -0.0405 12   THR A OG1 
105 C  CG2 A THR A 12 ? 0.2563 0.2694 0.2216 0.0185  0.0024  0.0119  12   THR A CG2 
106 C  CG2 B THR A 12 ? 0.1620 0.2586 0.1905 0.0253  0.0355  -0.0211 12   THR A CG2 
107 N  N   A VAL A 13 ? 0.3931 0.2760 0.3175 0.0474  -0.1373 -0.1947 13   VAL A N   
108 N  N   B VAL A 13 ? 0.2760 0.1098 0.2841 -0.0316 -0.0516 -0.1001 13   VAL A N   
109 C  CA  A VAL A 13 ? 0.3221 0.3208 0.3700 0.0474  0.0198  -0.0720 13   VAL A CA  
110 C  CA  B VAL A 13 ? 0.2117 0.2310 0.2702 0.0260  -0.0716 -0.0039 13   VAL A CA  
111 C  C   A VAL A 13 ? 0.2933 0.3403 0.3100 0.0721  -0.0054 0.0009  13   VAL A C   
112 C  C   B VAL A 13 ? 0.3114 0.2970 0.2009 -0.0212 0.0247  -0.0334 13   VAL A C   
113 O  O   A VAL A 13 ? 0.4954 0.4526 0.4222 -0.0198 -0.0002 -0.1090 13   VAL A O   
114 O  O   B VAL A 13 ? 0.4511 0.2367 0.3326 -0.0206 -0.0033 -0.0241 13   VAL A O   
115 C  CB  A VAL A 13 ? 0.3658 0.3192 0.2884 0.0133  -0.0117 0.0001  13   VAL A CB  
116 C  CB  B VAL A 13 ? 0.2350 0.2227 0.1115 0.0211  -0.0225 -0.0982 13   VAL A CB  
117 C  CG1 A VAL A 13 ? 0.3513 0.4031 0.3805 -0.0449 0.0334  0.0065  13   VAL A CG1 
118 C  CG1 B VAL A 13 ? 0.2550 0.2245 0.1055 0.0219  -0.0314 -0.0912 13   VAL A CG1 
119 C  CG2 A VAL A 13 ? 0.2347 0.3051 0.2118 -0.0138 0.0161  0.0494  13   VAL A CG2 
120 C  CG2 B VAL A 13 ? 0.2150 0.2981 0.1944 -0.0937 0.0072  -0.0576 13   VAL A CG2 
121 N  N   A PRO A 14 ? 0.2919 0.3177 0.3405 0.0258  0.0193  -0.0253 14   PRO A N   
122 N  N   B PRO A 14 ? 0.3284 0.3263 0.2215 0.0080  0.0333  -0.0018 14   PRO A N   
123 C  CA  A PRO A 14 ? 0.2719 0.3343 0.2310 0.0206  -0.0084 0.0204  14   PRO A CA  
124 C  CA  B PRO A 14 ? 0.2734 0.3124 0.2008 0.0047  -0.0069 0.0140  14   PRO A CA  
125 C  C   A PRO A 14 ? 0.2638 0.2346 0.2317 0.0325  -0.0177 0.0180  14   PRO A C   
126 C  C   B PRO A 14 ? 0.2604 0.2368 0.2314 0.0329  -0.0181 0.0168  14   PRO A C   
127 O  O   A PRO A 14 ? 0.2839 0.2659 0.3770 0.0362  -0.0634 -0.0641 14   PRO A O   
128 O  O   B PRO A 14 ? 0.2850 0.2718 0.3726 0.0415  -0.0659 -0.0630 14   PRO A O   
129 C  CB  A PRO A 14 ? 0.2950 0.3440 0.3501 -0.0145 0.0273  0.0172  14   PRO A CB  
130 C  CB  B PRO A 14 ? 0.2736 0.3483 0.3340 0.0007  0.0355  0.0013  14   PRO A CB  
131 C  CG  A PRO A 14 ? 0.3861 0.3554 0.3209 -0.0108 0.0517  -0.0236 14   PRO A CG  
132 C  CG  B PRO A 14 ? 0.3949 0.3741 0.3125 -0.0344 0.0388  -0.0312 14   PRO A CG  
133 C  CD  A PRO A 14 ? 0.3013 0.3133 0.3607 0.0183  0.0862  -0.0259 14   PRO A CD  
134 C  CD  B PRO A 14 ? 0.3174 0.3147 0.3625 -0.0131 0.0568  -0.0101 14   PRO A CD  
135 N  N   . SER A 15 ? 0.2095 0.2634 0.1523 0.0125  0.0129  0.0036  15   SER A N   
136 C  CA  . SER A 15 ? 0.2012 0.2498 0.1621 0.0058  0.0056  -0.0073 15   SER A CA  
137 C  C   . SER A 15 ? 0.1992 0.2082 0.1550 0.0150  0.0227  -0.0071 15   SER A C   
138 O  O   . SER A 15 ? 0.2090 0.2243 0.1425 0.0193  0.0130  0.0042  15   SER A O   
139 C  CB  . SER A 15 ? 0.2458 0.2516 0.1881 -0.0154 0.0521  0.0595  15   SER A CB  
140 O  OG  . SER A 15 ? 0.3924 0.3117 0.1929 -0.0089 0.0715  0.0768  15   SER A OG  
141 N  N   . ILE A 16 ? 0.1653 0.2062 0.1495 -0.0124 0.0319  0.0035  16   ILE A N   
142 C  CA  . ILE A 16 ? 0.1668 0.1785 0.1285 -0.0013 0.0190  -0.0112 16   ILE A CA  
143 C  C   . ILE A 16 ? 0.1507 0.1849 0.1526 0.0229  -0.0037 0.0181  16   ILE A C   
144 O  O   . ILE A 16 ? 0.1739 0.1818 0.1614 -0.0014 0.0134  -0.0130 16   ILE A O   
145 C  CB  . ILE A 16 ? 0.1633 0.1837 0.1729 0.0055  0.0139  0.0114  16   ILE A CB  
146 C  CG1 . ILE A 16 ? 0.1828 0.2114 0.1626 -0.0197 0.0293  0.0126  16   ILE A CG1 
147 C  CG2 . ILE A 16 ? 0.1625 0.2140 0.1808 -0.0186 0.0247  0.0040  16   ILE A CG2 
148 C  CD1 . ILE A 16 ? 0.1895 0.2196 0.1938 -0.0335 0.0024  0.0038  16   ILE A CD1 
149 N  N   . ALA A 17 ? 0.1713 0.1757 0.1469 0.0004  -0.0052 0.0135  17   ALA A N   
150 C  CA  . ALA A 17 ? 0.1641 0.1761 0.1493 -0.0093 0.0074  0.0101  17   ALA A CA  
151 C  C   . ALA A 17 ? 0.1757 0.1789 0.1287 -0.0071 0.0206  -0.0121 17   ALA A C   
152 O  O   . ALA A 17 ? 0.1369 0.2105 0.1625 0.0108  0.0004  0.0125  17   ALA A O   
153 C  CB  . ALA A 17 ? 0.2090 0.1843 0.1437 -0.0108 0.0088  0.0135  17   ALA A CB  
154 N  N   . VAL A 18 ? 0.1892 0.1756 0.1275 -0.0197 0.0180  0.0055  18   VAL A N   
155 C  CA  . VAL A 18 ? 0.1293 0.1645 0.1309 0.0015  0.0052  0.0081  18   VAL A CA  
156 C  C   . VAL A 18 ? 0.1575 0.1642 0.1379 -0.0184 -0.0007 0.0156  18   VAL A C   
157 O  O   . VAL A 18 ? 0.1458 0.1615 0.1748 -0.0069 -0.0009 0.0109  18   VAL A O   
158 C  CB  . VAL A 18 ? 0.1245 0.1634 0.1824 0.0028  0.0119  0.0031  18   VAL A CB  
159 C  CG1 . VAL A 18 ? 0.1686 0.1337 0.2126 -0.0044 0.0140  0.0270  18   VAL A CG1 
160 C  CG2 . VAL A 18 ? 0.1466 0.1799 0.1915 -0.0125 0.0041  -0.0035 18   VAL A CG2 
161 N  N   . TYR A 19 ? 0.1229 0.1729 0.1440 -0.0149 -0.0005 -0.0016 19   TYR A N   
162 C  CA  . TYR A 19 ? 0.1226 0.1821 0.1288 -0.0076 0.0079  0.0088  19   TYR A CA  
163 C  C   . TYR A 19 ? 0.1710 0.1709 0.1439 -0.0079 0.0018  0.0094  19   TYR A C   
164 O  O   . TYR A 19 ? 0.1505 0.1730 0.1750 -0.0212 -0.0112 0.0190  19   TYR A O   
165 C  CB  . TYR A 19 ? 0.1526 0.1617 0.1549 -0.0150 0.0015  0.0044  19   TYR A CB  
166 C  CG  . TYR A 19 ? 0.1465 0.1836 0.1474 0.0155  0.0386  0.0026  19   TYR A CG  
167 C  CD1 . TYR A 19 ? 0.1961 0.1440 0.1766 -0.0069 0.0157  -0.0033 19   TYR A CD1 
168 C  CD2 . TYR A 19 ? 0.1800 0.1974 0.1830 -0.0051 -0.0089 -0.0020 19   TYR A CD2 
169 C  CE1 . TYR A 19 ? 0.1775 0.1558 0.2075 0.0018  0.0034  0.0039  19   TYR A CE1 
170 C  CE2 . TYR A 19 ? 0.1877 0.2001 0.1894 0.0033  0.0092  0.0080  19   TYR A CE2 
171 C  CZ  . TYR A 19 ? 0.1614 0.1557 0.1786 0.0101  0.0268  0.0022  19   TYR A CZ  
172 O  OH  . TYR A 19 ? 0.2040 0.1794 0.1996 0.0188  0.0141  0.0128  19   TYR A OH  
173 N  N   . THR A 20 ? 0.1717 0.1292 0.1466 -0.0141 -0.0049 0.0062  20   THR A N   
174 C  CA  . THR A 20 ? 0.1764 0.1683 0.1204 -0.0360 0.0164  0.0262  20   THR A CA  
175 C  C   . THR A 20 ? 0.1658 0.1660 0.1532 -0.0074 -0.0096 0.0032  20   THR A C   
176 O  O   . THR A 20 ? 0.1599 0.1677 0.1934 -0.0105 -0.0073 0.0198  20   THR A O   
177 C  CB  . THR A 20 ? 0.1456 0.2037 0.1760 -0.0135 0.0070  0.0121  20   THR A CB  
178 O  OG1 . THR A 20 ? 0.1619 0.1845 0.1804 -0.0104 0.0197  0.0121  20   THR A OG1 
179 C  CG2 . THR A 20 ? 0.1999 0.1775 0.1930 -0.0054 0.0096  -0.0013 20   THR A CG2 
180 N  N   . ALA A 21 ? 0.1448 0.1770 0.1513 -0.0217 -0.0057 -0.0090 21   ALA A N   
181 C  CA  . ALA A 21 ? 0.1561 0.1676 0.1777 -0.0220 -0.0263 -0.0044 21   ALA A CA  
182 C  C   . ALA A 21 ? 0.1822 0.1871 0.1867 -0.0050 -0.0083 0.0061  21   ALA A C   
183 O  O   . ALA A 21 ? 0.1839 0.1690 0.1843 -0.0096 -0.0295 -0.0037 21   ALA A O   
184 C  CB  . ALA A 21 ? 0.1795 0.1783 0.2168 -0.0145 -0.0055 -0.0260 21   ALA A CB  
185 N  N   . ASN A 22 ? 0.1823 0.1892 0.2327 -0.0144 -0.0014 0.0369  22   ASN A N   
186 C  CA  . ASN A 22 ? 0.1767 0.2261 0.2583 -0.0002 -0.0114 0.0196  22   ASN A CA  
187 C  C   . ASN A 22 ? 0.2060 0.2266 0.2982 0.0244  -0.0459 0.0088  22   ASN A C   
188 O  O   . ASN A 22 ? 0.1730 0.2721 0.2803 -0.0045 -0.0353 -0.0046 22   ASN A O   
189 C  CB  . ASN A 22 ? 0.2383 0.2157 0.2978 -0.0074 -0.0470 -0.0114 22   ASN A CB  
190 C  CG  . ASN A 22 ? 0.2360 0.2627 0.3261 -0.0007 -0.0342 -0.0127 22   ASN A CG  
191 O  OD1 . ASN A 22 ? 0.2940 0.2620 0.3694 0.0435  -0.1217 0.0015  22   ASN A OD1 
192 N  ND2 . ASN A 22 ? 0.2425 0.3562 0.4239 0.0405  0.0303  0.0087  22   ASN A ND2 
193 N  N   . ASN A 23 ? 0.3013 0.2571 0.3198 0.0587  -0.0420 0.0232  23   ASN A N   
194 C  CA  . ASN A 23 ? 0.3336 0.3230 0.3259 0.0069  -0.0296 -0.0215 23   ASN A CA  
195 C  C   . ASN A 23 ? 0.2751 0.2739 0.2721 -0.0339 -0.0354 0.0132  23   ASN A C   
196 O  O   . ASN A 23 ? 0.2546 0.3144 0.3615 0.0221  -0.0788 0.0204  23   ASN A O   
197 C  CB  . ASN A 23 ? 0.2727 0.3068 0.3238 -0.0124 -0.0560 -0.0194 23   ASN A CB  
198 C  CG  . ASN A 23 ? 0.4244 0.3636 0.3636 0.0255  -0.0310 0.0034  23   ASN A CG  
199 O  OD1 . ASN A 23 ? 0.4694 0.4685 0.4353 0.0512  -0.0463 0.0928  23   ASN A OD1 
200 N  ND2 . ASN A 23 ? 0.4307 0.5342 0.4456 -0.0058 0.0062  -0.0730 23   ASN A ND2 
201 N  N   . GLY A 24 ? 0.3107 0.2363 0.2747 0.0256  -0.0153 -0.0015 24   GLY A N   
202 C  CA  . GLY A 24 ? 0.3009 0.2181 0.3030 0.0022  0.0078  0.0076  24   GLY A CA  
203 C  C   . GLY A 24 ? 0.2503 0.2384 0.2658 0.0322  -0.0233 -0.0080 24   GLY A C   
204 O  O   . GLY A 24 ? 0.2684 0.2368 0.3048 0.0516  -0.1009 -0.0051 24   GLY A O   
205 N  N   . LYS A 25 ? 0.2058 0.2428 0.2396 0.0149  -0.0564 0.0031  25   LYS A N   
206 C  CA  . LYS A 25 ? 0.2548 0.2616 0.2132 -0.0369 -0.0183 -0.0208 25   LYS A CA  
207 C  C   . LYS A 25 ? 0.2320 0.2100 0.2207 -0.0081 -0.0071 -0.0202 25   LYS A C   
208 O  O   . LYS A 25 ? 0.1956 0.2019 0.2573 0.0062  -0.0540 0.0178  25   LYS A O   
209 C  CB  . LYS A 25 ? 0.2754 0.4012 0.3741 -0.0613 0.0143  0.0177  25   LYS A CB  
210 C  CG  . LYS A 25 ? 0.3439 0.5364 0.4044 -0.0594 -0.0376 0.0068  25   LYS A CG  
211 C  CD  . LYS A 25 ? 0.5791 0.5670 0.5314 -0.0164 -0.0003 0.0261  25   LYS A CD  
212 C  CE  . LYS A 25 ? 0.4848 0.5590 0.5356 -0.0335 0.0299  -0.0372 25   LYS A CE  
213 N  NZ  . LYS A 25 ? 0.5253 0.5796 0.5159 0.0269  -0.0111 -0.0174 25   LYS A NZ  
214 N  N   . ILE A 26 ? 0.1993 0.1868 0.1868 -0.0390 -0.0112 -0.0176 26   ILE A N   
215 C  CA  . ILE A 26 ? 0.1603 0.1862 0.1915 -0.0482 -0.0118 -0.0044 26   ILE A CA  
216 C  C   . ILE A 26 ? 0.1810 0.1708 0.1702 -0.0239 -0.0159 0.0105  26   ILE A C   
217 O  O   . ILE A 26 ? 0.2578 0.2041 0.2363 -0.0404 0.0152  0.0208  26   ILE A O   
218 C  CB  . ILE A 26 ? 0.1836 0.1731 0.1978 -0.0274 -0.0194 -0.0105 26   ILE A CB  
219 C  CG1 . ILE A 26 ? 0.1892 0.2266 0.1961 0.0001  -0.0342 -0.0044 26   ILE A CG1 
220 C  CG2 . ILE A 26 ? 0.1800 0.1969 0.2202 -0.0152 -0.0322 0.0064  26   ILE A CG2 
221 C  CD1 . ILE A 26 ? 0.1718 0.2435 0.2073 -0.0089 -0.0029 -0.0215 26   ILE A CD1 
222 N  N   . THR A 27 ? 0.1737 0.1928 0.1584 -0.0303 0.0032  0.0032  27   THR A N   
223 C  CA  . THR A 27 ? 0.2044 0.2573 0.1532 -0.0214 0.0022  -0.0181 27   THR A CA  
224 C  C   . THR A 27 ? 0.1630 0.2019 0.1816 -0.0207 -0.0015 0.0228  27   THR A C   
225 O  O   . THR A 27 ? 0.1648 0.2305 0.1664 -0.0294 -0.0031 0.0160  27   THR A O   
226 C  CB  . THR A 27 ? 0.1981 0.2775 0.2422 -0.0151 0.0205  -0.0116 27   THR A CB  
227 O  OG1 . THR A 27 ? 0.2382 0.2405 0.2865 0.0291  -0.0074 -0.0027 27   THR A OG1 
228 C  CG2 . THR A 27 ? 0.1828 0.3325 0.2629 0.0088  -0.0062 0.0193  27   THR A CG2 
229 N  N   . GLU A 28 ? 0.1681 0.1744 0.1849 -0.0231 0.0187  0.0015  28   GLU A N   
230 C  CA  . GLU A 28 ? 0.1267 0.1746 0.1752 -0.0178 0.0233  0.0032  28   GLU A CA  
231 C  C   . GLU A 28 ? 0.1576 0.1807 0.1782 0.0076  0.0162  0.0167  28   GLU A C   
232 O  O   . GLU A 28 ? 0.1630 0.2259 0.1911 -0.0361 0.0248  -0.0160 28   GLU A O   
233 C  CB  . GLU A 28 ? 0.1820 0.1975 0.2070 0.0019  0.0055  0.0034  28   GLU A CB  
234 C  CG  . GLU A 28 ? 0.1855 0.2337 0.1850 -0.0010 0.0375  0.0141  28   GLU A CG  
235 C  CD  . GLU A 28 ? 0.2142 0.2378 0.1975 -0.0077 0.0181  0.0304  28   GLU A CD  
236 O  OE1 . GLU A 28 ? 0.2584 0.2308 0.2603 -0.0034 0.0034  0.0255  28   GLU A OE1 
237 O  OE2 . GLU A 28 ? 0.2108 0.2598 0.2509 0.0047  0.0417  0.0594  28   GLU A OE2 
238 N  N   . ARG A 29 ? 0.1674 0.1928 0.1505 -0.0173 0.0211  0.0090  29   ARG A N   
239 C  CA  . ARG A 29 ? 0.1264 0.1794 0.1552 -0.0287 0.0417  0.0146  29   ARG A CA  
240 C  C   . ARG A 29 ? 0.1505 0.1847 0.1779 -0.0137 0.0226  0.0212  29   ARG A C   
241 O  O   . ARG A 29 ? 0.1448 0.2251 0.1812 -0.0117 0.0255  0.0085  29   ARG A O   
242 C  CB  . ARG A 29 ? 0.1646 0.1849 0.1699 -0.0095 0.0324  0.0107  29   ARG A CB  
243 C  CG  . ARG A 29 ? 0.1879 0.1699 0.1994 -0.0174 0.0080  0.0357  29   ARG A CG  
244 C  CD  . ARG A 29 ? 0.1910 0.2049 0.2252 -0.0345 0.0222  -0.0014 29   ARG A CD  
245 N  NE  . ARG A 29 ? 0.1562 0.1919 0.2354 -0.0071 0.0133  0.0091  29   ARG A NE  
246 C  CZ  . ARG A 29 ? 0.1875 0.1937 0.2056 0.0103  0.0047  0.0151  29   ARG A CZ  
247 N  NH1 . ARG A 29 ? 0.1890 0.2083 0.2912 -0.0198 0.0176  -0.0052 29   ARG A NH1 
248 N  NH2 . ARG A 29 ? 0.2031 0.2242 0.2752 0.0061  0.0400  -0.0074 29   ARG A NH2 
249 N  N   . CYS A 30 ? 0.1521 0.1926 0.1867 0.0025  0.0403  0.0172  30   CYS A N   
250 C  CA  . CYS A 30 ? 0.1656 0.2057 0.1895 -0.0356 0.0051  0.0019  30   CYS A CA  
251 C  C   . CYS A 30 ? 0.1812 0.1897 0.1517 -0.0021 0.0283  0.0314  30   CYS A C   
252 O  O   . CYS A 30 ? 0.1732 0.2048 0.2059 -0.0289 0.0332  -0.0096 30   CYS A O   
253 C  CB  . CYS A 30 ? 0.2114 0.2185 0.1636 -0.0142 -0.0108 0.0249  30   CYS A CB  
254 S  SG  . CYS A 30 ? 0.3109 0.2246 0.2463 -0.0076 0.0278  0.0029  30   CYS A SG  
255 N  N   . TRP A 31 ? 0.1799 0.1890 0.1631 0.0125  0.0033  0.0060  31   TRP A N   
256 C  CA  . TRP A 31 ? 0.1415 0.2152 0.1609 -0.0136 0.0231  -0.0003 31   TRP A CA  
257 C  C   . TRP A 31 ? 0.1802 0.1831 0.2057 -0.0157 0.0173  -0.0104 31   TRP A C   
258 O  O   . TRP A 31 ? 0.1719 0.2079 0.1795 0.0099  0.0122  0.0009  31   TRP A O   
259 C  CB  . TRP A 31 ? 0.2082 0.1756 0.2201 -0.0056 0.0199  0.0090  31   TRP A CB  
260 C  CG  . TRP A 31 ? 0.2347 0.2218 0.1992 -0.0204 0.0085  0.0126  31   TRP A CG  
261 C  CD1 . TRP A 31 ? 0.2200 0.2534 0.2689 -0.0116 0.0019  -0.0255 31   TRP A CD1 
262 C  CD2 . TRP A 31 ? 0.2609 0.2711 0.2090 0.0035  -0.0034 0.0019  31   TRP A CD2 
263 N  NE1 . TRP A 31 ? 0.2511 0.2772 0.3023 -0.0092 0.0007  -0.0349 31   TRP A NE1 
264 C  CE2 . TRP A 31 ? 0.2510 0.2532 0.2373 -0.0205 0.0036  -0.0329 31   TRP A CE2 
265 C  CE3 . TRP A 31 ? 0.2177 0.2481 0.2301 -0.0110 0.0570  0.0257  31   TRP A CE3 
266 C  CZ2 . TRP A 31 ? 0.3053 0.2702 0.2966 0.0013  -0.0162 -0.0735 31   TRP A CZ2 
267 C  CZ3 . TRP A 31 ? 0.2665 0.2791 0.2442 -0.0205 0.0059  -0.0134 31   TRP A CZ3 
268 C  CH2 . TRP A 31 ? 0.2706 0.2825 0.3285 -0.0252 -0.0136 -0.0634 31   TRP A CH2 
269 N  N   . ASP A 32 ? 0.2482 0.2523 0.2015 -0.0147 0.0288  0.0130  32   ASP A N   
270 C  CA  . ASP A 32 ? 0.2236 0.1887 0.2460 -0.0420 0.0125  0.0098  32   ASP A CA  
271 C  C   . ASP A 32 ? 0.2559 0.2578 0.2121 -0.0144 -0.0112 0.0115  32   ASP A C   
272 O  O   . ASP A 32 ? 0.2980 0.3290 0.2024 -0.0337 0.0106  0.0104  32   ASP A O   
273 C  CB  . ASP A 32 ? 0.2486 0.2399 0.2085 -0.0620 0.0117  0.0125  32   ASP A CB  
274 C  CG  . ASP A 32 ? 0.2619 0.2412 0.2211 -0.0259 0.0083  0.0266  32   ASP A CG  
275 O  OD1 . ASP A 32 ? 0.2200 0.2551 0.2520 -0.0224 0.0444  -0.0231 32   ASP A OD1 
276 O  OD2 . ASP A 32 ? 0.2817 0.2903 0.2901 -0.0600 0.0312  0.0325  32   ASP A OD2 
277 N  N   . GLY A 33 ? 0.2738 0.2698 0.2357 -0.0221 0.0121  -0.0118 33   GLY A N   
278 C  CA  . GLY A 33 ? 0.2493 0.3209 0.2568 -0.0298 -0.0246 -0.0324 33   GLY A CA  
279 C  C   . GLY A 33 ? 0.3228 0.2896 0.2840 -0.0561 -0.0161 -0.0943 33   GLY A C   
280 O  O   . GLY A 33 ? 0.3694 0.3292 0.2868 -0.0743 -0.0177 -0.1252 33   GLY A O   
281 N  N   . LYS A 34 ? 0.2908 0.3248 0.2646 -0.0173 0.0167  -0.0308 34   LYS A N   
282 C  CA  . LYS A 34 ? 0.3380 0.2742 0.3148 -0.0331 0.0049  -0.0278 34   LYS A CA  
283 C  C   . LYS A 34 ? 0.2852 0.2876 0.3002 0.0281  0.0163  -0.0682 34   LYS A C   
284 O  O   . LYS A 34 ? 0.3388 0.2852 0.3491 0.0226  0.0070  -0.0294 34   LYS A O   
285 C  CB  . LYS A 34 ? 0.3595 0.3438 0.3014 -0.0010 0.0241  0.0117  34   LYS A CB  
286 C  CG  . LYS A 34 ? 0.4259 0.4005 0.3791 -0.0067 0.0251  0.0024  34   LYS A CG  
287 C  CD  . LYS A 34 ? 0.5327 0.4990 0.3896 0.0203  0.0289  0.0369  34   LYS A CD  
288 C  CE  . LYS A 34 ? 0.4972 0.5573 0.4183 0.0002  0.0332  -0.0303 34   LYS A CE  
289 N  NZ  . LYS A 34 ? 0.6387 0.6196 0.5508 -0.0456 -0.0156 -0.0608 34   LYS A NZ  
290 N  N   . GLY A 35 ? 0.2741 0.2611 0.2362 -0.0089 0.0237  -0.0370 35   GLY A N   
291 C  CA  . GLY A 35 ? 0.2993 0.2339 0.2319 -0.0163 0.0427  -0.0125 35   GLY A CA  
292 C  C   . GLY A 35 ? 0.2339 0.2525 0.2172 0.0021  0.0275  -0.0222 35   GLY A C   
293 O  O   . GLY A 35 ? 0.2559 0.2542 0.2576 -0.0004 -0.0014 -0.0080 35   GLY A O   
294 N  N   . TRP A 36 ? 0.1596 0.2134 0.2318 -0.0199 0.0399  -0.0028 36   TRP A N   
295 C  CA  . TRP A 36 ? 0.1744 0.2210 0.2212 -0.0001 0.0279  -0.0158 36   TRP A CA  
296 C  C   . TRP A 36 ? 0.1848 0.1915 0.2937 -0.0023 0.0264  0.0158  36   TRP A C   
297 O  O   . TRP A 36 ? 0.1817 0.2511 0.2810 -0.0100 0.0223  -0.0516 36   TRP A O   
298 C  CB  . TRP A 36 ? 0.1755 0.2356 0.2387 -0.0300 0.0210  -0.0055 36   TRP A CB  
299 C  CG  . TRP A 36 ? 0.1687 0.2106 0.1933 -0.0318 0.0143  -0.0205 36   TRP A CG  
300 C  CD1 . TRP A 36 ? 0.1900 0.2224 0.2009 -0.0204 0.0426  -0.0111 36   TRP A CD1 
301 C  CD2 . TRP A 36 ? 0.1931 0.1724 0.1775 -0.0096 0.0147  0.0047  36   TRP A CD2 
302 N  NE1 . TRP A 36 ? 0.1919 0.1889 0.2109 -0.0290 0.0361  -0.0048 36   TRP A NE1 
303 C  CE2 . TRP A 36 ? 0.1935 0.1940 0.1764 -0.0136 0.0076  -0.0142 36   TRP A CE2 
304 C  CE3 . TRP A 36 ? 0.1804 0.1739 0.1878 -0.0235 0.0100  -0.0198 36   TRP A CE3 
305 C  CZ2 . TRP A 36 ? 0.1942 0.1892 0.1940 -0.0072 0.0044  0.0116  36   TRP A CZ2 
306 C  CZ3 . TRP A 36 ? 0.1742 0.1687 0.1970 -0.0105 0.0074  -0.0035 36   TRP A CZ3 
307 C  CH2 . TRP A 36 ? 0.1773 0.1723 0.1884 -0.0216 0.0106  0.0109  36   TRP A CH2 
308 N  N   . TYR A 37 ? 0.1745 0.1862 0.2021 -0.0296 0.0249  -0.0060 37   TYR A N   
309 C  CA  . TYR A 37 ? 0.1890 0.1835 0.1996 -0.0430 0.0020  0.0055  37   TYR A CA  
310 C  C   . TYR A 37 ? 0.1859 0.2057 0.2116 0.0016  0.0439  0.0036  37   TYR A C   
311 O  O   . TYR A 37 ? 0.1715 0.2401 0.1847 -0.0321 0.0148  0.0078  37   TYR A O   
312 C  CB  . TYR A 37 ? 0.2404 0.2524 0.2009 -0.0205 0.0623  0.0173  37   TYR A CB  
313 C  CG  . TYR A 37 ? 0.2178 0.2467 0.1858 -0.0465 0.0420  0.0142  37   TYR A CG  
314 C  CD1 . TYR A 37 ? 0.2169 0.2609 0.2452 -0.0170 0.0343  0.0129  37   TYR A CD1 
315 C  CD2 . TYR A 37 ? 0.2426 0.2439 0.2201 -0.0364 0.0144  0.0035  37   TYR A CD2 
316 C  CE1 . TYR A 37 ? 0.2133 0.2435 0.2038 -0.0468 0.0509  0.0263  37   TYR A CE1 
317 C  CE2 . TYR A 37 ? 0.2490 0.2643 0.2647 -0.0418 0.0473  0.0356  37   TYR A CE2 
318 C  CZ  . TYR A 37 ? 0.2858 0.2082 0.2347 -0.0306 0.0441  0.0451  37   TYR A CZ  
319 O  OH  . TYR A 37 ? 0.3046 0.2738 0.3141 0.0024  0.0527  0.0688  37   TYR A OH  
320 N  N   . THR A 38 ? 0.1630 0.2243 0.1853 -0.0078 0.0515  0.0086  38   THR A N   
321 C  CA  . THR A 38 ? 0.1859 0.2528 0.1990 -0.0213 0.0247  -0.0024 38   THR A CA  
322 C  C   . THR A 38 ? 0.1689 0.2310 0.1882 -0.0291 0.0289  0.0026  38   THR A C   
323 O  O   . THR A 38 ? 0.2477 0.2359 0.2230 -0.0485 0.0662  0.0082  38   THR A O   
324 C  CB  . THR A 38 ? 0.1750 0.2446 0.2167 -0.0367 0.0427  0.0371  38   THR A CB  
325 O  OG1 . THR A 38 ? 0.2094 0.2380 0.2714 -0.0017 0.0161  0.0124  38   THR A OG1 
326 C  CG2 . THR A 38 ? 0.2137 0.2450 0.2271 -0.0165 -0.0037 0.0283  38   THR A CG2 
327 N  N   . GLY A 39 ? 0.1777 0.2023 0.1962 -0.0073 0.0429  0.0054  39   GLY A N   
328 C  CA  . GLY A 39 ? 0.2085 0.2178 0.2361 -0.0027 0.0168  0.0340  39   GLY A CA  
329 C  C   . GLY A 39 ? 0.2209 0.2637 0.2102 -0.0115 0.0387  0.0166  39   GLY A C   
330 O  O   . GLY A 39 ? 0.2179 0.2125 0.2313 -0.0181 0.0347  0.0100  39   GLY A O   
331 N  N   . ALA A 40 ? 0.2642 0.2549 0.1863 -0.0152 0.0341  0.0223  40   ALA A N   
332 C  CA  . ALA A 40 ? 0.2899 0.2287 0.2100 -0.0105 0.0302  0.0190  40   ALA A CA  
333 C  C   . ALA A 40 ? 0.2570 0.1927 0.2217 -0.0283 0.0460  0.0118  40   ALA A C   
334 O  O   . ALA A 40 ? 0.3294 0.2696 0.2329 -0.0787 0.0411  -0.0019 40   ALA A O   
335 C  CB  . ALA A 40 ? 0.3618 0.2348 0.2173 -0.0175 0.0428  0.0424  40   ALA A CB  
336 N  N   . PHE A 41 ? 0.2600 0.2016 0.2227 -0.0283 0.0275  0.0130  41   PHE A N   
337 C  CA  . PHE A 41 ? 0.2577 0.1983 0.2245 -0.0030 0.0330  0.0291  41   PHE A CA  
338 C  C   . PHE A 41 ? 0.2769 0.1911 0.1745 -0.0322 0.0265  0.0104  41   PHE A C   
339 O  O   . PHE A 41 ? 0.2042 0.2046 0.2305 0.0048  0.0543  0.0294  41   PHE A O   
340 C  CB  . PHE A 41 ? 0.2586 0.2207 0.1944 0.0098  0.0111  0.0133  41   PHE A CB  
341 C  CG  . PHE A 41 ? 0.2287 0.2120 0.1894 0.0046  0.0160  0.0088  41   PHE A CG  
342 C  CD1 . PHE A 41 ? 0.2536 0.2280 0.2584 0.0441  0.0009  0.0235  41   PHE A CD1 
343 C  CD2 . PHE A 41 ? 0.2132 0.1876 0.2288 0.0159  0.0133  0.0227  41   PHE A CD2 
344 C  CE1 . PHE A 41 ? 0.2444 0.2185 0.2314 0.0259  -0.0127 0.0099  41   PHE A CE1 
345 C  CE2 . PHE A 41 ? 0.2389 0.2052 0.2127 0.0028  0.0081  0.0167  41   PHE A CE2 
346 C  CZ  . PHE A 41 ? 0.2046 0.2263 0.2025 0.0176  0.0222  0.0012  41   PHE A CZ  
347 N  N   . ASN A 42 ? 0.2346 0.2257 0.2099 -0.0177 0.0253  -0.0170 42   ASN A N   
348 C  CA  . ASN A 42 ? 0.2215 0.2474 0.2437 -0.0485 0.0282  -0.0047 42   ASN A CA  
349 C  C   . ASN A 42 ? 0.2185 0.2490 0.2270 -0.0416 0.0146  -0.0055 42   ASN A C   
350 O  O   . ASN A 42 ? 0.2676 0.2513 0.2684 -0.0501 0.0265  0.0015  42   ASN A O   
351 C  CB  . ASN A 42 ? 0.2209 0.3603 0.2800 -0.0617 0.0303  0.0254  42   ASN A CB  
352 C  CG  . ASN A 42 ? 0.2892 0.4700 0.4448 0.0886  -0.0481 -0.0519 42   ASN A CG  
353 O  OD1 . ASN A 42 ? 0.4549 0.6802 0.4444 0.0300  -0.0275 -0.0253 42   ASN A OD1 
354 N  ND2 . ASN A 42 ? 0.4477 0.4438 0.6201 0.0855  0.0345  -0.0679 42   ASN A ND2 
355 N  N   . GLU A 43 ? 0.1831 0.2068 0.2177 -0.0307 -0.0110 0.0065  43   GLU A N   
356 C  CA  . GLU A 43 ? 0.1957 0.1971 0.2080 -0.0112 -0.0038 0.0013  43   GLU A CA  
357 C  C   . GLU A 43 ? 0.2023 0.1878 0.1917 -0.0099 -0.0157 -0.0028 43   GLU A C   
358 O  O   . GLU A 43 ? 0.1857 0.1696 0.2238 -0.0031 -0.0033 0.0007  43   GLU A O   
359 C  CB  . GLU A 43 ? 0.2106 0.2157 0.2007 -0.0003 0.0072  0.0333  43   GLU A CB  
360 C  CG  . GLU A 43 ? 0.2951 0.2006 0.2012 0.0146  -0.0060 0.0256  43   GLU A CG  
361 C  CD  . GLU A 43 ? 0.3447 0.2332 0.2287 -0.0247 -0.0150 0.0295  43   GLU A CD  
362 O  OE1 . GLU A 43 ? 0.3185 0.1897 0.2470 -0.0025 -0.0010 0.0215  43   GLU A OE1 
363 O  OE2 . GLU A 43 ? 0.3879 0.2498 0.2579 -0.0400 0.0203  0.0154  43   GLU A OE2 
364 N  N   . PRO A 44 ? 0.2060 0.1668 0.1919 -0.0339 -0.0037 -0.0014 44   PRO A N   
365 C  CA  . PRO A 44 ? 0.1933 0.2054 0.1984 -0.0152 -0.0052 0.0129  44   PRO A CA  
366 C  C   . PRO A 44 ? 0.1808 0.1965 0.1966 -0.0013 -0.0001 -0.0029 44   PRO A C   
367 O  O   . PRO A 44 ? 0.2008 0.1784 0.2229 -0.0041 -0.0101 0.0190  44   PRO A O   
368 C  CB  . PRO A 44 ? 0.2794 0.2773 0.1918 -0.0193 -0.0212 0.0075  44   PRO A CB  
369 C  CG  . PRO A 44 ? 0.3049 0.2428 0.2171 -0.0458 -0.0477 -0.0313 44   PRO A CG  
370 C  CD  . PRO A 44 ? 0.2166 0.1857 0.2044 -0.0279 -0.0283 -0.0181 44   PRO A CD  
371 N  N   . GLY A 45 ? 0.1592 0.1968 0.2171 0.0019  -0.0072 0.0121  45   GLY A N   
372 C  CA  . GLY A 45 ? 0.1726 0.1912 0.1734 -0.0160 -0.0031 0.0077  45   GLY A CA  
373 C  C   . GLY A 45 ? 0.1712 0.1914 0.1485 0.0047  -0.0016 0.0069  45   GLY A C   
374 O  O   . GLY A 45 ? 0.1627 0.2042 0.1976 -0.0061 0.0066  0.0155  45   GLY A O   
375 N  N   . ASP A 46 ? 0.1468 0.2028 0.1646 0.0034  0.0118  0.0024  46   ASP A N   
376 C  CA  . ASP A 46 ? 0.1851 0.1989 0.1657 0.0055  -0.0118 -0.0172 46   ASP A CA  
377 C  C   . ASP A 46 ? 0.1982 0.1696 0.2017 -0.0058 -0.0167 -0.0181 46   ASP A C   
378 O  O   . ASP A 46 ? 0.2153 0.1613 0.3194 0.0033  -0.0577 0.0324  46   ASP A O   
379 C  CB  . ASP A 46 ? 0.1934 0.1928 0.1696 0.0041  -0.0076 0.0064  46   ASP A CB  
380 C  CG  . ASP A 46 ? 0.1895 0.3104 0.2538 0.0286  0.0079  -0.0564 46   ASP A CG  
381 O  OD1 . ASP A 46 ? 0.2244 0.4461 0.3365 0.0213  0.0240  -0.0442 46   ASP A OD1 
382 O  OD2 . ASP A 46 ? 0.2481 0.4232 0.2966 -0.0132 -0.0389 -0.0575 46   ASP A OD2 
383 N  N   . ASN A 47 ? 0.1462 0.2118 0.1763 0.0016  -0.0066 -0.0240 47   ASN A N   
384 C  CA  . ASN A 47 ? 0.1442 0.2047 0.1700 -0.0083 -0.0028 -0.0188 47   ASN A CA  
385 C  C   . ASN A 47 ? 0.1458 0.1870 0.1887 0.0051  0.0151  -0.0123 47   ASN A C   
386 O  O   . ASN A 47 ? 0.1664 0.2135 0.1462 -0.0135 -0.0203 -0.0009 47   ASN A O   
387 C  CB  . ASN A 47 ? 0.2198 0.2415 0.1702 -0.0133 0.0386  -0.0002 47   ASN A CB  
388 C  CG  . ASN A 47 ? 0.2407 0.2178 0.3035 0.0492  -0.0510 0.0045  47   ASN A CG  
389 O  OD1 . ASN A 47 ? 0.2313 0.2091 0.3102 0.0379  0.0558  0.0565  47   ASN A OD1 
390 N  ND2 . ASN A 47 ? 0.2774 0.2273 0.3298 -0.0038 -0.0067 -0.0160 47   ASN A ND2 
391 N  N   . VAL A 48 ? 0.1372 0.1901 0.1834 0.0038  -0.0012 -0.0047 48   VAL A N   
392 C  CA  . VAL A 48 ? 0.1488 0.1688 0.1473 -0.0062 0.0008  -0.0221 48   VAL A CA  
393 C  C   . VAL A 48 ? 0.1509 0.1764 0.1590 -0.0132 0.0005  -0.0011 48   VAL A C   
394 O  O   . VAL A 48 ? 0.1654 0.1531 0.1601 0.0144  -0.0061 0.0153  48   VAL A O   
395 C  CB  . VAL A 48 ? 0.1589 0.1891 0.1710 0.0129  0.0205  -0.0154 48   VAL A CB  
396 C  CG1 . VAL A 48 ? 0.1528 0.2013 0.1626 -0.0150 -0.0085 -0.0294 48   VAL A CG1 
397 C  CG2 . VAL A 48 ? 0.1849 0.2263 0.1714 -0.0091 -0.0004 -0.0188 48   VAL A CG2 
398 N  N   . SER A 49 ? 0.1523 0.1502 0.1416 -0.0185 -0.0077 -0.0069 49   SER A N   
399 C  CA  . SER A 49 ? 0.1238 0.1489 0.1313 -0.0042 0.0015  0.0023  49   SER A CA  
400 C  C   . SER A 49 ? 0.1425 0.1407 0.1336 0.0022  -0.0002 0.0067  49   SER A C   
401 O  O   . SER A 49 ? 0.1546 0.1705 0.1403 -0.0117 0.0176  0.0121  49   SER A O   
402 C  CB  . SER A 49 ? 0.1405 0.2080 0.1576 -0.0064 0.0121  0.0156  49   SER A CB  
403 O  OG  . SER A 49 ? 0.1592 0.2042 0.1690 0.0044  -0.0028 0.0139  49   SER A OG  
404 N  N   . VAL A 50 ? 0.1622 0.1341 0.1535 -0.0123 -0.0154 0.0051  50   VAL A N   
405 C  CA  . VAL A 50 ? 0.1427 0.1478 0.1410 -0.0118 -0.0144 0.0049  50   VAL A CA  
406 C  C   . VAL A 50 ? 0.1328 0.1465 0.1563 0.0008  -0.0154 -0.0096 50   VAL A C   
407 O  O   . VAL A 50 ? 0.1457 0.1718 0.1569 -0.0060 -0.0102 -0.0093 50   VAL A O   
408 C  CB  . VAL A 50 ? 0.1371 0.1448 0.1651 0.0027  0.0035  0.0259  50   VAL A CB  
409 C  CG1 . VAL A 50 ? 0.1695 0.1405 0.1673 0.0046  0.0141  0.0284  50   VAL A CG1 
410 C  CG2 . VAL A 50 ? 0.1573 0.1582 0.1711 0.0155  0.0412  0.0172  50   VAL A CG2 
411 N  N   . THR A 51 ? 0.1367 0.1569 0.1543 -0.0150 -0.0111 -0.0109 51   THR A N   
412 C  CA  . THR A 51 ? 0.1325 0.1584 0.1406 -0.0253 -0.0060 -0.0162 51   THR A CA  
413 C  C   . THR A 51 ? 0.1771 0.1670 0.1647 0.0009  -0.0063 0.0031  51   THR A C   
414 O  O   . THR A 51 ? 0.1800 0.1764 0.1466 -0.0141 0.0099  0.0129  51   THR A O   
415 C  CB  . THR A 51 ? 0.1401 0.1631 0.1665 -0.0209 0.0111  0.0030  51   THR A CB  
416 O  OG1 . THR A 51 ? 0.1657 0.1745 0.1997 0.0136  -0.0079 0.0005  51   THR A OG1 
417 C  CG2 . THR A 51 ? 0.1668 0.1792 0.2050 -0.0244 0.0007  -0.0230 51   THR A CG2 
418 N  N   . SER A 52 ? 0.1577 0.1599 0.1609 0.0071  -0.0115 0.0215  52   SER A N   
419 C  CA  . SER A 52 ? 0.1722 0.1637 0.1586 -0.0002 -0.0099 0.0298  52   SER A CA  
420 C  C   . SER A 52 ? 0.1852 0.1326 0.1848 -0.0133 -0.0162 0.0066  52   SER A C   
421 O  O   . SER A 52 ? 0.1551 0.1766 0.1700 -0.0087 -0.0148 0.0097  52   SER A O   
422 C  CB  . SER A 52 ? 0.1913 0.1530 0.1455 -0.0232 0.0340  0.0464  52   SER A CB  
423 O  OG  . SER A 52 ? 0.2009 0.1672 0.1691 -0.0093 0.0085  0.0155  52   SER A OG  
424 N  N   . TRP A 53 ? 0.2424 0.1639 0.2068 0.0002  -0.0344 0.0386  53   TRP A N   
425 C  CA  . TRP A 53 ? 0.2782 0.2180 0.2141 -0.0042 -0.0548 0.0287  53   TRP A CA  
426 C  C   . TRP A 53 ? 0.2193 0.2173 0.2543 0.0240  -0.0338 0.0103  53   TRP A C   
427 O  O   . TRP A 53 ? 0.2991 0.2218 0.1711 -0.0121 -0.0162 0.0422  53   TRP A O   
428 C  CB  . TRP A 53 ? 0.1982 0.2549 0.2476 0.0067  -0.0844 0.0328  53   TRP A CB  
429 C  CG  . TRP A 53 ? 0.2367 0.2033 0.2228 0.0072  -0.0430 0.0480  53   TRP A CG  
430 C  CD1 . TRP A 53 ? 0.2854 0.2085 0.1906 0.0069  -0.0412 0.0281  53   TRP A CD1 
431 C  CD2 . TRP A 53 ? 0.2483 0.1830 0.2468 0.0089  -0.0417 0.0168  53   TRP A CD2 
432 N  NE1 . TRP A 53 ? 0.3062 0.1910 0.2423 0.0097  -0.0132 0.0212  53   TRP A NE1 
433 C  CE2 . TRP A 53 ? 0.2384 0.1902 0.2395 0.0082  0.0101  0.0369  53   TRP A CE2 
434 C  CE3 . TRP A 53 ? 0.2229 0.2100 0.1913 0.0099  -0.0049 0.0092  53   TRP A CE3 
435 C  CZ2 . TRP A 53 ? 0.2314 0.2117 0.2202 0.0142  0.0004  0.0284  53   TRP A CZ2 
436 C  CZ3 . TRP A 53 ? 0.2411 0.1635 0.2130 0.0237  -0.0270 0.0141  53   TRP A CZ3 
437 C  CH2 . TRP A 53 ? 0.2532 0.1892 0.2117 -0.0040 -0.0318 0.0000  53   TRP A CH2 
438 N  N   . LEU A 54 ? 0.3068 0.3040 0.2353 -0.0221 -0.0441 -0.0115 54   LEU A N   
439 C  CA  . LEU A 54 ? 0.2997 0.3034 0.3046 0.0448  0.0088  -0.0043 54   LEU A CA  
440 C  C   . LEU A 54 ? 0.3457 0.4183 0.2522 -0.0145 -0.0700 0.1117  54   LEU A C   
441 O  O   . LEU A 54 ? 0.3633 0.3932 0.3003 0.0265  -0.0448 0.0813  54   LEU A O   
442 C  CB  . LEU A 54 ? 0.3673 0.3308 0.2664 0.0238  -0.0288 -0.0032 54   LEU A CB  
443 C  CG  . LEU A 54 ? 0.3607 0.3054 0.3288 -0.0220 0.0072  0.0023  54   LEU A CG  
444 C  CD1 . LEU A 54 ? 0.3381 0.3460 0.2808 0.0245  -0.0516 -0.0284 54   LEU A CD1 
445 C  CD2 . LEU A 54 ? 0.3918 0.3101 0.3318 -0.0166 -0.0255 -0.0023 54   LEU A CD2 
446 N  N   . VAL A 55 ? 0.3773 0.2939 0.2902 0.0337  -0.0932 0.0186  55   VAL A N   
447 C  CA  . VAL A 55 ? 0.3627 0.3571 0.3593 0.0655  -0.0113 0.0370  55   VAL A CA  
448 C  C   . VAL A 55 ? 0.3676 0.3862 0.3528 -0.0217 -0.0697 0.0299  55   VAL A C   
449 O  O   . VAL A 55 ? 0.3991 0.3637 0.4180 0.0151  -0.1078 0.0202  55   VAL A O   
450 C  CB  . VAL A 55 ? 0.2924 0.3013 0.3358 0.0166  -0.0026 0.0105  55   VAL A CB  
451 C  CG1 . VAL A 55 ? 0.3303 0.3053 0.2854 0.0198  -0.0069 0.0177  55   VAL A CG1 
452 C  CG2 . VAL A 55 ? 0.3100 0.3494 0.3283 0.0037  -0.0018 0.0111  55   VAL A CG2 
453 N  N   . GLY A 56 ? 0.2929 0.3969 0.2883 -0.0240 -0.0406 0.0915  56   GLY A N   
454 C  CA  . GLY A 56 ? 0.3003 0.4456 0.3514 0.0275  -0.0321 0.0757  56   GLY A CA  
455 C  C   . GLY A 56 ? 0.3270 0.3347 0.2531 -0.0132 0.0094  0.0498  56   GLY A C   
456 O  O   . GLY A 56 ? 0.4694 0.4128 0.3431 -0.0497 -0.0682 -0.0480 56   GLY A O   
457 N  N   . SER A 57 ? 0.3525 0.3887 0.2993 -0.0110 -0.0154 0.0433  57   SER A N   
458 C  CA  . SER A 57 ? 0.3410 0.3686 0.2020 0.0107  0.0383  0.0079  57   SER A CA  
459 C  C   . SER A 57 ? 0.3733 0.3864 0.2249 0.0061  -0.0356 -0.0372 57   SER A C   
460 O  O   . SER A 57 ? 0.4129 0.7001 0.6347 -0.0264 0.0607  -0.0905 57   SER A O   
461 C  CB  . SER A 57 ? 0.4513 0.3967 0.2787 -0.0189 0.0319  0.1006  57   SER A CB  
462 O  OG  . SER A 57 ? 0.7000 0.4104 0.5197 0.0018  0.0756  0.0494  57   SER A OG  
463 N  N   . ALA A 58 ? 0.2982 0.3094 0.2254 0.0131  -0.0140 0.0044  58   ALA A N   
464 C  CA  . ALA A 58 ? 0.2090 0.2977 0.2868 0.0142  -0.0098 0.0489  58   ALA A CA  
465 C  C   . ALA A 58 ? 0.2720 0.2735 0.2487 0.0323  -0.0034 0.0596  58   ALA A C   
466 O  O   . ALA A 58 ? 0.2839 0.2802 0.2455 0.0271  -0.0271 0.0549  58   ALA A O   
467 C  CB  . ALA A 58 ? 0.1996 0.3724 0.3242 -0.0848 0.0075  -0.0006 58   ALA A CB  
468 N  N   . ILE A 59 ? 0.3180 0.2837 0.2650 0.0590  0.0112  0.0273  59   ILE A N   
469 C  CA  . ILE A 59 ? 0.2329 0.2797 0.2370 0.0452  -0.0239 -0.0021 59   ILE A CA  
470 C  C   . ILE A 59 ? 0.2421 0.2296 0.2708 0.0213  -0.0255 0.0156  59   ILE A C   
471 O  O   . ILE A 59 ? 0.2569 0.2915 0.2107 0.0018  0.0136  0.0099  59   ILE A O   
472 C  CB  . ILE A 59 ? 0.3397 0.2707 0.2527 0.0286  0.0268  -0.0174 59   ILE A CB  
473 C  CG1 . ILE A 59 ? 0.2858 0.2635 0.2273 0.0314  -0.0186 -0.0128 59   ILE A CG1 
474 C  CG2 . ILE A 59 ? 0.3398 0.3452 0.3058 -0.0117 -0.0089 -0.0363 59   ILE A CG2 
475 C  CD1 . ILE A 59 ? 0.2958 0.2196 0.2490 -0.0148 0.0323  0.0073  59   ILE A CD1 
476 N  N   . HIS A 60 ? 0.2588 0.2048 0.1835 0.0092  -0.0383 0.0075  60   HIS A N   
477 C  CA  . HIS A 60 ? 0.2185 0.1756 0.1774 0.0196  -0.0172 0.0174  60   HIS A CA  
478 C  C   . HIS A 60 ? 0.2401 0.1923 0.1957 -0.0248 0.0006  0.0404  60   HIS A C   
479 O  O   . HIS A 60 ? 0.2383 0.1794 0.2311 -0.0044 -0.0581 0.0494  60   HIS A O   
480 C  CB  . HIS A 60 ? 0.2108 0.1927 0.1850 0.0110  0.0224  0.0181  60   HIS A CB  
481 C  CG  . HIS A 60 ? 0.2924 0.2344 0.2338 0.0075  0.0089  0.0455  60   HIS A CG  
482 N  ND1 . HIS A 60 ? 0.3364 0.2608 0.2572 0.0279  0.0186  0.0715  60   HIS A ND1 
483 C  CD2 . HIS A 60 ? 0.3954 0.2956 0.2627 0.0601  0.0103  0.0765  60   HIS A CD2 
484 C  CE1 . HIS A 60 ? 0.3535 0.2549 0.2845 0.0380  0.0273  0.0929  60   HIS A CE1 
485 N  NE2 . HIS A 60 ? 0.3592 0.2807 0.2962 0.0568  0.0334  0.0808  60   HIS A NE2 
486 N  N   . ILE A 61 ? 0.1822 0.1743 0.1716 -0.0052 0.0258  0.0339  61   ILE A N   
487 C  CA  . ILE A 61 ? 0.1531 0.1774 0.1470 0.0000  0.0166  0.0229  61   ILE A CA  
488 C  C   . ILE A 61 ? 0.1557 0.1833 0.1486 0.0044  0.0034  0.0126  61   ILE A C   
489 O  O   . ILE A 61 ? 0.1622 0.1805 0.1683 0.0024  0.0237  0.0053  61   ILE A O   
490 C  CB  . ILE A 61 ? 0.1661 0.1791 0.1765 0.0051  0.0046  0.0232  61   ILE A CB  
491 C  CG1 . ILE A 61 ? 0.2039 0.2247 0.1995 0.0061  -0.0057 -0.0102 61   ILE A CG1 
492 C  CG2 . ILE A 61 ? 0.1528 0.1694 0.1782 0.0145  0.0043  0.0155  61   ILE A CG2 
493 C  CD1 . ILE A 61 ? 0.2633 0.2484 0.1966 0.0339  0.0347  0.0143  61   ILE A CD1 
494 N  N   . ARG A 62 ? 0.1391 0.1965 0.1607 -0.0218 0.0070  0.0135  62   ARG A N   
495 C  CA  . ARG A 62 ? 0.1178 0.1781 0.1801 -0.0093 -0.0056 -0.0098 62   ARG A CA  
496 C  C   . ARG A 62 ? 0.1859 0.1713 0.1578 -0.0120 -0.0017 0.0003  62   ARG A C   
497 O  O   . ARG A 62 ? 0.1533 0.1692 0.1595 -0.0114 -0.0062 0.0021  62   ARG A O   
498 C  CB  . ARG A 62 ? 0.1362 0.1807 0.1725 -0.0092 0.0169  -0.0034 62   ARG A CB  
499 C  CG  . ARG A 62 ? 0.1512 0.1922 0.1816 -0.0105 -0.0042 0.0027  62   ARG A CG  
500 C  CD  . ARG A 62 ? 0.1753 0.1741 0.1954 -0.0093 0.0017  0.0218  62   ARG A CD  
501 N  NE  . ARG A 62 ? 0.2352 0.1673 0.2331 0.0088  0.0399  0.0275  62   ARG A NE  
502 C  CZ  . ARG A 62 ? 0.2362 0.1863 0.2326 0.0086  0.0203  0.0399  62   ARG A CZ  
503 N  NH1 . ARG A 62 ? 0.2325 0.1730 0.2434 0.0009  0.0295  0.0182  62   ARG A NH1 
504 N  NH2 . ARG A 62 ? 0.2416 0.2222 0.3252 0.0261  0.0280  0.0629  62   ARG A NH2 
505 N  N   . VAL A 63 ? 0.1752 0.1471 0.1645 -0.0122 0.0084  0.0086  63   VAL A N   
506 C  CA  . VAL A 63 ? 0.1495 0.1651 0.1705 -0.0244 0.0031  0.0099  63   VAL A CA  
507 C  C   . VAL A 63 ? 0.1824 0.1524 0.1718 -0.0148 0.0111  0.0124  63   VAL A C   
508 O  O   . VAL A 63 ? 0.1921 0.1848 0.1601 -0.0383 0.0053  -0.0034 63   VAL A O   
509 C  CB  . VAL A 63 ? 0.1557 0.2073 0.1980 -0.0101 0.0001  -0.0030 63   VAL A CB  
510 C  CG1 . VAL A 63 ? 0.1690 0.2273 0.1994 -0.0145 0.0360  -0.0008 63   VAL A CG1 
511 C  CG2 . VAL A 63 ? 0.1621 0.1590 0.2080 -0.0103 0.0020  0.0169  63   VAL A CG2 
512 N  N   . TYR A 64 ? 0.1521 0.1692 0.1402 0.0019  -0.0051 0.0236  64   TYR A N   
513 C  CA  . TYR A 64 ? 0.1515 0.1527 0.1671 -0.0048 0.0205  -0.0111 64   TYR A CA  
514 C  C   . TYR A 64 ? 0.1677 0.1878 0.1636 0.0095  0.0239  -0.0080 64   TYR A C   
515 O  O   . TYR A 64 ? 0.1625 0.1768 0.1594 0.0202  0.0138  0.0128  64   TYR A O   
516 C  CB  . TYR A 64 ? 0.1292 0.1612 0.1481 -0.0247 0.0011  -0.0168 64   TYR A CB  
517 C  CG  . TYR A 64 ? 0.1663 0.1621 0.1566 -0.0065 0.0255  0.0140  64   TYR A CG  
518 C  CD1 . TYR A 64 ? 0.1729 0.1812 0.1472 -0.0161 0.0195  -0.0012 64   TYR A CD1 
519 C  CD2 . TYR A 64 ? 0.1677 0.1622 0.1673 -0.0143 0.0125  -0.0121 64   TYR A CD2 
520 C  CE1 . TYR A 64 ? 0.1449 0.1601 0.1831 0.0013  0.0069  -0.0172 64   TYR A CE1 
521 C  CE2 . TYR A 64 ? 0.1464 0.1746 0.1549 -0.0087 0.0160  -0.0205 64   TYR A CE2 
522 C  CZ  . TYR A 64 ? 0.1329 0.1545 0.1755 0.0092  0.0081  0.0025  64   TYR A CZ  
523 O  OH  . TYR A 64 ? 0.1679 0.1645 0.1954 0.0198  0.0110  0.0080  64   TYR A OH  
524 N  N   . ALA A 65 ? 0.1851 0.1558 0.1468 -0.0078 0.0176  0.0221  65   ALA A N   
525 C  CA  . ALA A 65 ? 0.1496 0.1630 0.1924 -0.0078 -0.0027 -0.0157 65   ALA A CA  
526 C  C   . ALA A 65 ? 0.1750 0.1834 0.1816 0.0052  -0.0174 -0.0050 65   ALA A C   
527 O  O   . ALA A 65 ? 0.1981 0.1838 0.1716 -0.0048 0.0019  -0.0035 65   ALA A O   
528 C  CB  . ALA A 65 ? 0.1710 0.1808 0.1718 -0.0328 -0.0269 -0.0040 65   ALA A CB  
529 N  N   . SER A 66 ? 0.1626 0.1817 0.1688 0.0027  -0.0011 -0.0179 66   SER A N   
530 C  CA  . SER A 66 ? 0.1707 0.1891 0.1644 -0.0012 -0.0195 -0.0106 66   SER A CA  
531 C  C   . SER A 66 ? 0.1738 0.1802 0.1759 -0.0158 -0.0051 0.0258  66   SER A C   
532 O  O   . SER A 66 ? 0.1673 0.1922 0.1846 0.0050  -0.0070 -0.0043 66   SER A O   
533 C  CB  . SER A 66 ? 0.1894 0.2555 0.1719 -0.0143 -0.0082 0.0347  66   SER A CB  
534 O  OG  . SER A 66 ? 0.1446 0.3077 0.1683 0.0043  0.0048  -0.0044 66   SER A OG  
535 N  N   . THR A 67 ? 0.1714 0.1592 0.1977 0.0005  -0.0222 0.0157  67   THR A N   
536 C  CA  . THR A 67 ? 0.1738 0.1798 0.1989 0.0301  -0.0213 0.0137  67   THR A CA  
537 C  C   . THR A 67 ? 0.2082 0.2061 0.1989 0.0011  -0.0396 -0.0121 67   THR A C   
538 O  O   . THR A 67 ? 0.2431 0.2013 0.1873 0.0053  -0.0109 0.0114  67   THR A O   
539 C  CB  . THR A 67 ? 0.1933 0.2626 0.1900 -0.0004 -0.0114 0.0021  67   THR A CB  
540 O  OG1 . THR A 67 ? 0.2233 0.2920 0.1961 0.0057  -0.0163 0.0036  67   THR A OG1 
541 C  CG2 . THR A 67 ? 0.2047 0.2675 0.2627 0.0056  -0.0546 0.0009  67   THR A CG2 
542 N  N   . GLY A 68 ? 0.1904 0.2102 0.2026 -0.0062 -0.0253 -0.0203 68   GLY A N   
543 C  CA  . GLY A 68 ? 0.2168 0.1918 0.1920 -0.0303 -0.0170 -0.0090 68   GLY A CA  
544 C  C   . GLY A 68 ? 0.2490 0.1922 0.1929 -0.0155 -0.0168 0.0006  68   GLY A C   
545 O  O   . GLY A 68 ? 0.2142 0.1972 0.2054 0.0096  -0.0336 -0.0079 68   GLY A O   
546 N  N   . THR A 69 ? 0.3068 0.1922 0.1721 -0.0179 -0.0019 -0.0106 69   THR A N   
547 C  CA  . THR A 69 ? 0.3072 0.2084 0.2365 -0.0055 0.0066  -0.0281 69   THR A CA  
548 C  C   . THR A 69 ? 0.2449 0.2411 0.1905 0.0178  0.0058  -0.0292 69   THR A C   
549 O  O   . THR A 69 ? 0.2942 0.2932 0.3079 0.0434  0.0244  0.0380  69   THR A O   
550 C  CB  . THR A 69 ? 0.3111 0.2356 0.2551 0.0040  0.0336  -0.0033 69   THR A CB  
551 O  OG1 . THR A 69 ? 0.4161 0.2832 0.2446 0.0045  -0.0144 -0.0753 69   THR A OG1 
552 C  CG2 . THR A 69 ? 0.3471 0.2801 0.3134 0.0129  0.0721  0.0090  69   THR A CG2 
553 N  N   . THR A 70 ? 0.2323 0.1894 0.1686 0.0139  -0.0148 -0.0411 70   THR A N   
554 C  CA  . THR A 70 ? 0.2780 0.2368 0.1638 -0.0035 0.0015  -0.0214 70   THR A CA  
555 C  C   . THR A 70 ? 0.2303 0.2243 0.1698 0.0047  -0.0145 -0.0175 70   THR A C   
556 O  O   . THR A 70 ? 0.2189 0.2585 0.1929 0.0314  -0.0459 -0.0189 70   THR A O   
557 C  CB  . THR A 70 ? 0.3450 0.2819 0.2119 -0.0434 0.0029  -0.0159 70   THR A CB  
558 O  OG1 . THR A 70 ? 0.4158 0.3456 0.2218 -0.0564 -0.0505 -0.0415 70   THR A OG1 
559 C  CG2 . THR A 70 ? 0.4136 0.2603 0.2698 -0.0709 0.0105  -0.0173 70   THR A CG2 
560 N  N   . THR A 71 ? 0.1936 0.2117 0.2139 0.0170  0.0064  -0.0078 71   THR A N   
561 C  CA  . THR A 71 ? 0.1772 0.1987 0.2020 0.0093  0.0060  -0.0036 71   THR A CA  
562 C  C   . THR A 71 ? 0.2078 0.1864 0.1858 0.0015  -0.0035 -0.0138 71   THR A C   
563 O  O   . THR A 71 ? 0.2096 0.1916 0.2253 0.0165  0.0239  0.0183  71   THR A O   
564 C  CB  . THR A 71 ? 0.1929 0.2081 0.2154 -0.0006 0.0035  -0.0139 71   THR A CB  
565 O  OG1 . THR A 71 ? 0.2275 0.2609 0.1892 -0.0167 0.0577  0.0163  71   THR A OG1 
566 C  CG2 . THR A 71 ? 0.2160 0.2337 0.2033 -0.0261 0.0187  -0.0071 71   THR A CG2 
567 N  N   . THR A 72 ? 0.1931 0.1734 0.1666 -0.0119 -0.0157 -0.0144 72   THR A N   
568 C  CA  . THR A 72 ? 0.1975 0.1752 0.1836 0.0091  -0.0103 0.0003  72   THR A CA  
569 C  C   . THR A 72 ? 0.1775 0.1794 0.1855 -0.0076 0.0154  -0.0094 72   THR A C   
570 O  O   . THR A 72 ? 0.1962 0.1631 0.1972 -0.0074 0.0054  -0.0141 72   THR A O   
571 C  CB  . THR A 72 ? 0.2047 0.2112 0.1886 -0.0077 0.0003  -0.0040 72   THR A CB  
572 O  OG1 . THR A 72 ? 0.2135 0.2201 0.2007 -0.0168 -0.0134 -0.0244 72   THR A OG1 
573 C  CG2 . THR A 72 ? 0.1951 0.1901 0.1984 -0.0160 0.0038  -0.0212 72   THR A CG2 
574 N  N   . GLU A 73 ? 0.1742 0.1829 0.1819 -0.0142 0.0077  -0.0219 73   GLU A N   
575 C  CA  . GLU A 73 ? 0.1628 0.1625 0.1786 -0.0094 -0.0033 -0.0082 73   GLU A CA  
576 C  C   . GLU A 73 ? 0.2002 0.2060 0.1633 -0.0306 -0.0043 -0.0116 73   GLU A C   
577 O  O   . GLU A 73 ? 0.2166 0.1725 0.2027 -0.0073 0.0201  0.0016  73   GLU A O   
578 C  CB  . GLU A 73 ? 0.1637 0.1620 0.1870 0.0051  0.0052  0.0047  73   GLU A CB  
579 C  CG  . GLU A 73 ? 0.1526 0.1739 0.1868 -0.0044 0.0084  0.0051  73   GLU A CG  
580 C  CD  . GLU A 73 ? 0.1872 0.1837 0.1707 0.0134  0.0178  0.0178  73   GLU A CD  
581 O  OE1 . GLU A 73 ? 0.1903 0.1898 0.2238 0.0148  0.0206  0.0069  73   GLU A OE1 
582 O  OE2 . GLU A 73 ? 0.1914 0.1833 0.2079 0.0121  0.0133  0.0100  73   GLU A OE2 
583 N  N   . TRP A 74 ? 0.1862 0.1703 0.1781 -0.0244 0.0196  0.0077  74   TRP A N   
584 C  CA  . TRP A 74 ? 0.1610 0.1622 0.1707 -0.0193 0.0100  0.0212  74   TRP A CA  
585 C  C   . TRP A 74 ? 0.1475 0.1871 0.1737 -0.0216 0.0094  -0.0066 74   TRP A C   
586 O  O   . TRP A 74 ? 0.1749 0.1478 0.1918 -0.0130 0.0298  0.0019  74   TRP A O   
587 C  CB  . TRP A 74 ? 0.1655 0.1832 0.1887 -0.0124 0.0135  -0.0070 74   TRP A CB  
588 C  CG  . TRP A 74 ? 0.1560 0.1778 0.2074 0.0189  0.0107  -0.0257 74   TRP A CG  
589 C  CD1 . TRP A 74 ? 0.1851 0.1982 0.1986 -0.0192 -0.0099 -0.0155 74   TRP A CD1 
590 C  CD2 . TRP A 74 ? 0.1624 0.2206 0.2304 0.0003  -0.0177 -0.0122 74   TRP A CD2 
591 N  NE1 . TRP A 74 ? 0.2126 0.2187 0.1993 -0.0052 -0.0205 -0.0082 74   TRP A NE1 
592 C  CE2 . TRP A 74 ? 0.1967 0.2093 0.2281 0.0062  -0.0025 -0.0041 74   TRP A CE2 
593 C  CE3 . TRP A 74 ? 0.2222 0.2324 0.2540 -0.0279 -0.0142 -0.0094 74   TRP A CE3 
594 C  CZ2 . TRP A 74 ? 0.2700 0.2772 0.2435 -0.0442 -0.0534 0.0074  74   TRP A CZ2 
595 C  CZ3 . TRP A 74 ? 0.2897 0.2299 0.2895 -0.0644 -0.0334 0.0029  74   TRP A CZ3 
596 C  CH2 . TRP A 74 ? 0.2436 0.2884 0.2872 -0.0539 -0.0286 0.0091  74   TRP A CH2 
597 N  N   . CYS A 75 ? 0.1615 0.1981 0.1949 -0.0158 0.0162  0.0092  75   CYS A N   
598 C  CA  . CYS A 75 ? 0.1679 0.1663 0.1944 -0.0051 0.0170  0.0208  75   CYS A CA  
599 C  C   . CYS A 75 ? 0.1705 0.1739 0.1848 0.0013  0.0099  0.0195  75   CYS A C   
600 O  O   . CYS A 75 ? 0.1715 0.1784 0.2394 -0.0009 0.0174  0.0107  75   CYS A O   
601 C  CB  . CYS A 75 ? 0.2278 0.1618 0.1841 -0.0214 0.0150  -0.0076 75   CYS A CB  
602 S  SG  . CYS A 75 ? 0.2000 0.1989 0.2249 -0.0098 0.0372  -0.0004 75   CYS A SG  
603 N  N   . TRP A 76 ? 0.1756 0.1773 0.1727 -0.0150 0.0292  0.0200  76   TRP A N   
604 C  CA  . TRP A 76 ? 0.1719 0.1811 0.1818 -0.0295 0.0338  0.0103  76   TRP A CA  
605 C  C   . TRP A 76 ? 0.2191 0.1721 0.1973 -0.0112 0.0211  0.0175  76   TRP A C   
606 O  O   . TRP A 76 ? 0.1972 0.2051 0.1793 -0.0039 -0.0002 0.0351  76   TRP A O   
607 C  CB  . TRP A 76 ? 0.1755 0.1974 0.1846 -0.0066 0.0082  -0.0075 76   TRP A CB  
608 C  CG  . TRP A 76 ? 0.1660 0.1954 0.1963 -0.0374 0.0296  -0.0111 76   TRP A CG  
609 C  CD1 . TRP A 76 ? 0.1986 0.2673 0.1948 -0.0437 0.0443  0.0038  76   TRP A CD1 
610 C  CD2 . TRP A 76 ? 0.1644 0.1770 0.1914 -0.0083 0.0209  0.0131  76   TRP A CD2 
611 N  NE1 . TRP A 76 ? 0.2122 0.3040 0.1964 -0.0504 0.0442  0.0114  76   TRP A NE1 
612 C  CE2 . TRP A 76 ? 0.1771 0.2619 0.1776 -0.0127 0.0206  0.0085  76   TRP A CE2 
613 C  CE3 . TRP A 76 ? 0.1642 0.2779 0.1726 -0.0173 0.0315  0.0050  76   TRP A CE3 
614 C  CZ2 . TRP A 76 ? 0.2345 0.3041 0.1590 -0.0172 0.0597  0.0007  76   TRP A CZ2 
615 C  CZ3 . TRP A 76 ? 0.1270 0.2766 0.2364 0.0034  0.0232  -0.0080 76   TRP A CZ3 
616 C  CH2 . TRP A 76 ? 0.2151 0.2961 0.2331 -0.0351 0.0525  0.0171  76   TRP A CH2 
617 N  N   . ASP A 77 ? 0.2477 0.2232 0.2252 -0.0251 0.0255  0.0550  77   ASP A N   
618 C  CA  . ASP A 77 ? 0.2832 0.2198 0.2421 0.0082  0.0256  0.0455  77   ASP A CA  
619 C  C   . ASP A 77 ? 0.3093 0.2513 0.2931 0.0299  0.0658  0.0979  77   ASP A C   
620 O  O   . ASP A 77 ? 0.2601 0.3342 0.3718 0.0013  -0.0542 0.0886  77   ASP A O   
621 C  CB  . ASP A 77 ? 0.3659 0.2268 0.2535 0.0393  0.0267  0.0525  77   ASP A CB  
622 C  CG  . ASP A 77 ? 0.3059 0.2419 0.2808 0.0160  0.0344  0.0277  77   ASP A CG  
623 O  OD1 . ASP A 77 ? 0.2982 0.2701 0.3412 0.0385  0.0735  0.0656  77   ASP A OD1 
624 O  OD2 . ASP A 77 ? 0.3021 0.3593 0.3274 -0.0199 0.0384  0.0344  77   ASP A OD2 
625 N  N   . GLY A 78 ? 0.2292 0.2375 0.2195 -0.0356 -0.0052 0.0097  78   GLY A N   
626 C  CA  . GLY A 78 ? 0.1912 0.3763 0.2303 -0.0178 -0.0156 0.0252  78   GLY A CA  
627 C  C   . GLY A 78 ? 0.1917 0.3393 0.2738 0.0102  -0.0301 -0.0249 78   GLY A C   
628 O  O   . GLY A 78 ? 0.2119 0.4266 0.2849 -0.0420 -0.0066 -0.0280 78   GLY A O   
629 N  N   . ASN A 79 ? 0.1704 0.2877 0.2206 -0.0221 0.0111  0.0339  79   ASN A N   
630 C  CA  . ASN A 79 ? 0.1836 0.3365 0.2623 -0.0166 0.0122  0.0348  79   ASN A CA  
631 C  C   . ASN A 79 ? 0.2061 0.3067 0.1951 -0.0694 0.0168  0.0562  79   ASN A C   
632 O  O   . ASN A 79 ? 0.1926 0.2681 0.1834 -0.0560 0.0329  0.0491  79   ASN A O   
633 C  CB  . ASN A 79 ? 0.2737 0.3766 0.3518 -0.0604 -0.0427 0.0573  79   ASN A CB  
634 C  CG  . ASN A 79 ? 0.3141 0.4025 0.3330 0.0308  0.0175  0.0484  79   ASN A CG  
635 O  OD1 . ASN A 79 ? 0.3152 0.3312 0.3511 -0.0472 0.0446  0.0636  79   ASN A OD1 
636 N  ND2 . ASN A 79 ? 0.3847 0.5160 0.5032 -0.0571 0.0668  0.1138  79   ASN A ND2 
637 N  N   . GLY A 80 ? 0.1769 0.2749 0.1924 -0.0308 0.0336  0.0479  80   GLY A N   
638 C  CA  . GLY A 80 ? 0.1712 0.2091 0.2087 -0.0123 0.0232  0.0470  80   GLY A CA  
639 C  C   . GLY A 80 ? 0.1901 0.2106 0.2296 0.0030  0.0416  0.0584  80   GLY A C   
640 O  O   . GLY A 80 ? 0.1653 0.2169 0.2101 -0.0028 0.0103  0.0363  80   GLY A O   
641 N  N   . TRP A 81 ? 0.1711 0.1652 0.2222 -0.0194 0.0199  0.0188  81   TRP A N   
642 C  CA  . TRP A 81 ? 0.1777 0.1733 0.1833 -0.0227 0.0009  0.0125  81   TRP A CA  
643 C  C   . TRP A 81 ? 0.1773 0.1957 0.2478 -0.0127 0.0038  -0.0172 81   TRP A C   
644 O  O   . TRP A 81 ? 0.1991 0.2722 0.2630 -0.0390 0.0316  -0.0175 81   TRP A O   
645 C  CB  . TRP A 81 ? 0.1297 0.2247 0.2206 -0.0051 0.0011  0.0111  81   TRP A CB  
646 C  CG  . TRP A 81 ? 0.1848 0.1814 0.1556 0.0004  0.0230  0.0318  81   TRP A CG  
647 C  CD1 . TRP A 81 ? 0.1928 0.1662 0.2135 0.0038  0.0287  0.0151  81   TRP A CD1 
648 C  CD2 . TRP A 81 ? 0.1606 0.1922 0.1766 -0.0008 0.0258  0.0370  81   TRP A CD2 
649 N  NE1 . TRP A 81 ? 0.1926 0.1769 0.2085 -0.0038 0.0479  0.0370  81   TRP A NE1 
650 C  CE2 . TRP A 81 ? 0.1668 0.1884 0.1968 -0.0169 0.0222  0.0372  81   TRP A CE2 
651 C  CE3 . TRP A 81 ? 0.1930 0.2149 0.2016 0.0083  0.0588  0.0282  81   TRP A CE3 
652 C  CZ2 . TRP A 81 ? 0.1716 0.1761 0.2061 -0.0069 0.0268  0.0189  81   TRP A CZ2 
653 C  CZ3 . TRP A 81 ? 0.2005 0.1916 0.1884 0.0118  0.0126  0.0280  81   TRP A CZ3 
654 C  CH2 . TRP A 81 ? 0.1690 0.1787 0.2040 0.0162  0.0227  0.0343  81   TRP A CH2 
655 N  N   . THR A 82 ? 0.2037 0.1733 0.2109 -0.0148 0.0357  -0.0076 82   THR A N   
656 C  CA  . THR A 82 ? 0.2521 0.1848 0.2119 -0.0199 0.0263  -0.0048 82   THR A CA  
657 C  C   . THR A 82 ? 0.1985 0.1987 0.2174 -0.0138 0.0176  0.0047  82   THR A C   
658 O  O   . THR A 82 ? 0.2502 0.1759 0.2440 -0.0344 0.0010  -0.0193 82   THR A O   
659 C  CB  . THR A 82 ? 0.2912 0.2276 0.2886 -0.0072 0.0076  0.0246  82   THR A CB  
660 O  OG1 . THR A 82 ? 0.3040 0.2750 0.2915 -0.0039 0.0048  0.0026  82   THR A OG1 
661 C  CG2 . THR A 82 ? 0.3531 0.2162 0.2910 -0.0042 0.0175  0.0260  82   THR A CG2 
662 N  N   . LYS A 83 ? 0.2356 0.1817 0.2397 -0.0466 0.0280  -0.0054 83   LYS A N   
663 C  CA  . LYS A 83 ? 0.2169 0.1794 0.2167 -0.0385 0.0017  0.0098  83   LYS A CA  
664 C  C   . LYS A 83 ? 0.2356 0.1867 0.2240 -0.0082 0.0143  0.0162  83   LYS A C   
665 O  O   . LYS A 83 ? 0.2816 0.1865 0.2803 0.0023  0.0436  0.0216  83   LYS A O   
666 C  CB  . LYS A 83 ? 0.2566 0.2711 0.2537 -0.0502 -0.0132 -0.0415 83   LYS A CB  
667 C  CG  . LYS A 83 ? 0.2965 0.3089 0.2764 0.0093  -0.0173 0.0280  83   LYS A CG  
668 C  CD  . LYS A 83 ? 0.3821 0.4198 0.3601 -0.0478 -0.0441 -0.0430 83   LYS A CD  
669 C  CE  . LYS A 83 ? 0.3721 0.4473 0.3856 -0.0720 -0.0396 -0.0479 83   LYS A CE  
670 N  NZ  . LYS A 83 ? 0.4767 0.5338 0.4077 -0.0145 -0.0794 -0.0086 83   LYS A NZ  
671 N  N   . GLY A 84 ? 0.2149 0.1829 0.2428 -0.0030 0.0322  0.0203  84   GLY A N   
672 C  CA  . GLY A 84 ? 0.2337 0.2043 0.2366 -0.0157 0.0374  0.0216  84   GLY A CA  
673 C  C   . GLY A 84 ? 0.2135 0.2026 0.2283 -0.0220 0.0044  0.0196  84   GLY A C   
674 O  O   . GLY A 84 ? 0.2441 0.2209 0.2240 -0.0143 0.0204  -0.0249 84   GLY A O   
675 N  N   . ALA A 85 ? 0.2054 0.2543 0.2547 -0.0113 0.0221  0.0236  85   ALA A N   
676 C  CA  . ALA A 85 ? 0.2787 0.2296 0.2737 0.0002  0.0403  0.0209  85   ALA A CA  
677 C  C   . ALA A 85 ? 0.2538 0.1956 0.2748 -0.0134 0.0434  -0.0060 85   ALA A C   
678 O  O   . ALA A 85 ? 0.2976 0.2461 0.2807 0.0000  0.0612  -0.0059 85   ALA A O   
679 C  CB  . ALA A 85 ? 0.2893 0.2331 0.3664 0.0463  0.0782  0.0209  85   ALA A CB  
680 N  N   . TYR A 86 ? 0.2029 0.1861 0.2261 0.0000  0.0347  -0.0118 86   TYR A N   
681 C  CA  . TYR A 86 ? 0.1856 0.2047 0.2167 0.0050  0.0227  0.0060  86   TYR A CA  
682 C  C   . TYR A 86 ? 0.2049 0.1936 0.2165 -0.0035 0.0175  -0.0259 86   TYR A C   
683 O  O   . TYR A 86 ? 0.2294 0.2155 0.2479 -0.0100 0.0004  -0.0177 86   TYR A O   
684 C  CB  . TYR A 86 ? 0.1660 0.2047 0.2209 -0.0134 0.0199  -0.0035 86   TYR A CB  
685 C  CG  . TYR A 86 ? 0.1721 0.1717 0.1876 0.0224  0.0213  -0.0068 86   TYR A CG  
686 C  CD1 . TYR A 86 ? 0.1778 0.2066 0.1968 0.0088  0.0215  -0.0238 86   TYR A CD1 
687 C  CD2 . TYR A 86 ? 0.1814 0.2092 0.2462 0.0041  0.0015  0.0173  86   TYR A CD2 
688 C  CE1 . TYR A 86 ? 0.1942 0.1853 0.1828 -0.0030 -0.0107 -0.0294 86   TYR A CE1 
689 C  CE2 . TYR A 86 ? 0.2051 0.2096 0.2138 -0.0093 -0.0020 -0.0032 86   TYR A CE2 
690 C  CZ  . TYR A 86 ? 0.1926 0.1620 0.2013 -0.0044 0.0099  -0.0115 86   TYR A CZ  
691 O  OH  . TYR A 86 ? 0.1961 0.2240 0.2290 -0.0006 0.0247  0.0053  86   TYR A OH  
692 N  N   . THR A 87 ? 0.1888 0.2093 0.2529 -0.0014 0.0274  -0.0283 87   THR A N   
693 C  CA  . THR A 87 ? 0.2148 0.2567 0.2691 -0.0218 0.0012  -0.0239 87   THR A CA  
694 C  C   . THR A 87 ? 0.2432 0.2641 0.2222 -0.0002 0.0376  -0.0193 87   THR A C   
695 O  O   . THR A 87 ? 0.2275 0.2404 0.2592 0.0144  0.0268  -0.0170 87   THR A O   
696 C  CB  . THR A 87 ? 0.2956 0.2851 0.2524 -0.0131 -0.0250 -0.0320 87   THR A CB  
697 O  OG1 . THR A 87 ? 0.2910 0.2522 0.3100 -0.0079 0.0213  -0.0662 87   THR A OG1 
698 C  CG2 . THR A 87 ? 0.2827 0.3316 0.3045 -0.0224 0.0296  -0.0680 87   THR A CG2 
699 N  N   . ALA A 88 ? 0.2468 0.2855 0.2802 0.0123  -0.0312 -0.0002 88   ALA A N   
700 C  CA  . ALA A 88 ? 0.2586 0.3148 0.2707 0.0215  0.0117  0.0341  88   ALA A CA  
701 C  C   . ALA A 88 ? 0.3031 0.3604 0.2717 0.0052  0.0108  0.0018  88   ALA A C   
702 O  O   . ALA A 88 ? 0.3329 0.3375 0.3156 -0.0204 0.0004  0.0286  88   ALA A O   
703 C  CB  . ALA A 88 ? 0.3455 0.3793 0.3565 0.0397  -0.0152 0.0541  88   ALA A CB  
704 N  N   . THR A 89 ? 0.2913 0.3564 0.3351 0.0331  0.0194  -0.0330 89   THR A N   
705 C  CA  . THR A 89 ? 0.3668 0.4228 0.3190 0.0375  0.0272  -0.0291 89   THR A CA  
706 C  C   . THR A 89 ? 0.3353 0.3978 0.3690 0.0255  0.0173  -0.0531 89   THR A C   
707 O  O   . THR A 89 ? 0.3511 0.4479 0.3575 0.0203  0.0162  -0.0226 89   THR A O   
708 C  CB  . THR A 89 ? 0.4362 0.4598 0.3378 0.0336  0.0345  0.0031  89   THR A CB  
709 O  OG1 . THR A 89 ? 0.5404 0.6655 0.3279 -0.0046 -0.0515 -0.0701 89   THR A OG1 
710 C  CG2 . THR A 89 ? 0.5345 0.4816 0.3716 0.0167  0.0273  0.0333  89   THR A CG2 
711 N  N   . ASN A 90 ? 0.3424 0.4279 0.3497 0.0538  0.0036  -0.0162 90   ASN A N   
712 C  CA  . ASN A 90 ? 0.4081 0.4578 0.4093 0.0404  -0.0629 -0.0382 90   ASN A CA  
713 C  C   . ASN A 90 ? 0.5531 0.4796 0.4727 -0.0478 -0.0919 -0.0383 90   ASN A C   
714 O  O   . ASN A 90 ? 0.5514 0.5351 0.7528 -0.0640 0.0360  -0.0294 90   ASN A O   
715 C  CB  . ASN A 90 ? 0.4282 0.4441 0.3984 0.0761  -0.0386 -0.0721 90   ASN A CB  
716 C  CG  . ASN A 90 ? 0.4128 0.4661 0.4186 0.1040  -0.0445 -0.1099 90   ASN A CG  
717 O  OD1 . ASN A 90 ? 0.5392 0.2858 0.3931 0.0289  0.0500  -0.0558 90   ASN A OD1 
718 N  ND2 . ASN A 90 ? 0.3866 0.5720 0.4254 0.1381  -0.0004 -0.0455 90   ASN A ND2 
719 O  OXT . ASN A 90 ? 0.7689 0.8162 0.4171 -0.0156 -0.0217 -0.0043 90   ASN A OXT 
720 C  C1  . FUL B .  ? 0.4519 0.3492 0.3655 0.0569  0.0046  -0.0075 100  FUL A C1  
721 C  C2  . FUL B .  ? 0.3736 0.3203 0.3187 -0.0244 0.0642  -0.0075 100  FUL A C2  
722 O  O2  . FUL B .  ? 0.4818 0.3583 0.4452 -0.0104 -0.0173 -0.0627 100  FUL A O2  
723 C  C3  . FUL B .  ? 0.2913 0.2717 0.2705 0.0490  0.0391  -0.0010 100  FUL A C3  
724 O  O3  . FUL B .  ? 0.1794 0.2379 0.2438 0.0422  0.0817  0.0530  100  FUL A O3  
725 C  C4  . FUL B .  ? 0.3197 0.3442 0.3059 0.0641  -0.0076 -0.0176 100  FUL A C4  
726 O  O4  . FUL B .  ? 0.3088 0.2169 0.2934 0.0250  -0.0411 0.0353  100  FUL A O4  
727 C  C5  . FUL B .  ? 0.3426 0.2986 0.3509 0.0430  -0.0365 0.0023  100  FUL A C5  
728 C  C6  . FUL B .  ? 0.1974 0.2667 0.2738 0.0517  0.0193  0.0077  100  FUL A C6  
729 O  O5  . FUL B .  ? 0.4405 0.4363 0.3421 -0.0006 0.1215  -0.0324 100  FUL A O5  
730 MG MG  . MG  C .  ? 0.2421 0.2701 0.2669 -0.0113 0.0017  -0.0343 101  MG  A MG  
731 C  C1  . MRD D .  ? 0.3475 0.3602 0.3805 -0.0102 0.0149  -0.0378 102  MRD A C1  
732 C  C2  . MRD D .  ? 0.3527 0.3412 0.3853 -0.0132 0.0010  0.0033  102  MRD A C2  
733 O  O2  . MRD D .  ? 0.3822 0.3534 0.3722 0.0467  -0.0112 0.0064  102  MRD A O2  
734 C  CM  . MRD D .  ? 0.3918 0.3448 0.3625 -0.0133 0.0317  -0.0132 102  MRD A CM  
735 C  C3  . MRD D .  ? 0.3201 0.3383 0.3621 0.0204  0.0044  0.0050  102  MRD A C3  
736 C  C4  . MRD D .  ? 0.3668 0.3577 0.3949 0.0160  0.0191  0.0172  102  MRD A C4  
737 O  O4  . MRD D .  ? 0.3900 0.3492 0.4221 0.0211  0.0279  0.0487  102  MRD A O4  
738 C  C5  . MRD D .  ? 0.4961 0.3798 0.4439 0.0190  0.0696  0.0580  102  MRD A C5  
739 O  O   . HOH E .  ? 0.4009 0.3613 0.4170 0.0469  -0.0764 -0.0148 2001 HOH A O   
740 O  O   . HOH E .  ? 0.3054 0.3772 0.2559 -0.0679 -0.0267 0.0453  2002 HOH A O   
741 O  O   . HOH E .  ? 0.3767 0.3306 0.3178 -0.0005 -0.0902 -0.1424 2003 HOH A O   
742 O  O   . HOH E .  ? 0.4911 0.5257 0.3840 0.0292  -0.0964 -0.0122 2004 HOH A O   
743 O  O   . HOH E .  ? 0.3948 0.3355 0.4807 0.0165  -0.0963 0.0235  2005 HOH A O   
744 O  O   . HOH E .  ? 0.2513 0.3436 0.3251 0.0304  0.0059  0.0555  2006 HOH A O   
745 O  O   . HOH E .  ? 0.4272 0.2281 0.6397 0.0478  -0.0424 0.0273  2007 HOH A O   
746 O  O   . HOH E .  ? 0.3819 0.7530 0.4738 -0.1080 -0.0848 0.1565  2008 HOH A O   
747 O  O   . HOH E .  ? 0.2679 0.4446 0.3253 0.0064  0.1197  0.1461  2009 HOH A O   
748 O  O   . HOH E .  ? 0.3141 0.2204 0.3832 0.0030  0.1330  0.0058  2010 HOH A O   
750 O  O   . HOH E .  ? 0.2748 0.2509 0.2497 -0.0157 0.0243  -0.0056 2012 HOH A O   
751 O  O   . HOH E .  ? 0.4027 0.2448 0.3679 0.0382  0.0413  0.0567  2013 HOH A O   
752 O  O   . HOH E .  ? 0.2426 0.2990 0.2473 -0.0210 0.0148  0.0131  2014 HOH A O   
754 O  O   . HOH E .  ? 0.1852 0.5414 0.3744 -0.0259 -0.0063 0.1868  2016 HOH A O   
755 O  O   . HOH E .  ? 0.3146 0.4615 0.4351 -0.0127 0.0159  -0.0120 2017 HOH A O   
756 O  O   . HOH E .  ? 0.0309 0.2973 0.0820 -0.0006 0.0157  -0.0608 2018 HOH A O   
757 O  O   . HOH E .  ? 0.2852 0.2288 0.2400 -0.0081 0.0522  -0.0452 2019 HOH A O   
758 O  O   . HOH E .  ? 0.1996 0.2120 0.2325 -0.0266 0.0191  -0.0296 2020 HOH A O   
759 O  O   . HOH E .  ? 0.2285 0.2205 0.2036 -0.0496 0.0553  -0.0021 2021 HOH A O   
760 O  O   . HOH E .  ? 0.3154 0.3348 0.3510 0.0061  0.0329  -0.0055 2022 HOH A O   
761 O  O   . HOH E .  ? 0.5437 0.6259 0.4061 -0.0218 0.0044  -0.0032 2023 HOH A O   
762 O  O   . HOH E .  ? 0.2290 0.2349 0.2457 0.0193  -0.0143 -0.0462 2024 HOH A O   
763 O  O   . HOH E .  ? 0.2713 0.2832 0.4470 0.0015  -0.0901 0.0079  2025 HOH A O   
764 O  O   . HOH E .  ? 0.3855 0.4055 0.5269 0.0391  0.0444  -0.0447 2026 HOH A O   
765 O  O   . HOH E .  ? 0.2401 0.1853 0.3296 0.0452  -0.0498 -0.0487 2027 HOH A O   
766 O  O   . HOH E .  ? 0.6039 0.3585 0.3905 -0.0492 -0.1210 0.0321  2028 HOH A O   
767 O  O   . HOH E .  ? 0.5584 0.6655 0.4690 -0.0259 0.2018  0.0691  2029 HOH A O   
768 O  O   . HOH E .  ? 0.5808 0.5953 0.5939 0.1282  -0.1034 -0.0099 2030 HOH A O   
769 O  O   . HOH E .  ? 0.2582 0.2985 0.2504 0.0160  -0.0330 -0.0148 2031 HOH A O   
770 O  O   . HOH E .  ? 0.5194 0.5022 0.2337 -0.0975 -0.0184 0.0882  2032 HOH A O   
771 O  O   . HOH E .  ? 0.6050 0.5267 0.4883 0.1029  0.0862  0.1402  2033 HOH A O   
772 O  O   . HOH E .  ? 0.3541 0.4924 0.3668 0.0196  -0.0356 0.1111  2034 HOH A O   
773 O  O   . HOH E .  ? 0.4847 0.5678 0.5521 0.0364  0.0553  -0.0247 2035 HOH A O   
774 O  O   . HOH E .  ? 0.3133 0.2533 0.2446 -0.0421 -0.1190 0.0737  2036 HOH A O   
775 O  O   . HOH E .  ? 0.4880 0.3267 0.3312 0.0664  0.0000  0.0485  2037 HOH A O   
776 O  O   . HOH E .  ? 0.3535 0.6330 0.8678 0.0689  -0.1677 -0.0894 2038 HOH A O   
777 O  O   . HOH E .  ? 0.3393 0.2781 0.3164 -0.0334 -0.0337 -0.0495 2039 HOH A O   
778 O  O   . HOH E .  ? 0.5301 0.5376 0.5005 0.0182  0.0230  -0.0222 2040 HOH A O   
779 O  O   . HOH E .  ? 0.5742 0.6877 0.3938 -0.0174 0.0183  -0.0987 2041 HOH A O   
780 O  O   . HOH E .  ? 0.3045 0.5698 0.5782 -0.0250 0.1119  -0.0613 2042 HOH A O   
782 O  O   . HOH E .  ? 0.5406 0.3465 0.4753 0.0574  0.0299  0.0269  2044 HOH A O   
783 O  O   . HOH E .  ? 0.1583 0.2036 0.1838 -0.0206 0.0117  0.0429  2045 HOH A O   
784 O  O   . HOH E .  ? 0.2226 0.2725 0.2885 0.0462  0.0260  0.0598  2046 HOH A O   
785 O  O   . HOH E .  ? 0.4432 0.4448 0.3439 -0.0467 -0.0770 -0.0410 2047 HOH A O   
786 O  O   . HOH E .  ? 0.2982 0.3388 0.3082 0.0419  0.0305  0.0348  2048 HOH A O   
787 O  O   . HOH E .  ? 0.2758 0.3246 0.4182 0.0050  -0.0021 -0.0424 2049 HOH A O   
788 O  O   . HOH E .  ? 0.3944 0.3942 0.3168 -0.0527 -0.0118 0.0011  2050 HOH A O   
789 O  O   . HOH E .  ? 0.4186 0.5689 0.5947 -0.0252 0.1001  0.0474  2051 HOH A O   
790 O  O   . HOH E .  ? 0.5148 0.4455 0.5079 0.0368  0.0684  0.0976  2052 HOH A O   
791 O  O   . HOH E .  ? 0.3815 0.5657 0.3421 0.0650  -0.0229 0.1691  2053 HOH A O   
792 O  O   . HOH E .  ? 0.3815 0.3894 0.3106 0.0627  -0.0335 0.0728  2054 HOH A O   
793 O  O   . HOH E .  ? 0.3494 0.4580 0.4263 -0.0717 -0.0240 -0.0190 2055 HOH A O   
794 O  O   . HOH E .  ? 0.2032 0.4543 0.2776 -0.0168 0.0060  -0.0148 2056 HOH A O   
795 O  O   . HOH E .  ? 0.4400 0.5137 0.5362 -0.1254 0.0796  -0.1031 2057 HOH A O   
796 O  O   . HOH E .  ? 0.2043 0.1700 0.2289 -0.0372 0.0280  -0.0043 2058 HOH A O   
797 O  O   . HOH E .  ? 0.3317 0.2281 0.3324 -0.0068 0.0795  -0.0086 2059 HOH A O   
798 O  O   . HOH E .  ? 0.3684 0.6160 0.6944 -0.0448 -0.1225 0.0769  2060 HOH A O   
799 O  O   . HOH E .  ? 0.2997 0.3596 0.6881 -0.0586 0.1306  -0.0642 2061 HOH A O   
800 O  O   . HOH E .  ? 0.1804 0.3050 0.3335 -0.0660 0.0468  0.0502  2062 HOH A O   
801 O  O   . HOH E .  ? 0.4776 0.4727 0.5984 -0.0464 0.0945  -0.0520 2063 HOH A O   
802 O  O   . HOH E .  ? 0.3858 0.3312 0.3814 0.1106  0.0935  0.0010  2064 HOH A O   
803 O  O   . HOH E .  ? 0.4028 0.4068 0.4072 -0.0526 0.0554  0.0085  2065 HOH A O   
804 O  O   . HOH E .  ? 0.3003 0.6445 0.6504 0.0331  -0.1079 0.1509  2066 HOH A O   
805 O  O   . HOH E .  ? 0.2868 0.5270 0.4090 0.0184  -0.0101 0.0037  2067 HOH A O   
806 O  O   . HOH E .  ? 0.4040 0.5224 0.7005 -0.0773 0.0446  0.0452  2068 HOH A O   
807 O  O   . HOH E .  ? 0.5656 0.4321 0.6244 0.0821  -0.1594 0.1845  2069 HOH A O   
808 O  O   . HOH E .  ? 0.4819 0.2962 0.3223 -0.0532 0.0366  0.0135  2070 HOH A O   
809 O  O   . HOH E .  ? 0.5114 0.4865 0.5585 0.0231  -0.1320 -0.0749 2071 HOH A O   
810 O  O   . HOH E .  ? 0.1968 0.4614 0.4224 -0.0318 0.0297  0.0694  2072 HOH A O   
811 O  O   . HOH E .  ? 0.3417 0.3505 0.3889 -0.0444 -0.0071 -0.0415 2073 HOH A O   
812 O  O   . HOH E .  ? 0.4656 0.6527 0.5099 0.0178  -0.0609 0.0229  2074 HOH A O   
813 O  O   . HOH E .  ? 0.2248 0.2104 0.2299 -0.0010 -0.0043 -0.0009 2075 HOH A O   
814 O  O   . HOH E .  ? 0.3498 0.3465 0.3167 0.0624  -0.0234 0.0372  2076 HOH A O   
815 O  O   . HOH E .  ? 0.1133 0.2445 0.1637 0.0161  0.0163  0.0089  2077 HOH A O   
816 O  O   . HOH E .  ? 0.0891 0.0678 0.1318 -0.0069 0.0290  -0.0005 2078 HOH A O   
817 O  O   . HOH E .  ? 0.3304 0.1733 0.3296 0.0141  0.0212  0.0325  2079 HOH A O   
818 O  O   . HOH E .  ? 0.3861 0.2429 0.4368 0.0204  0.0760  0.0342  2080 HOH A O   
819 O  O   . HOH E .  ? 0.3361 0.4557 0.3314 -0.0370 -0.0314 0.0410  2081 HOH A O   
820 O  O   . HOH E .  ? 0.3764 0.4206 0.3344 -0.0597 -0.1194 -0.1304 2082 HOH A O   
821 O  O   . HOH E .  ? 0.4339 0.5372 0.4654 0.0339  -0.0950 0.0076  2083 HOH A O   
822 O  O   . HOH E .  ? 0.5921 0.5324 0.5213 0.1393  -0.0081 0.2710  2084 HOH A O   
823 O  O   . HOH E .  ? 0.2745 0.3648 0.2656 -0.0004 0.0390  0.0548  2085 HOH A O   
824 O  O   . HOH E .  ? 0.4482 0.4287 0.7668 0.0123  -0.0258 0.0939  2086 HOH A O   
825 O  O   . HOH E .  ? 0.2465 0.2392 0.3517 -0.0029 -0.0314 0.0321  2087 HOH A O   
826 O  O   . HOH E .  ? 0.6587 0.5079 0.5275 -0.1656 -0.1846 -0.1090 2088 HOH A O   
827 O  O   . HOH E .  ? 0.3237 0.3562 0.3336 0.0118  -0.0225 -0.0308 2089 HOH A O   
828 O  O   . HOH E .  ? 0.3844 0.3347 0.3395 0.0026  0.1192  0.0091  2090 HOH A O   
829 O  O   . HOH E .  ? 0.3872 0.3503 0.3196 0.0053  -0.0288 -0.0141 2091 HOH A O   
830 O  O   . HOH E .  ? 0.2431 0.2717 0.3524 -0.0062 -0.0423 0.0052  2092 HOH A O   
831 O  O   . HOH E .  ? 0.3789 0.4489 0.4683 -0.0240 -0.0530 -0.0453 2093 HOH A O   
832 O  O   . HOH E .  ? 0.6421 0.4147 0.4514 0.0269  0.0215  -0.0088 2094 HOH A O   
833 O  O   . HOH E .  ? 0.2147 0.1841 0.2608 0.0022  0.0030  -0.0456 2095 HOH A O   
834 O  O   . HOH E .  ? 0.3040 0.2357 0.3231 0.0251  0.0564  0.0267  2096 HOH A O   
835 O  O   . HOH E .  ? 0.3181 0.3328 0.4458 -0.0225 0.1502  0.0720  2097 HOH A O   
836 O  O   . HOH E .  ? 0.5743 0.6493 0.7675 0.0732  -0.1808 0.2260  2098 HOH A O   
837 O  O   . HOH E .  ? 0.6025 0.5943 0.3823 -0.1260 -0.0829 0.1298  2099 HOH A O   
838 O  O   . HOH E .  ? 0.4532 0.4440 0.3310 -0.0818 0.1048  -0.0113 2100 HOH A O   
839 O  O   . HOH E .  ? 0.4506 0.4099 0.3213 -0.1573 0.0330  -0.0675 2101 HOH A O   
840 O  O   . HOH E .  ? 0.5984 0.4193 0.6088 -0.0237 -0.0532 -0.0159 2102 HOH A O   
841 O  O   . HOH E .  ? 0.3182 0.3706 0.3596 0.0072  0.0473  -0.0752 2103 HOH A O   
842 O  O   . HOH E .  ? 0.3733 0.4111 0.4406 0.0309  -0.0619 -0.0069 2104 HOH A O   
843 O  O   . HOH E .  ? 0.4709 0.4131 0.5420 0.0289  -0.0208 -0.0968 2105 HOH A O   
# 
loop_
_pdbx_poly_seq_scheme.asym_id 
_pdbx_poly_seq_scheme.entity_id 
_pdbx_poly_seq_scheme.seq_id 
_pdbx_poly_seq_scheme.mon_id 
_pdbx_poly_seq_scheme.ndb_seq_num 
_pdbx_poly_seq_scheme.pdb_seq_num 
_pdbx_poly_seq_scheme.auth_seq_num 
_pdbx_poly_seq_scheme.pdb_mon_id 
_pdbx_poly_seq_scheme.auth_mon_id 
_pdbx_poly_seq_scheme.pdb_strand_id 
_pdbx_poly_seq_scheme.pdb_ins_code 
_pdbx_poly_seq_scheme.hetero 
A 1 1  SER 1  1  1  SER SER A . n 
A 1 2  SER 2  2  2  SER SER A . n 
A 1 3  VAL 3  3  3  VAL VAL A . n 
A 1 4  GLN 4  4  4  GLN GLN A . n 
A 1 5  THR 5  5  5  THR THR A . n 
A 1 6  ALA 6  6  6  ALA ALA A . n 
A 1 7  ALA 7  7  7  ALA ALA A . n 
A 1 8  THR 8  8  8  THR THR A . n 
A 1 9  SER 9  9  9  SER SER A . n 
A 1 10 TRP 10 10 10 TRP TRP A . n 
A 1 11 GLY 11 11 11 GLY GLY A . n 
A 1 12 THR 12 12 12 THR THR A . n 
A 1 13 VAL 13 13 13 VAL VAL A . n 
A 1 14 PRO 14 14 14 PRO PRO A . n 
A 1 15 SER 15 15 15 SER SER A . n 
A 1 16 ILE 16 16 16 ILE ILE A . n 
A 1 17 ALA 17 17 17 ALA ALA A . n 
A 1 18 VAL 18 18 18 VAL VAL A . n 
A 1 19 TYR 19 19 19 TYR TYR A . n 
A 1 20 THR 20 20 20 THR THR A . n 
A 1 21 ALA 21 21 21 ALA ALA A . n 
A 1 22 ASN 22 22 22 ASN ASN A . n 
A 1 23 ASN 23 23 23 ASN ASN A . n 
A 1 24 GLY 24 24 24 GLY GLY A . n 
A 1 25 LYS 25 25 25 LYS LYS A . n 
A 1 26 ILE 26 26 26 ILE ILE A . n 
A 1 27 THR 27 27 27 THR THR A . n 
A 1 28 GLU 28 28 28 GLU GLU A . n 
A 1 29 ARG 29 29 29 ARG ARG A . n 
A 1 30 CYS 30 30 30 CYS CYS A . n 
A 1 31 TRP 31 31 31 TRP TRP A . n 
A 1 32 ASP 32 32 32 ASP ASP A . n 
A 1 33 GLY 33 33 33 GLY GLY A . n 
A 1 34 LYS 34 34 34 LYS LYS A . n 
A 1 35 GLY 35 35 35 GLY GLY A . n 
A 1 36 TRP 36 36 36 TRP TRP A . n 
A 1 37 TYR 37 37 37 TYR TYR A . n 
A 1 38 THR 38 38 38 THR THR A . n 
A 1 39 GLY 39 39 39 GLY GLY A . n 
A 1 40 ALA 40 40 40 ALA ALA A . n 
A 1 41 PHE 41 41 41 PHE PHE A . n 
A 1 42 ASN 42 42 42 ASN ASN A . n 
A 1 43 GLU 43 43 43 GLU GLU A . n 
A 1 44 PRO 44 44 44 PRO PRO A . n 
A 1 45 GLY 45 45 45 GLY GLY A . n 
A 1 46 ASP 46 46 46 ASP ASP A . n 
A 1 47 ASN 47 47 47 ASN ASN A . n 
A 1 48 VAL 48 48 48 VAL VAL A . n 
A 1 49 SER 49 49 49 SER SER A . n 
A 1 50 VAL 50 50 50 VAL VAL A . n 
A 1 51 THR 51 51 51 THR THR A . n 
A 1 52 SER 52 52 52 SER SER A . n 
A 1 53 TRP 53 53 53 TRP TRP A . n 
A 1 54 LEU 54 54 54 LEU LEU A . n 
A 1 55 VAL 55 55 55 VAL VAL A . n 
A 1 56 GLY 56 56 56 GLY GLY A . n 
A 1 57 SER 57 57 57 SER SER A . n 
A 1 58 ALA 58 58 58 ALA ALA A . n 
A 1 59 ILE 59 59 59 ILE ILE A . n 
A 1 60 HIS 60 60 60 HIS HIS A . n 
A 1 61 ILE 61 61 61 ILE ILE A . n 
A 1 62 ARG 62 62 62 ARG ARG A . n 
A 1 63 VAL 63 63 63 VAL VAL A . n 
A 1 64 TYR 64 64 64 TYR TYR A . n 
A 1 65 ALA 65 65 65 ALA ALA A . n 
A 1 66 SER 66 66 66 SER SER A . n 
A 1 67 THR 67 67 67 THR THR A . n 
A 1 68 GLY 68 68 68 GLY GLY A . n 
A 1 69 THR 69 69 69 THR THR A . n 
A 1 70 THR 70 70 70 THR THR A . n 
A 1 71 THR 71 71 71 THR THR A . n 
A 1 72 THR 72 72 72 THR THR A . n 
A 1 73 GLU 73 73 73 GLU GLU A . n 
A 1 74 TRP 74 74 74 TRP TRP A . n 
A 1 75 CYS 75 75 75 CYS CYS A . n 
A 1 76 TRP 76 76 76 TRP TRP A . n 
A 1 77 ASP 77 77 77 ASP ASP A . n 
A 1 78 GLY 78 78 78 GLY GLY A . n 
A 1 79 ASN 79 79 79 ASN ASN A . n 
A 1 80 GLY 80 80 80 GLY GLY A . n 
A 1 81 TRP 81 81 81 TRP TRP A . n 
A 1 82 THR 82 82 82 THR THR A . n 
A 1 83 LYS 83 83 83 LYS LYS A . n 
A 1 84 GLY 84 84 84 GLY GLY A . n 
A 1 85 ALA 85 85 85 ALA ALA A . n 
A 1 86 TYR 86 86 86 TYR TYR A . n 
A 1 87 THR 87 87 87 THR THR A . n 
A 1 88 ALA 88 88 88 ALA ALA A . n 
A 1 89 THR 89 89 89 THR THR A . n 
A 1 90 ASN 90 90 90 ASN ASN A . n 
# 
loop_
_pdbx_nonpoly_scheme.asym_id 
_pdbx_nonpoly_scheme.entity_id 
_pdbx_nonpoly_scheme.mon_id 
_pdbx_nonpoly_scheme.ndb_seq_num 
_pdbx_nonpoly_scheme.pdb_seq_num 
_pdbx_nonpoly_scheme.auth_seq_num 
_pdbx_nonpoly_scheme.pdb_mon_id 
_pdbx_nonpoly_scheme.auth_mon_id 
_pdbx_nonpoly_scheme.pdb_strand_id 
_pdbx_nonpoly_scheme.pdb_ins_code 
B 2 FUL 1   100  100  FUL FU4 A . 
C 3 MG  1   101  101  MG  MG  A . 
D 4 MRD 1   102  102  MRD MRD A . 
E 5 HOH 1   2001 2001 HOH HOH A . 
E 5 HOH 2   2002 2002 HOH HOH A . 
E 5 HOH 3   2003 2003 HOH HOH A . 
E 5 HOH 4   2004 2004 HOH HOH A . 
E 5 HOH 5   2005 2005 HOH HOH A . 
E 5 HOH 6   2006 2006 HOH HOH A . 
E 5 HOH 7   2007 2007 HOH HOH A . 
E 5 HOH 8   2008 2008 HOH HOH A . 
E 5 HOH 9   2009 2009 HOH HOH A . 
E 5 HOH 10  2010 2010 HOH HOH A . 
E 5 HOH 11  2011 2011 HOH HOH A . 
E 5 HOH 12  2012 2012 HOH HOH A . 
E 5 HOH 13  2013 2013 HOH HOH A . 
E 5 HOH 14  2014 2014 HOH HOH A . 
E 5 HOH 15  2015 2015 HOH HOH A . 
E 5 HOH 16  2016 2016 HOH HOH A . 
E 5 HOH 17  2017 2017 HOH HOH A . 
E 5 HOH 18  2018 2018 HOH HOH A . 
E 5 HOH 19  2019 2019 HOH HOH A . 
E 5 HOH 20  2020 2020 HOH HOH A . 
E 5 HOH 21  2021 2021 HOH HOH A . 
E 5 HOH 22  2022 2022 HOH HOH A . 
E 5 HOH 23  2023 2023 HOH HOH A . 
E 5 HOH 24  2024 2024 HOH HOH A . 
E 5 HOH 25  2025 2025 HOH HOH A . 
E 5 HOH 26  2026 2026 HOH HOH A . 
E 5 HOH 27  2027 2027 HOH HOH A . 
E 5 HOH 28  2028 2028 HOH HOH A . 
E 5 HOH 29  2029 2029 HOH HOH A . 
E 5 HOH 30  2030 2030 HOH HOH A . 
E 5 HOH 31  2031 2031 HOH HOH A . 
E 5 HOH 32  2032 2032 HOH HOH A . 
E 5 HOH 33  2033 2033 HOH HOH A . 
E 5 HOH 34  2034 2034 HOH HOH A . 
E 5 HOH 35  2035 2035 HOH HOH A . 
E 5 HOH 36  2036 2036 HOH HOH A . 
E 5 HOH 37  2037 2037 HOH HOH A . 
E 5 HOH 38  2038 2038 HOH HOH A . 
E 5 HOH 39  2039 2039 HOH HOH A . 
E 5 HOH 40  2040 2040 HOH HOH A . 
E 5 HOH 41  2041 2041 HOH HOH A . 
E 5 HOH 42  2042 2042 HOH HOH A . 
E 5 HOH 43  2043 2043 HOH HOH A . 
E 5 HOH 44  2044 2044 HOH HOH A . 
E 5 HOH 45  2045 2045 HOH HOH A . 
E 5 HOH 46  2046 2046 HOH HOH A . 
E 5 HOH 47  2047 2047 HOH HOH A . 
E 5 HOH 48  2048 2048 HOH HOH A . 
E 5 HOH 49  2049 2049 HOH HOH A . 
E 5 HOH 50  2050 2050 HOH HOH A . 
E 5 HOH 51  2051 2051 HOH HOH A . 
E 5 HOH 52  2052 2052 HOH HOH A . 
E 5 HOH 53  2053 2053 HOH HOH A . 
E 5 HOH 54  2054 2054 HOH HOH A . 
E 5 HOH 55  2055 2055 HOH HOH A . 
E 5 HOH 56  2056 2056 HOH HOH A . 
E 5 HOH 57  2057 2057 HOH HOH A . 
E 5 HOH 58  2058 2058 HOH HOH A . 
E 5 HOH 59  2059 2059 HOH HOH A . 
E 5 HOH 60  2060 2060 HOH HOH A . 
E 5 HOH 61  2061 2061 HOH HOH A . 
E 5 HOH 62  2062 2062 HOH HOH A . 
E 5 HOH 63  2063 2063 HOH HOH A . 
E 5 HOH 64  2064 2064 HOH HOH A . 
E 5 HOH 65  2065 2065 HOH HOH A . 
E 5 HOH 66  2066 2066 HOH HOH A . 
E 5 HOH 67  2067 2067 HOH HOH A . 
E 5 HOH 68  2068 2068 HOH HOH A . 
E 5 HOH 69  2069 2069 HOH HOH A . 
E 5 HOH 70  2070 2070 HOH HOH A . 
E 5 HOH 71  2071 2071 HOH HOH A . 
E 5 HOH 72  2072 2072 HOH HOH A . 
E 5 HOH 73  2073 2073 HOH HOH A . 
E 5 HOH 74  2074 2074 HOH HOH A . 
E 5 HOH 75  2075 2075 HOH HOH A . 
E 5 HOH 76  2076 2076 HOH HOH A . 
E 5 HOH 77  2077 2077 HOH HOH A . 
E 5 HOH 78  2078 2078 HOH HOH A . 
E 5 HOH 79  2079 2079 HOH HOH A . 
E 5 HOH 80  2080 2080 HOH HOH A . 
E 5 HOH 81  2081 2081 HOH HOH A . 
E 5 HOH 82  2082 2082 HOH HOH A . 
E 5 HOH 83  2083 2083 HOH HOH A . 
E 5 HOH 84  2084 2084 HOH HOH A . 
E 5 HOH 85  2085 2085 HOH HOH A . 
E 5 HOH 86  2086 2086 HOH HOH A . 
E 5 HOH 87  2087 2087 HOH HOH A . 
E 5 HOH 88  2088 2088 HOH HOH A . 
E 5 HOH 89  2089 2089 HOH HOH A . 
E 5 HOH 90  2090 2090 HOH HOH A . 
E 5 HOH 91  2091 2091 HOH HOH A . 
E 5 HOH 92  2092 2092 HOH HOH A . 
E 5 HOH 93  2093 2093 HOH HOH A . 
E 5 HOH 94  2094 2094 HOH HOH A . 
E 5 HOH 95  2095 2095 HOH HOH A . 
E 5 HOH 96  2096 2096 HOH HOH A . 
E 5 HOH 97  2097 2097 HOH HOH A . 
E 5 HOH 98  2098 2098 HOH HOH A . 
E 5 HOH 99  2099 2099 HOH HOH A . 
E 5 HOH 100 2100 2100 HOH HOH A . 
E 5 HOH 101 2101 2101 HOH HOH A . 
E 5 HOH 102 2102 2102 HOH HOH A . 
E 5 HOH 103 2103 2103 HOH HOH A . 
E 5 HOH 104 2104 2104 HOH HOH A . 
E 5 HOH 105 2105 2105 HOH HOH A . 
# 
_pdbx_struct_assembly.id                   1 
_pdbx_struct_assembly.details              author_and_software_defined_assembly 
_pdbx_struct_assembly.method_details       PISA 
_pdbx_struct_assembly.oligomeric_details   trimeric 
_pdbx_struct_assembly.oligomeric_count     3 
# 
_pdbx_struct_assembly_gen.assembly_id       1 
_pdbx_struct_assembly_gen.oper_expression   1,2,3 
_pdbx_struct_assembly_gen.asym_id_list      A,B,C,D,E 
# 
loop_
_pdbx_struct_assembly_prop.biol_id 
_pdbx_struct_assembly_prop.type 
_pdbx_struct_assembly_prop.value 
_pdbx_struct_assembly_prop.details 
1 'ABSA (A^2)' 7010  ? 
1 MORE         -29.1 ? 
1 'SSA (A^2)'  11780 ? 
# 
loop_
_pdbx_struct_oper_list.id 
_pdbx_struct_oper_list.type 
_pdbx_struct_oper_list.name 
_pdbx_struct_oper_list.symmetry_operation 
_pdbx_struct_oper_list.matrix[1][1] 
_pdbx_struct_oper_list.matrix[1][2] 
_pdbx_struct_oper_list.matrix[1][3] 
_pdbx_struct_oper_list.vector[1] 
_pdbx_struct_oper_list.matrix[2][1] 
_pdbx_struct_oper_list.matrix[2][2] 
_pdbx_struct_oper_list.matrix[2][3] 
_pdbx_struct_oper_list.vector[2] 
_pdbx_struct_oper_list.matrix[3][1] 
_pdbx_struct_oper_list.matrix[3][2] 
_pdbx_struct_oper_list.matrix[3][3] 
_pdbx_struct_oper_list.vector[3] 
1 'identity operation'         1_555 x,y,z         1.0000000000  0.0000000000  0.0000000000 0.0000000000   0.0000000000  1.0000000000  0.0000000000  0.0000000000   0.0000000000 0.0000000000  1.0000000000 0.0000000000  
2 'crystal symmetry operation' 3_665 -x+y+1,-x+1,z -0.1364467108 0.4790536261  0.8671158622 -8.7538880245  -0.9319166750 -0.3589718844 0.0516768517  -15.9622737253 0.3360261982 -0.8010285947 0.4954185953 -0.7178822917 
3 'crystal symmetry operation' 2_655 -y+1,x-y,z    -0.1364467108 -0.9319166750 0.3360261982 -15.8287210261 0.4790536261  -0.3589718844 -0.8010285947 -2.1114699223  0.8671158622 0.0516768517  0.4954185953 8.7711674494 
# 
loop_
_pdbx_struct_special_symmetry.id 
_pdbx_struct_special_symmetry.PDB_model_num 
_pdbx_struct_special_symmetry.auth_asym_id 
_pdbx_struct_special_symmetry.auth_comp_id 
_pdbx_struct_special_symmetry.auth_seq_id 
_pdbx_struct_special_symmetry.PDB_ins_code 
_pdbx_struct_special_symmetry.label_asym_id 
_pdbx_struct_special_symmetry.label_comp_id 
_pdbx_struct_special_symmetry.label_seq_id 
1 1 A HOH 2011 ? E HOH . 
2 1 A HOH 2015 ? E HOH . 
3 1 A HOH 2030 ? E HOH . 
4 1 A HOH 2043 ? E HOH . 
5 1 A HOH 2063 ? E HOH . 
# 
loop_
_pdbx_struct_conn_angle.id 
_pdbx_struct_conn_angle.ptnr1_label_atom_id 
_pdbx_struct_conn_angle.ptnr1_label_alt_id 
_pdbx_struct_conn_angle.ptnr1_label_asym_id 
_pdbx_struct_conn_angle.ptnr1_label_comp_id 
_pdbx_struct_conn_angle.ptnr1_label_seq_id 
_pdbx_struct_conn_angle.ptnr1_auth_atom_id 
_pdbx_struct_conn_angle.ptnr1_auth_asym_id 
_pdbx_struct_conn_angle.ptnr1_auth_comp_id 
_pdbx_struct_conn_angle.ptnr1_auth_seq_id 
_pdbx_struct_conn_angle.ptnr1_PDB_ins_code 
_pdbx_struct_conn_angle.ptnr1_symmetry 
_pdbx_struct_conn_angle.ptnr2_label_atom_id 
_pdbx_struct_conn_angle.ptnr2_label_alt_id 
_pdbx_struct_conn_angle.ptnr2_label_asym_id 
_pdbx_struct_conn_angle.ptnr2_label_comp_id 
_pdbx_struct_conn_angle.ptnr2_label_seq_id 
_pdbx_struct_conn_angle.ptnr2_auth_atom_id 
_pdbx_struct_conn_angle.ptnr2_auth_asym_id 
_pdbx_struct_conn_angle.ptnr2_auth_comp_id 
_pdbx_struct_conn_angle.ptnr2_auth_seq_id 
_pdbx_struct_conn_angle.ptnr2_PDB_ins_code 
_pdbx_struct_conn_angle.ptnr2_symmetry 
_pdbx_struct_conn_angle.ptnr3_label_atom_id 
_pdbx_struct_conn_angle.ptnr3_label_alt_id 
_pdbx_struct_conn_angle.ptnr3_label_asym_id 
_pdbx_struct_conn_angle.ptnr3_label_comp_id 
_pdbx_struct_conn_angle.ptnr3_label_seq_id 
_pdbx_struct_conn_angle.ptnr3_auth_atom_id 
_pdbx_struct_conn_angle.ptnr3_auth_asym_id 
_pdbx_struct_conn_angle.ptnr3_auth_comp_id 
_pdbx_struct_conn_angle.ptnr3_auth_seq_id 
_pdbx_struct_conn_angle.ptnr3_PDB_ins_code 
_pdbx_struct_conn_angle.ptnr3_symmetry 
_pdbx_struct_conn_angle.value 
_pdbx_struct_conn_angle.value_esd 
1  O ? A ALA 7  ? A ALA 7    ? 1_555 MG ? C MG . ? A MG 101 ? 1_555 O ? A VAL 50 ? A VAL 50   ? 3_665 106.3 ? 
2  O ? A ALA 7  ? A ALA 7    ? 1_555 MG ? C MG . ? A MG 101 ? 1_555 O ? E HOH .  ? A HOH 2018 ? 1_555 88.4  ? 
3  O ? A VAL 50 ? A VAL 50   ? 3_665 MG ? C MG . ? A MG 101 ? 1_555 O ? E HOH .  ? A HOH 2018 ? 1_555 89.1  ? 
4  O ? A ALA 7  ? A ALA 7    ? 1_555 MG ? C MG . ? A MG 101 ? 1_555 O ? E HOH .  ? A HOH 2019 ? 1_555 85.3  ? 
5  O ? A VAL 50 ? A VAL 50   ? 3_665 MG ? C MG . ? A MG 101 ? 1_555 O ? E HOH .  ? A HOH 2019 ? 1_555 94.9  ? 
6  O ? E HOH .  ? A HOH 2018 ? 1_555 MG ? C MG . ? A MG 101 ? 1_555 O ? E HOH .  ? A HOH 2019 ? 1_555 173.3 ? 
7  O ? A ALA 7  ? A ALA 7    ? 1_555 MG ? C MG . ? A MG 101 ? 1_555 O ? E HOH .  ? A HOH 2020 ? 1_555 86.7  ? 
8  O ? A VAL 50 ? A VAL 50   ? 3_665 MG ? C MG . ? A MG 101 ? 1_555 O ? E HOH .  ? A HOH 2020 ? 1_555 166.8 ? 
9  O ? E HOH .  ? A HOH 2018 ? 1_555 MG ? C MG . ? A MG 101 ? 1_555 O ? E HOH .  ? A HOH 2020 ? 1_555 89.0  ? 
10 O ? E HOH .  ? A HOH 2019 ? 1_555 MG ? C MG . ? A MG 101 ? 1_555 O ? E HOH .  ? A HOH 2020 ? 1_555 88.4  ? 
11 O ? A ALA 7  ? A ALA 7    ? 1_555 MG ? C MG . ? A MG 101 ? 1_555 O ? E HOH .  ? A HOH 2020 ? 3_665 170.2 ? 
12 O ? A VAL 50 ? A VAL 50   ? 3_665 MG ? C MG . ? A MG 101 ? 1_555 O ? E HOH .  ? A HOH 2020 ? 3_665 80.8  ? 
13 O ? E HOH .  ? A HOH 2018 ? 1_555 MG ? C MG . ? A MG 101 ? 1_555 O ? E HOH .  ? A HOH 2020 ? 3_665 98.7  ? 
14 O ? E HOH .  ? A HOH 2019 ? 1_555 MG ? C MG . ? A MG 101 ? 1_555 O ? E HOH .  ? A HOH 2020 ? 3_665 87.4  ? 
15 O ? E HOH .  ? A HOH 2020 ? 1_555 MG ? C MG . ? A MG 101 ? 1_555 O ? E HOH .  ? A HOH 2020 ? 3_665 86.7  ? 
# 
loop_
_pdbx_audit_revision_history.ordinal 
_pdbx_audit_revision_history.data_content_type 
_pdbx_audit_revision_history.major_revision 
_pdbx_audit_revision_history.minor_revision 
_pdbx_audit_revision_history.revision_date 
1 'Structure model' 1 0 2013-07-31 
2 'Structure model' 1 1 2013-10-09 
3 'Structure model' 1 2 2017-09-13 
4 'Structure model' 2 0 2017-11-29 
5 'Structure model' 2 1 2020-07-29 
6 'Structure model' 2 2 2023-12-20 
# 
loop_
_pdbx_audit_revision_details.ordinal 
_pdbx_audit_revision_details.revision_ordinal 
_pdbx_audit_revision_details.data_content_type 
_pdbx_audit_revision_details.provider 
_pdbx_audit_revision_details.type 
_pdbx_audit_revision_details.description 
_pdbx_audit_revision_details.details 
1 1 'Structure model' repository 'Initial release' ?                          ? 
2 5 'Structure model' repository Remediation       'Carbohydrate remediation' ? 
# 
loop_
_pdbx_audit_revision_group.ordinal 
_pdbx_audit_revision_group.revision_ordinal 
_pdbx_audit_revision_group.data_content_type 
_pdbx_audit_revision_group.group 
1  2 'Structure model' 'Database references'     
2  3 'Structure model' 'Data collection'         
3  3 'Structure model' 'Structure summary'       
4  4 'Structure model' Advisory                  
5  4 'Structure model' 'Atomic model'            
6  4 'Structure model' 'Non-polymer description' 
7  4 'Structure model' 'Structure summary'       
8  5 'Structure model' 'Data collection'         
9  5 'Structure model' 'Derived calculations'    
10 5 'Structure model' Other                     
11 5 'Structure model' 'Structure summary'       
12 6 'Structure model' 'Data collection'         
13 6 'Structure model' 'Database references'     
14 6 'Structure model' 'Refinement description'  
15 6 'Structure model' 'Structure summary'       
# 
loop_
_pdbx_audit_revision_category.ordinal 
_pdbx_audit_revision_category.revision_ordinal 
_pdbx_audit_revision_category.data_content_type 
_pdbx_audit_revision_category.category 
1  3 'Structure model' audit_author                  
2  3 'Structure model' diffrn_detector               
3  4 'Structure model' atom_site                     
4  4 'Structure model' atom_site_anisotrop           
5  4 'Structure model' entity                        
6  4 'Structure model' pdbx_unobs_or_zero_occ_atoms  
7  4 'Structure model' struct                        
8  5 'Structure model' chem_comp                     
9  5 'Structure model' entity                        
10 5 'Structure model' pdbx_chem_comp_identifier     
11 5 'Structure model' pdbx_database_status          
12 5 'Structure model' pdbx_entity_nonpoly           
13 5 'Structure model' pdbx_struct_conn_angle        
14 5 'Structure model' struct_conn                   
15 5 'Structure model' struct_site                   
16 5 'Structure model' struct_site_gen               
17 6 'Structure model' chem_comp                     
18 6 'Structure model' chem_comp_atom                
19 6 'Structure model' chem_comp_bond                
20 6 'Structure model' database_2                    
21 6 'Structure model' pdbx_initial_refinement_model 
# 
loop_
_pdbx_audit_revision_item.ordinal 
_pdbx_audit_revision_item.revision_ordinal 
_pdbx_audit_revision_item.data_content_type 
_pdbx_audit_revision_item.item 
1  3 'Structure model' '_audit_author.name'                          
2  3 'Structure model' '_diffrn_detector.type'                       
3  4 'Structure model' '_atom_site.B_iso_or_equiv'                   
4  4 'Structure model' '_atom_site.Cartn_x'                          
5  4 'Structure model' '_atom_site.Cartn_y'                          
6  4 'Structure model' '_atom_site.Cartn_z'                          
7  4 'Structure model' '_atom_site.auth_atom_id'                     
8  4 'Structure model' '_atom_site.auth_comp_id'                     
9  4 'Structure model' '_atom_site.label_atom_id'                    
10 4 'Structure model' '_atom_site.label_comp_id'                    
11 4 'Structure model' '_atom_site.type_symbol'                      
12 4 'Structure model' '_atom_site_anisotrop.U[1][1]'                
13 4 'Structure model' '_atom_site_anisotrop.U[1][2]'                
14 4 'Structure model' '_atom_site_anisotrop.U[1][3]'                
15 4 'Structure model' '_atom_site_anisotrop.U[2][2]'                
16 4 'Structure model' '_atom_site_anisotrop.U[2][3]'                
17 4 'Structure model' '_atom_site_anisotrop.U[3][3]'                
18 4 'Structure model' '_atom_site_anisotrop.pdbx_auth_atom_id'      
19 4 'Structure model' '_atom_site_anisotrop.pdbx_auth_comp_id'      
20 4 'Structure model' '_atom_site_anisotrop.pdbx_label_atom_id'     
21 4 'Structure model' '_atom_site_anisotrop.pdbx_label_comp_id'     
22 4 'Structure model' '_atom_site_anisotrop.type_symbol'            
23 4 'Structure model' '_chem_comp.formula'                          
24 4 'Structure model' '_chem_comp.id'                               
25 4 'Structure model' '_chem_comp.name'                             
26 4 'Structure model' '_chem_comp.pdbx_synonyms'                    
27 4 'Structure model' '_entity.formula_weight'                      
28 4 'Structure model' '_entity.pdbx_description'                    
29 4 'Structure model' '_struct.title'                               
30 5 'Structure model' '_chem_comp.name'                             
31 5 'Structure model' '_chem_comp.type'                             
32 5 'Structure model' '_entity.pdbx_description'                    
33 5 'Structure model' '_pdbx_database_status.status_code_sf'        
34 5 'Structure model' '_pdbx_entity_nonpoly.name'                   
35 5 'Structure model' '_pdbx_struct_conn_angle.ptnr1_auth_comp_id'  
36 5 'Structure model' '_pdbx_struct_conn_angle.ptnr1_auth_seq_id'   
37 5 'Structure model' '_pdbx_struct_conn_angle.ptnr1_label_asym_id' 
38 5 'Structure model' '_pdbx_struct_conn_angle.ptnr1_label_comp_id' 
39 5 'Structure model' '_pdbx_struct_conn_angle.ptnr1_label_seq_id'  
40 5 'Structure model' '_pdbx_struct_conn_angle.ptnr1_symmetry'      
41 5 'Structure model' '_pdbx_struct_conn_angle.ptnr3_auth_comp_id'  
42 5 'Structure model' '_pdbx_struct_conn_angle.ptnr3_auth_seq_id'   
43 5 'Structure model' '_pdbx_struct_conn_angle.ptnr3_label_asym_id' 
44 5 'Structure model' '_pdbx_struct_conn_angle.ptnr3_label_comp_id' 
45 5 'Structure model' '_pdbx_struct_conn_angle.ptnr3_label_seq_id'  
46 5 'Structure model' '_pdbx_struct_conn_angle.ptnr3_symmetry'      
47 5 'Structure model' '_pdbx_struct_conn_angle.value'               
48 5 'Structure model' '_struct_conn.pdbx_dist_value'                
49 5 'Structure model' '_struct_conn.ptnr1_auth_comp_id'             
50 5 'Structure model' '_struct_conn.ptnr1_auth_seq_id'              
51 5 'Structure model' '_struct_conn.ptnr1_label_asym_id'            
52 5 'Structure model' '_struct_conn.ptnr1_label_atom_id'            
53 5 'Structure model' '_struct_conn.ptnr1_label_comp_id'            
54 5 'Structure model' '_struct_conn.ptnr1_label_seq_id'             
55 5 'Structure model' '_struct_conn.ptnr1_symmetry'                 
56 5 'Structure model' '_struct_conn.ptnr2_auth_comp_id'             
57 5 'Structure model' '_struct_conn.ptnr2_auth_seq_id'              
58 5 'Structure model' '_struct_conn.ptnr2_label_asym_id'            
59 5 'Structure model' '_struct_conn.ptnr2_label_atom_id'            
60 5 'Structure model' '_struct_conn.ptnr2_label_comp_id'            
61 5 'Structure model' '_struct_conn.ptnr2_label_seq_id'             
62 5 'Structure model' '_struct_conn.ptnr2_symmetry'                 
63 6 'Structure model' '_chem_comp.pdbx_synonyms'                    
64 6 'Structure model' '_database_2.pdbx_DOI'                        
65 6 'Structure model' '_database_2.pdbx_database_accession'         
# 
loop_
_software.name 
_software.classification 
_software.version 
_software.citation_id 
_software.pdbx_ordinal 
_software.date 
_software.type 
_software.location 
_software.language 
REFMAC refinement       5.7.0032 ? 1 ? ? ? ? 
MOSFLM 'data reduction' .        ? 2 ? ? ? ? 
SCALA  'data scaling'   .        ? 3 ? ? ? ? 
PHASER phasing          .        ? 4 ? ? ? ? 
# 
_pdbx_entry_details.entry_id                 3ZI8 
_pdbx_entry_details.compound_details         ? 
_pdbx_entry_details.source_details           ? 
_pdbx_entry_details.nonpolymer_details       ? 
_pdbx_entry_details.sequence_details         
;FIRST METHIONINE CLEAVED. THE NUMBERING IS ACCORDING TO
THE MATURE PROTEIN AND IS SHIFTED BY ONE COMPARED TO THE
DEPOSITED ONE
;
_pdbx_entry_details.has_ligand_of_interest   ? 
# 
_pdbx_validate_torsion.id              1 
_pdbx_validate_torsion.PDB_model_num   1 
_pdbx_validate_torsion.auth_comp_id    ASN 
_pdbx_validate_torsion.auth_asym_id    A 
_pdbx_validate_torsion.auth_seq_id     79 
_pdbx_validate_torsion.PDB_ins_code    ? 
_pdbx_validate_torsion.label_alt_id    ? 
_pdbx_validate_torsion.phi             -147.87 
_pdbx_validate_torsion.psi             20.85 
# 
_pdbx_unobs_or_zero_occ_atoms.id               1 
_pdbx_unobs_or_zero_occ_atoms.PDB_model_num    1 
_pdbx_unobs_or_zero_occ_atoms.polymer_flag     N 
_pdbx_unobs_or_zero_occ_atoms.occupancy_flag   1 
_pdbx_unobs_or_zero_occ_atoms.auth_asym_id     A 
_pdbx_unobs_or_zero_occ_atoms.auth_comp_id     FUL 
_pdbx_unobs_or_zero_occ_atoms.auth_seq_id      100 
_pdbx_unobs_or_zero_occ_atoms.PDB_ins_code     ? 
_pdbx_unobs_or_zero_occ_atoms.auth_atom_id     O1 
_pdbx_unobs_or_zero_occ_atoms.label_alt_id     ? 
_pdbx_unobs_or_zero_occ_atoms.label_asym_id    B 
_pdbx_unobs_or_zero_occ_atoms.label_comp_id    FUL 
_pdbx_unobs_or_zero_occ_atoms.label_seq_id     1 
_pdbx_unobs_or_zero_occ_atoms.label_atom_id    O1 
# 
loop_
_chem_comp_atom.comp_id 
_chem_comp_atom.atom_id 
_chem_comp_atom.type_symbol 
_chem_comp_atom.pdbx_aromatic_flag 
_chem_comp_atom.pdbx_stereo_config 
_chem_comp_atom.pdbx_ordinal 
ALA N    N  N N 1   
ALA CA   C  N S 2   
ALA C    C  N N 3   
ALA O    O  N N 4   
ALA CB   C  N N 5   
ALA OXT  O  N N 6   
ALA H    H  N N 7   
ALA H2   H  N N 8   
ALA HA   H  N N 9   
ALA HB1  H  N N 10  
ALA HB2  H  N N 11  
ALA HB3  H  N N 12  
ALA HXT  H  N N 13  
ARG N    N  N N 14  
ARG CA   C  N S 15  
ARG C    C  N N 16  
ARG O    O  N N 17  
ARG CB   C  N N 18  
ARG CG   C  N N 19  
ARG CD   C  N N 20  
ARG NE   N  N N 21  
ARG CZ   C  N N 22  
ARG NH1  N  N N 23  
ARG NH2  N  N N 24  
ARG OXT  O  N N 25  
ARG H    H  N N 26  
ARG H2   H  N N 27  
ARG HA   H  N N 28  
ARG HB2  H  N N 29  
ARG HB3  H  N N 30  
ARG HG2  H  N N 31  
ARG HG3  H  N N 32  
ARG HD2  H  N N 33  
ARG HD3  H  N N 34  
ARG HE   H  N N 35  
ARG HH11 H  N N 36  
ARG HH12 H  N N 37  
ARG HH21 H  N N 38  
ARG HH22 H  N N 39  
ARG HXT  H  N N 40  
ASN N    N  N N 41  
ASN CA   C  N S 42  
ASN C    C  N N 43  
ASN O    O  N N 44  
ASN CB   C  N N 45  
ASN CG   C  N N 46  
ASN OD1  O  N N 47  
ASN ND2  N  N N 48  
ASN OXT  O  N N 49  
ASN H    H  N N 50  
ASN H2   H  N N 51  
ASN HA   H  N N 52  
ASN HB2  H  N N 53  
ASN HB3  H  N N 54  
ASN HD21 H  N N 55  
ASN HD22 H  N N 56  
ASN HXT  H  N N 57  
ASP N    N  N N 58  
ASP CA   C  N S 59  
ASP C    C  N N 60  
ASP O    O  N N 61  
ASP CB   C  N N 62  
ASP CG   C  N N 63  
ASP OD1  O  N N 64  
ASP OD2  O  N N 65  
ASP OXT  O  N N 66  
ASP H    H  N N 67  
ASP H2   H  N N 68  
ASP HA   H  N N 69  
ASP HB2  H  N N 70  
ASP HB3  H  N N 71  
ASP HD2  H  N N 72  
ASP HXT  H  N N 73  
CYS N    N  N N 74  
CYS CA   C  N R 75  
CYS C    C  N N 76  
CYS O    O  N N 77  
CYS CB   C  N N 78  
CYS SG   S  N N 79  
CYS OXT  O  N N 80  
CYS H    H  N N 81  
CYS H2   H  N N 82  
CYS HA   H  N N 83  
CYS HB2  H  N N 84  
CYS HB3  H  N N 85  
CYS HG   H  N N 86  
CYS HXT  H  N N 87  
FUL C1   C  N S 88  
FUL C2   C  N S 89  
FUL O2   O  N N 90  
FUL C3   C  N R 91  
FUL O3   O  N N 92  
FUL C4   C  N S 93  
FUL O4   O  N N 94  
FUL C5   C  N S 95  
FUL C6   C  N N 96  
FUL O5   O  N N 97  
FUL O1   O  N N 98  
FUL H1   H  N N 99  
FUL H2   H  N N 100 
FUL HO2  H  N N 101 
FUL H3   H  N N 102 
FUL HO3  H  N N 103 
FUL H4   H  N N 104 
FUL HO4  H  N N 105 
FUL H5   H  N N 106 
FUL H61  H  N N 107 
FUL H62  H  N N 108 
FUL H63  H  N N 109 
FUL HO1  H  N N 110 
GLN N    N  N N 111 
GLN CA   C  N S 112 
GLN C    C  N N 113 
GLN O    O  N N 114 
GLN CB   C  N N 115 
GLN CG   C  N N 116 
GLN CD   C  N N 117 
GLN OE1  O  N N 118 
GLN NE2  N  N N 119 
GLN OXT  O  N N 120 
GLN H    H  N N 121 
GLN H2   H  N N 122 
GLN HA   H  N N 123 
GLN HB2  H  N N 124 
GLN HB3  H  N N 125 
GLN HG2  H  N N 126 
GLN HG3  H  N N 127 
GLN HE21 H  N N 128 
GLN HE22 H  N N 129 
GLN HXT  H  N N 130 
GLU N    N  N N 131 
GLU CA   C  N S 132 
GLU C    C  N N 133 
GLU O    O  N N 134 
GLU CB   C  N N 135 
GLU CG   C  N N 136 
GLU CD   C  N N 137 
GLU OE1  O  N N 138 
GLU OE2  O  N N 139 
GLU OXT  O  N N 140 
GLU H    H  N N 141 
GLU H2   H  N N 142 
GLU HA   H  N N 143 
GLU HB2  H  N N 144 
GLU HB3  H  N N 145 
GLU HG2  H  N N 146 
GLU HG3  H  N N 147 
GLU HE2  H  N N 148 
GLU HXT  H  N N 149 
GLY N    N  N N 150 
GLY CA   C  N N 151 
GLY C    C  N N 152 
GLY O    O  N N 153 
GLY OXT  O  N N 154 
GLY H    H  N N 155 
GLY H2   H  N N 156 
GLY HA2  H  N N 157 
GLY HA3  H  N N 158 
GLY HXT  H  N N 159 
HIS N    N  N N 160 
HIS CA   C  N S 161 
HIS C    C  N N 162 
HIS O    O  N N 163 
HIS CB   C  N N 164 
HIS CG   C  Y N 165 
HIS ND1  N  Y N 166 
HIS CD2  C  Y N 167 
HIS CE1  C  Y N 168 
HIS NE2  N  Y N 169 
HIS OXT  O  N N 170 
HIS H    H  N N 171 
HIS H2   H  N N 172 
HIS HA   H  N N 173 
HIS HB2  H  N N 174 
HIS HB3  H  N N 175 
HIS HD1  H  N N 176 
HIS HD2  H  N N 177 
HIS HE1  H  N N 178 
HIS HE2  H  N N 179 
HIS HXT  H  N N 180 
HOH O    O  N N 181 
HOH H1   H  N N 182 
HOH H2   H  N N 183 
ILE N    N  N N 184 
ILE CA   C  N S 185 
ILE C    C  N N 186 
ILE O    O  N N 187 
ILE CB   C  N S 188 
ILE CG1  C  N N 189 
ILE CG2  C  N N 190 
ILE CD1  C  N N 191 
ILE OXT  O  N N 192 
ILE H    H  N N 193 
ILE H2   H  N N 194 
ILE HA   H  N N 195 
ILE HB   H  N N 196 
ILE HG12 H  N N 197 
ILE HG13 H  N N 198 
ILE HG21 H  N N 199 
ILE HG22 H  N N 200 
ILE HG23 H  N N 201 
ILE HD11 H  N N 202 
ILE HD12 H  N N 203 
ILE HD13 H  N N 204 
ILE HXT  H  N N 205 
LEU N    N  N N 206 
LEU CA   C  N S 207 
LEU C    C  N N 208 
LEU O    O  N N 209 
LEU CB   C  N N 210 
LEU CG   C  N N 211 
LEU CD1  C  N N 212 
LEU CD2  C  N N 213 
LEU OXT  O  N N 214 
LEU H    H  N N 215 
LEU H2   H  N N 216 
LEU HA   H  N N 217 
LEU HB2  H  N N 218 
LEU HB3  H  N N 219 
LEU HG   H  N N 220 
LEU HD11 H  N N 221 
LEU HD12 H  N N 222 
LEU HD13 H  N N 223 
LEU HD21 H  N N 224 
LEU HD22 H  N N 225 
LEU HD23 H  N N 226 
LEU HXT  H  N N 227 
LYS N    N  N N 228 
LYS CA   C  N S 229 
LYS C    C  N N 230 
LYS O    O  N N 231 
LYS CB   C  N N 232 
LYS CG   C  N N 233 
LYS CD   C  N N 234 
LYS CE   C  N N 235 
LYS NZ   N  N N 236 
LYS OXT  O  N N 237 
LYS H    H  N N 238 
LYS H2   H  N N 239 
LYS HA   H  N N 240 
LYS HB2  H  N N 241 
LYS HB3  H  N N 242 
LYS HG2  H  N N 243 
LYS HG3  H  N N 244 
LYS HD2  H  N N 245 
LYS HD3  H  N N 246 
LYS HE2  H  N N 247 
LYS HE3  H  N N 248 
LYS HZ1  H  N N 249 
LYS HZ2  H  N N 250 
LYS HZ3  H  N N 251 
LYS HXT  H  N N 252 
MG  MG   MG N N 253 
MRD C1   C  N N 254 
MRD C2   C  N N 255 
MRD O2   O  N N 256 
MRD CM   C  N N 257 
MRD C3   C  N N 258 
MRD C4   C  N R 259 
MRD O4   O  N N 260 
MRD C5   C  N N 261 
MRD H1C1 H  N N 262 
MRD H1C2 H  N N 263 
MRD H1C3 H  N N 264 
MRD H2   H  N N 265 
MRD HMC1 H  N N 266 
MRD HMC2 H  N N 267 
MRD HMC3 H  N N 268 
MRD H3C1 H  N N 269 
MRD H3C2 H  N N 270 
MRD H4   H  N N 271 
MRD HA   H  N N 272 
MRD H5C1 H  N N 273 
MRD H5C2 H  N N 274 
MRD H5C3 H  N N 275 
PHE N    N  N N 276 
PHE CA   C  N S 277 
PHE C    C  N N 278 
PHE O    O  N N 279 
PHE CB   C  N N 280 
PHE CG   C  Y N 281 
PHE CD1  C  Y N 282 
PHE CD2  C  Y N 283 
PHE CE1  C  Y N 284 
PHE CE2  C  Y N 285 
PHE CZ   C  Y N 286 
PHE OXT  O  N N 287 
PHE H    H  N N 288 
PHE H2   H  N N 289 
PHE HA   H  N N 290 
PHE HB2  H  N N 291 
PHE HB3  H  N N 292 
PHE HD1  H  N N 293 
PHE HD2  H  N N 294 
PHE HE1  H  N N 295 
PHE HE2  H  N N 296 
PHE HZ   H  N N 297 
PHE HXT  H  N N 298 
PRO N    N  N N 299 
PRO CA   C  N S 300 
PRO C    C  N N 301 
PRO O    O  N N 302 
PRO CB   C  N N 303 
PRO CG   C  N N 304 
PRO CD   C  N N 305 
PRO OXT  O  N N 306 
PRO H    H  N N 307 
PRO HA   H  N N 308 
PRO HB2  H  N N 309 
PRO HB3  H  N N 310 
PRO HG2  H  N N 311 
PRO HG3  H  N N 312 
PRO HD2  H  N N 313 
PRO HD3  H  N N 314 
PRO HXT  H  N N 315 
SER N    N  N N 316 
SER CA   C  N S 317 
SER C    C  N N 318 
SER O    O  N N 319 
SER CB   C  N N 320 
SER OG   O  N N 321 
SER OXT  O  N N 322 
SER H    H  N N 323 
SER H2   H  N N 324 
SER HA   H  N N 325 
SER HB2  H  N N 326 
SER HB3  H  N N 327 
SER HG   H  N N 328 
SER HXT  H  N N 329 
THR N    N  N N 330 
THR CA   C  N S 331 
THR C    C  N N 332 
THR O    O  N N 333 
THR CB   C  N R 334 
THR OG1  O  N N 335 
THR CG2  C  N N 336 
THR OXT  O  N N 337 
THR H    H  N N 338 
THR H2   H  N N 339 
THR HA   H  N N 340 
THR HB   H  N N 341 
THR HG1  H  N N 342 
THR HG21 H  N N 343 
THR HG22 H  N N 344 
THR HG23 H  N N 345 
THR HXT  H  N N 346 
TRP N    N  N N 347 
TRP CA   C  N S 348 
TRP C    C  N N 349 
TRP O    O  N N 350 
TRP CB   C  N N 351 
TRP CG   C  Y N 352 
TRP CD1  C  Y N 353 
TRP CD2  C  Y N 354 
TRP NE1  N  Y N 355 
TRP CE2  C  Y N 356 
TRP CE3  C  Y N 357 
TRP CZ2  C  Y N 358 
TRP CZ3  C  Y N 359 
TRP CH2  C  Y N 360 
TRP OXT  O  N N 361 
TRP H    H  N N 362 
TRP H2   H  N N 363 
TRP HA   H  N N 364 
TRP HB2  H  N N 365 
TRP HB3  H  N N 366 
TRP HD1  H  N N 367 
TRP HE1  H  N N 368 
TRP HE3  H  N N 369 
TRP HZ2  H  N N 370 
TRP HZ3  H  N N 371 
TRP HH2  H  N N 372 
TRP HXT  H  N N 373 
TYR N    N  N N 374 
TYR CA   C  N S 375 
TYR C    C  N N 376 
TYR O    O  N N 377 
TYR CB   C  N N 378 
TYR CG   C  Y N 379 
TYR CD1  C  Y N 380 
TYR CD2  C  Y N 381 
TYR CE1  C  Y N 382 
TYR CE2  C  Y N 383 
TYR CZ   C  Y N 384 
TYR OH   O  N N 385 
TYR OXT  O  N N 386 
TYR H    H  N N 387 
TYR H2   H  N N 388 
TYR HA   H  N N 389 
TYR HB2  H  N N 390 
TYR HB3  H  N N 391 
TYR HD1  H  N N 392 
TYR HD2  H  N N 393 
TYR HE1  H  N N 394 
TYR HE2  H  N N 395 
TYR HH   H  N N 396 
TYR HXT  H  N N 397 
VAL N    N  N N 398 
VAL CA   C  N S 399 
VAL C    C  N N 400 
VAL O    O  N N 401 
VAL CB   C  N N 402 
VAL CG1  C  N N 403 
VAL CG2  C  N N 404 
VAL OXT  O  N N 405 
VAL H    H  N N 406 
VAL H2   H  N N 407 
VAL HA   H  N N 408 
VAL HB   H  N N 409 
VAL HG11 H  N N 410 
VAL HG12 H  N N 411 
VAL HG13 H  N N 412 
VAL HG21 H  N N 413 
VAL HG22 H  N N 414 
VAL HG23 H  N N 415 
VAL HXT  H  N N 416 
# 
loop_
_chem_comp_bond.comp_id 
_chem_comp_bond.atom_id_1 
_chem_comp_bond.atom_id_2 
_chem_comp_bond.value_order 
_chem_comp_bond.pdbx_aromatic_flag 
_chem_comp_bond.pdbx_stereo_config 
_chem_comp_bond.pdbx_ordinal 
ALA N   CA   sing N N 1   
ALA N   H    sing N N 2   
ALA N   H2   sing N N 3   
ALA CA  C    sing N N 4   
ALA CA  CB   sing N N 5   
ALA CA  HA   sing N N 6   
ALA C   O    doub N N 7   
ALA C   OXT  sing N N 8   
ALA CB  HB1  sing N N 9   
ALA CB  HB2  sing N N 10  
ALA CB  HB3  sing N N 11  
ALA OXT HXT  sing N N 12  
ARG N   CA   sing N N 13  
ARG N   H    sing N N 14  
ARG N   H2   sing N N 15  
ARG CA  C    sing N N 16  
ARG CA  CB   sing N N 17  
ARG CA  HA   sing N N 18  
ARG C   O    doub N N 19  
ARG C   OXT  sing N N 20  
ARG CB  CG   sing N N 21  
ARG CB  HB2  sing N N 22  
ARG CB  HB3  sing N N 23  
ARG CG  CD   sing N N 24  
ARG CG  HG2  sing N N 25  
ARG CG  HG3  sing N N 26  
ARG CD  NE   sing N N 27  
ARG CD  HD2  sing N N 28  
ARG CD  HD3  sing N N 29  
ARG NE  CZ   sing N N 30  
ARG NE  HE   sing N N 31  
ARG CZ  NH1  sing N N 32  
ARG CZ  NH2  doub N N 33  
ARG NH1 HH11 sing N N 34  
ARG NH1 HH12 sing N N 35  
ARG NH2 HH21 sing N N 36  
ARG NH2 HH22 sing N N 37  
ARG OXT HXT  sing N N 38  
ASN N   CA   sing N N 39  
ASN N   H    sing N N 40  
ASN N   H2   sing N N 41  
ASN CA  C    sing N N 42  
ASN CA  CB   sing N N 43  
ASN CA  HA   sing N N 44  
ASN C   O    doub N N 45  
ASN C   OXT  sing N N 46  
ASN CB  CG   sing N N 47  
ASN CB  HB2  sing N N 48  
ASN CB  HB3  sing N N 49  
ASN CG  OD1  doub N N 50  
ASN CG  ND2  sing N N 51  
ASN ND2 HD21 sing N N 52  
ASN ND2 HD22 sing N N 53  
ASN OXT HXT  sing N N 54  
ASP N   CA   sing N N 55  
ASP N   H    sing N N 56  
ASP N   H2   sing N N 57  
ASP CA  C    sing N N 58  
ASP CA  CB   sing N N 59  
ASP CA  HA   sing N N 60  
ASP C   O    doub N N 61  
ASP C   OXT  sing N N 62  
ASP CB  CG   sing N N 63  
ASP CB  HB2  sing N N 64  
ASP CB  HB3  sing N N 65  
ASP CG  OD1  doub N N 66  
ASP CG  OD2  sing N N 67  
ASP OD2 HD2  sing N N 68  
ASP OXT HXT  sing N N 69  
CYS N   CA   sing N N 70  
CYS N   H    sing N N 71  
CYS N   H2   sing N N 72  
CYS CA  C    sing N N 73  
CYS CA  CB   sing N N 74  
CYS CA  HA   sing N N 75  
CYS C   O    doub N N 76  
CYS C   OXT  sing N N 77  
CYS CB  SG   sing N N 78  
CYS CB  HB2  sing N N 79  
CYS CB  HB3  sing N N 80  
CYS SG  HG   sing N N 81  
CYS OXT HXT  sing N N 82  
FUL C1  C2   sing N N 83  
FUL C1  O5   sing N N 84  
FUL C1  O1   sing N N 85  
FUL C1  H1   sing N N 86  
FUL C2  O2   sing N N 87  
FUL C2  C3   sing N N 88  
FUL C2  H2   sing N N 89  
FUL O2  HO2  sing N N 90  
FUL C3  O3   sing N N 91  
FUL C3  C4   sing N N 92  
FUL C3  H3   sing N N 93  
FUL O3  HO3  sing N N 94  
FUL C4  O4   sing N N 95  
FUL C4  C5   sing N N 96  
FUL C4  H4   sing N N 97  
FUL O4  HO4  sing N N 98  
FUL C5  C6   sing N N 99  
FUL C5  O5   sing N N 100 
FUL C5  H5   sing N N 101 
FUL C6  H61  sing N N 102 
FUL C6  H62  sing N N 103 
FUL C6  H63  sing N N 104 
FUL O1  HO1  sing N N 105 
GLN N   CA   sing N N 106 
GLN N   H    sing N N 107 
GLN N   H2   sing N N 108 
GLN CA  C    sing N N 109 
GLN CA  CB   sing N N 110 
GLN CA  HA   sing N N 111 
GLN C   O    doub N N 112 
GLN C   OXT  sing N N 113 
GLN CB  CG   sing N N 114 
GLN CB  HB2  sing N N 115 
GLN CB  HB3  sing N N 116 
GLN CG  CD   sing N N 117 
GLN CG  HG2  sing N N 118 
GLN CG  HG3  sing N N 119 
GLN CD  OE1  doub N N 120 
GLN CD  NE2  sing N N 121 
GLN NE2 HE21 sing N N 122 
GLN NE2 HE22 sing N N 123 
GLN OXT HXT  sing N N 124 
GLU N   CA   sing N N 125 
GLU N   H    sing N N 126 
GLU N   H2   sing N N 127 
GLU CA  C    sing N N 128 
GLU CA  CB   sing N N 129 
GLU CA  HA   sing N N 130 
GLU C   O    doub N N 131 
GLU C   OXT  sing N N 132 
GLU CB  CG   sing N N 133 
GLU CB  HB2  sing N N 134 
GLU CB  HB3  sing N N 135 
GLU CG  CD   sing N N 136 
GLU CG  HG2  sing N N 137 
GLU CG  HG3  sing N N 138 
GLU CD  OE1  doub N N 139 
GLU CD  OE2  sing N N 140 
GLU OE2 HE2  sing N N 141 
GLU OXT HXT  sing N N 142 
GLY N   CA   sing N N 143 
GLY N   H    sing N N 144 
GLY N   H2   sing N N 145 
GLY CA  C    sing N N 146 
GLY CA  HA2  sing N N 147 
GLY CA  HA3  sing N N 148 
GLY C   O    doub N N 149 
GLY C   OXT  sing N N 150 
GLY OXT HXT  sing N N 151 
HIS N   CA   sing N N 152 
HIS N   H    sing N N 153 
HIS N   H2   sing N N 154 
HIS CA  C    sing N N 155 
HIS CA  CB   sing N N 156 
HIS CA  HA   sing N N 157 
HIS C   O    doub N N 158 
HIS C   OXT  sing N N 159 
HIS CB  CG   sing N N 160 
HIS CB  HB2  sing N N 161 
HIS CB  HB3  sing N N 162 
HIS CG  ND1  sing Y N 163 
HIS CG  CD2  doub Y N 164 
HIS ND1 CE1  doub Y N 165 
HIS ND1 HD1  sing N N 166 
HIS CD2 NE2  sing Y N 167 
HIS CD2 HD2  sing N N 168 
HIS CE1 NE2  sing Y N 169 
HIS CE1 HE1  sing N N 170 
HIS NE2 HE2  sing N N 171 
HIS OXT HXT  sing N N 172 
HOH O   H1   sing N N 173 
HOH O   H2   sing N N 174 
ILE N   CA   sing N N 175 
ILE N   H    sing N N 176 
ILE N   H2   sing N N 177 
ILE CA  C    sing N N 178 
ILE CA  CB   sing N N 179 
ILE CA  HA   sing N N 180 
ILE C   O    doub N N 181 
ILE C   OXT  sing N N 182 
ILE CB  CG1  sing N N 183 
ILE CB  CG2  sing N N 184 
ILE CB  HB   sing N N 185 
ILE CG1 CD1  sing N N 186 
ILE CG1 HG12 sing N N 187 
ILE CG1 HG13 sing N N 188 
ILE CG2 HG21 sing N N 189 
ILE CG2 HG22 sing N N 190 
ILE CG2 HG23 sing N N 191 
ILE CD1 HD11 sing N N 192 
ILE CD1 HD12 sing N N 193 
ILE CD1 HD13 sing N N 194 
ILE OXT HXT  sing N N 195 
LEU N   CA   sing N N 196 
LEU N   H    sing N N 197 
LEU N   H2   sing N N 198 
LEU CA  C    sing N N 199 
LEU CA  CB   sing N N 200 
LEU CA  HA   sing N N 201 
LEU C   O    doub N N 202 
LEU C   OXT  sing N N 203 
LEU CB  CG   sing N N 204 
LEU CB  HB2  sing N N 205 
LEU CB  HB3  sing N N 206 
LEU CG  CD1  sing N N 207 
LEU CG  CD2  sing N N 208 
LEU CG  HG   sing N N 209 
LEU CD1 HD11 sing N N 210 
LEU CD1 HD12 sing N N 211 
LEU CD1 HD13 sing N N 212 
LEU CD2 HD21 sing N N 213 
LEU CD2 HD22 sing N N 214 
LEU CD2 HD23 sing N N 215 
LEU OXT HXT  sing N N 216 
LYS N   CA   sing N N 217 
LYS N   H    sing N N 218 
LYS N   H2   sing N N 219 
LYS CA  C    sing N N 220 
LYS CA  CB   sing N N 221 
LYS CA  HA   sing N N 222 
LYS C   O    doub N N 223 
LYS C   OXT  sing N N 224 
LYS CB  CG   sing N N 225 
LYS CB  HB2  sing N N 226 
LYS CB  HB3  sing N N 227 
LYS CG  CD   sing N N 228 
LYS CG  HG2  sing N N 229 
LYS CG  HG3  sing N N 230 
LYS CD  CE   sing N N 231 
LYS CD  HD2  sing N N 232 
LYS CD  HD3  sing N N 233 
LYS CE  NZ   sing N N 234 
LYS CE  HE2  sing N N 235 
LYS CE  HE3  sing N N 236 
LYS NZ  HZ1  sing N N 237 
LYS NZ  HZ2  sing N N 238 
LYS NZ  HZ3  sing N N 239 
LYS OXT HXT  sing N N 240 
MRD C1  C2   sing N N 241 
MRD C1  H1C1 sing N N 242 
MRD C1  H1C2 sing N N 243 
MRD C1  H1C3 sing N N 244 
MRD C2  O2   sing N N 245 
MRD C2  CM   sing N N 246 
MRD C2  C3   sing N N 247 
MRD O2  H2   sing N N 248 
MRD CM  HMC1 sing N N 249 
MRD CM  HMC2 sing N N 250 
MRD CM  HMC3 sing N N 251 
MRD C3  C4   sing N N 252 
MRD C3  H3C1 sing N N 253 
MRD C3  H3C2 sing N N 254 
MRD C4  O4   sing N N 255 
MRD C4  C5   sing N N 256 
MRD C4  H4   sing N N 257 
MRD O4  HA   sing N N 258 
MRD C5  H5C1 sing N N 259 
MRD C5  H5C2 sing N N 260 
MRD C5  H5C3 sing N N 261 
PHE N   CA   sing N N 262 
PHE N   H    sing N N 263 
PHE N   H2   sing N N 264 
PHE CA  C    sing N N 265 
PHE CA  CB   sing N N 266 
PHE CA  HA   sing N N 267 
PHE C   O    doub N N 268 
PHE C   OXT  sing N N 269 
PHE CB  CG   sing N N 270 
PHE CB  HB2  sing N N 271 
PHE CB  HB3  sing N N 272 
PHE CG  CD1  doub Y N 273 
PHE CG  CD2  sing Y N 274 
PHE CD1 CE1  sing Y N 275 
PHE CD1 HD1  sing N N 276 
PHE CD2 CE2  doub Y N 277 
PHE CD2 HD2  sing N N 278 
PHE CE1 CZ   doub Y N 279 
PHE CE1 HE1  sing N N 280 
PHE CE2 CZ   sing Y N 281 
PHE CE2 HE2  sing N N 282 
PHE CZ  HZ   sing N N 283 
PHE OXT HXT  sing N N 284 
PRO N   CA   sing N N 285 
PRO N   CD   sing N N 286 
PRO N   H    sing N N 287 
PRO CA  C    sing N N 288 
PRO CA  CB   sing N N 289 
PRO CA  HA   sing N N 290 
PRO C   O    doub N N 291 
PRO C   OXT  sing N N 292 
PRO CB  CG   sing N N 293 
PRO CB  HB2  sing N N 294 
PRO CB  HB3  sing N N 295 
PRO CG  CD   sing N N 296 
PRO CG  HG2  sing N N 297 
PRO CG  HG3  sing N N 298 
PRO CD  HD2  sing N N 299 
PRO CD  HD3  sing N N 300 
PRO OXT HXT  sing N N 301 
SER N   CA   sing N N 302 
SER N   H    sing N N 303 
SER N   H2   sing N N 304 
SER CA  C    sing N N 305 
SER CA  CB   sing N N 306 
SER CA  HA   sing N N 307 
SER C   O    doub N N 308 
SER C   OXT  sing N N 309 
SER CB  OG   sing N N 310 
SER CB  HB2  sing N N 311 
SER CB  HB3  sing N N 312 
SER OG  HG   sing N N 313 
SER OXT HXT  sing N N 314 
THR N   CA   sing N N 315 
THR N   H    sing N N 316 
THR N   H2   sing N N 317 
THR CA  C    sing N N 318 
THR CA  CB   sing N N 319 
THR CA  HA   sing N N 320 
THR C   O    doub N N 321 
THR C   OXT  sing N N 322 
THR CB  OG1  sing N N 323 
THR CB  CG2  sing N N 324 
THR CB  HB   sing N N 325 
THR OG1 HG1  sing N N 326 
THR CG2 HG21 sing N N 327 
THR CG2 HG22 sing N N 328 
THR CG2 HG23 sing N N 329 
THR OXT HXT  sing N N 330 
TRP N   CA   sing N N 331 
TRP N   H    sing N N 332 
TRP N   H2   sing N N 333 
TRP CA  C    sing N N 334 
TRP CA  CB   sing N N 335 
TRP CA  HA   sing N N 336 
TRP C   O    doub N N 337 
TRP C   OXT  sing N N 338 
TRP CB  CG   sing N N 339 
TRP CB  HB2  sing N N 340 
TRP CB  HB3  sing N N 341 
TRP CG  CD1  doub Y N 342 
TRP CG  CD2  sing Y N 343 
TRP CD1 NE1  sing Y N 344 
TRP CD1 HD1  sing N N 345 
TRP CD2 CE2  doub Y N 346 
TRP CD2 CE3  sing Y N 347 
TRP NE1 CE2  sing Y N 348 
TRP NE1 HE1  sing N N 349 
TRP CE2 CZ2  sing Y N 350 
TRP CE3 CZ3  doub Y N 351 
TRP CE3 HE3  sing N N 352 
TRP CZ2 CH2  doub Y N 353 
TRP CZ2 HZ2  sing N N 354 
TRP CZ3 CH2  sing Y N 355 
TRP CZ3 HZ3  sing N N 356 
TRP CH2 HH2  sing N N 357 
TRP OXT HXT  sing N N 358 
TYR N   CA   sing N N 359 
TYR N   H    sing N N 360 
TYR N   H2   sing N N 361 
TYR CA  C    sing N N 362 
TYR CA  CB   sing N N 363 
TYR CA  HA   sing N N 364 
TYR C   O    doub N N 365 
TYR C   OXT  sing N N 366 
TYR CB  CG   sing N N 367 
TYR CB  HB2  sing N N 368 
TYR CB  HB3  sing N N 369 
TYR CG  CD1  doub Y N 370 
TYR CG  CD2  sing Y N 371 
TYR CD1 CE1  sing Y N 372 
TYR CD1 HD1  sing N N 373 
TYR CD2 CE2  doub Y N 374 
TYR CD2 HD2  sing N N 375 
TYR CE1 CZ   doub Y N 376 
TYR CE1 HE1  sing N N 377 
TYR CE2 CZ   sing Y N 378 
TYR CE2 HE2  sing N N 379 
TYR CZ  OH   sing N N 380 
TYR OH  HH   sing N N 381 
TYR OXT HXT  sing N N 382 
VAL N   CA   sing N N 383 
VAL N   H    sing N N 384 
VAL N   H2   sing N N 385 
VAL CA  C    sing N N 386 
VAL CA  CB   sing N N 387 
VAL CA  HA   sing N N 388 
VAL C   O    doub N N 389 
VAL C   OXT  sing N N 390 
VAL CB  CG1  sing N N 391 
VAL CB  CG2  sing N N 392 
VAL CB  HB   sing N N 393 
VAL CG1 HG11 sing N N 394 
VAL CG1 HG12 sing N N 395 
VAL CG1 HG13 sing N N 396 
VAL CG2 HG21 sing N N 397 
VAL CG2 HG22 sing N N 398 
VAL CG2 HG23 sing N N 399 
VAL OXT HXT  sing N N 400 
# 
loop_
_pdbx_chem_comp_identifier.comp_id 
_pdbx_chem_comp_identifier.type 
_pdbx_chem_comp_identifier.program 
_pdbx_chem_comp_identifier.program_version 
_pdbx_chem_comp_identifier.identifier 
FUL 'CONDENSED IUPAC CARBOHYDRATE SYMBOL' GMML     1.0 LFucpb           
FUL 'COMMON NAME'                         GMML     1.0 b-L-fucopyranose 
FUL 'IUPAC CARBOHYDRATE SYMBOL'           PDB-CARE 1.0 b-L-Fucp         
FUL 'SNFG CARBOHYDRATE SYMBOL'            GMML     1.0 Fuc              
# 
loop_
_pdbx_entity_nonpoly.entity_id 
_pdbx_entity_nonpoly.name 
_pdbx_entity_nonpoly.comp_id 
2 beta-L-fucopyranose             FUL 
3 'MAGNESIUM ION'                 MG  
4 '(4R)-2-METHYLPENTANE-2,4-DIOL' MRD 
5 water                           HOH 
# 
_pdbx_initial_refinement_model.id               1 
_pdbx_initial_refinement_model.entity_id_list   ? 
_pdbx_initial_refinement_model.type             'experimental model' 
_pdbx_initial_refinement_model.source_name      PDB 
_pdbx_initial_refinement_model.accession_code   2BT9 
_pdbx_initial_refinement_model.details          'PDB ENTRY 2BT9' 
# 
